data_5SJO
#
_entry.id   5SJO
#
_cell.length_a   135.150
_cell.length_b   135.150
_cell.length_c   234.920
_cell.angle_alpha   90.000
_cell.angle_beta   90.000
_cell.angle_gamma   120.000
#
_symmetry.space_group_name_H-M   'H 3'
#
loop_
_entity.id
_entity.type
_entity.pdbx_description
1 polymer "cAMP and cAMP-inhibited cGMP 3',5'-cyclic phosphodiesterase 10A"
2 non-polymer 'ZINC ION'
3 non-polymer 'MAGNESIUM ION'
4 non-polymer 'CHLORIDE ION'
5 non-polymer 3-[1-(2,4-difluorophenyl)-1H-pyrazol-5-yl]-1-[3-(trifluoromethoxy)phenyl]pyridazin-4(1H)-one
6 non-polymer 'PRASEODYMIUM ION'
7 non-polymer GLYCEROL
8 water water
#
_entity_poly.entity_id   1
_entity_poly.type   'polypeptide(L)'
_entity_poly.pdbx_seq_one_letter_code
;GSSICTSEEWQGLMQFTLPVRLCKEIELFHFDIGPFENMWPGIFVYMVHRSCGTSCFELEKL(CME)RFIMSVKKNYRRV
PYHNWKHAVTVAHCMYAILQNNHTLFTDLERKGLLIACLCHDLDHRGFSNSYLQKFDHPLAALYSTSTMEQHHFSQTVSI
LQLEGHNIFSTLSSSEYEQVLEIIRKAIIATDLALYFGNRKQLEEMYQTGSLNLNNQSHRDRVIGLMMTACDLCSVTKLW
PVTKLTANDIYAEFWAEGDEMKKLGIQPIPMMDRDKKDEVPQGQLGFYNAVAIPCYTTLTQILPPTEPLLKACRDNLSQW
EKVIRGEETATWISSPSVAQKAAASED
;
_entity_poly.pdbx_strand_id   A,B,C,D
#
loop_
_chem_comp.id
_chem_comp.type
_chem_comp.name
_chem_comp.formula
CL non-polymer 'CHLORIDE ION' 'Cl -1'
GOL non-polymer GLYCEROL 'C3 H8 O3'
K79 non-polymer 3-[1-(2,4-difluorophenyl)-1H-pyrazol-5-yl]-1-[3-(trifluoromethoxy)phenyl]pyridazin-4(1H)-one 'C20 H11 F5 N4 O2'
MG non-polymer 'MAGNESIUM ION' 'Mg 2'
PR non-polymer 'PRASEODYMIUM ION' 'Pr 3'
ZN non-polymer 'ZINC ION' 'Zn 2'
#
# COMPACT_ATOMS: atom_id res chain seq x y z
N GLY A 12 -41.69 25.31 1.98
CA GLY A 12 -42.23 24.97 0.63
C GLY A 12 -41.47 25.64 -0.53
N LEU A 13 -40.81 26.78 -0.27
CA LEU A 13 -40.17 27.65 -1.31
C LEU A 13 -38.71 27.24 -1.57
N MET A 14 -38.33 26.00 -1.25
CA MET A 14 -36.97 25.46 -1.50
C MET A 14 -37.03 24.54 -2.73
N GLN A 15 -36.59 25.06 -3.88
CA GLN A 15 -36.30 24.29 -5.11
C GLN A 15 -34.87 23.78 -5.05
N PHE A 16 -34.63 22.58 -5.57
CA PHE A 16 -33.29 22.17 -6.02
C PHE A 16 -33.07 22.84 -7.37
N THR A 17 -31.86 23.31 -7.62
CA THR A 17 -31.43 23.91 -8.91
C THR A 17 -30.15 23.20 -9.34
N LEU A 18 -30.04 22.87 -10.62
CA LEU A 18 -28.83 22.21 -11.15
C LEU A 18 -28.01 23.28 -11.86
N PRO A 19 -26.68 23.11 -11.96
CA PRO A 19 -25.91 23.90 -12.90
C PRO A 19 -26.54 23.91 -14.30
N VAL A 20 -26.28 24.96 -15.04
CA VAL A 20 -26.91 25.22 -16.35
C VAL A 20 -26.80 23.95 -17.23
N ARG A 21 -25.61 23.38 -17.46
CA ARG A 21 -25.49 22.23 -18.40
C ARG A 21 -26.41 21.09 -17.96
N LEU A 22 -26.52 20.78 -16.67
CA LEU A 22 -27.38 19.68 -16.18
C LEU A 22 -28.85 20.07 -16.32
N CYS A 23 -29.16 21.31 -15.97
CA CYS A 23 -30.53 21.87 -16.03
C CYS A 23 -31.14 21.63 -17.42
N LYS A 24 -30.37 21.83 -18.48
CA LYS A 24 -30.79 21.63 -19.89
C LYS A 24 -30.71 20.15 -20.30
N GLU A 25 -29.60 19.49 -20.02
CA GLU A 25 -29.34 18.12 -20.55
C GLU A 25 -30.22 17.11 -19.79
N ILE A 26 -30.62 17.38 -18.55
CA ILE A 26 -31.44 16.40 -17.76
C ILE A 26 -32.80 16.16 -18.44
N GLU A 27 -33.25 17.06 -19.31
CA GLU A 27 -34.57 17.01 -19.97
C GLU A 27 -34.51 16.04 -21.15
N LEU A 28 -33.31 15.70 -21.61
CA LEU A 28 -33.09 14.85 -22.81
C LEU A 28 -32.94 13.39 -22.38
N PHE A 29 -33.40 12.47 -23.23
CA PHE A 29 -33.48 11.04 -22.93
C PHE A 29 -32.06 10.52 -22.70
N HIS A 30 -31.05 11.00 -23.43
CA HIS A 30 -29.68 10.42 -23.42
C HIS A 30 -28.82 11.01 -22.29
N PHE A 31 -29.38 11.82 -21.41
CA PHE A 31 -28.64 12.37 -20.23
C PHE A 31 -27.95 11.25 -19.44
N ASP A 32 -26.70 11.48 -19.07
CA ASP A 32 -25.87 10.64 -18.16
C ASP A 32 -25.75 11.42 -16.84
N ILE A 33 -26.03 10.79 -15.70
CA ILE A 33 -26.14 11.51 -14.40
C ILE A 33 -24.74 11.87 -13.86
N GLY A 34 -23.67 11.37 -14.48
CA GLY A 34 -22.30 11.80 -14.15
C GLY A 34 -21.67 10.96 -13.04
N PRO A 35 -20.35 11.11 -12.81
CA PRO A 35 -19.61 10.31 -11.84
C PRO A 35 -19.57 10.86 -10.40
N PHE A 36 -20.32 11.92 -10.10
CA PHE A 36 -20.39 12.54 -8.75
C PHE A 36 -21.60 11.98 -7.99
N GLU A 37 -21.42 10.84 -7.32
CA GLU A 37 -22.41 10.14 -6.45
C GLU A 37 -23.23 11.11 -5.61
N ASN A 38 -22.60 12.16 -5.06
CA ASN A 38 -23.24 13.04 -4.05
C ASN A 38 -24.23 13.98 -4.74
N MET A 39 -24.19 14.09 -6.07
CA MET A 39 -25.21 14.88 -6.80
C MET A 39 -26.45 14.03 -7.10
N TRP A 40 -26.40 12.69 -7.04
CA TRP A 40 -27.52 11.85 -7.57
C TRP A 40 -28.81 12.06 -6.77
N PRO A 41 -28.78 12.12 -5.41
CA PRO A 41 -29.99 12.39 -4.65
C PRO A 41 -30.65 13.71 -5.06
N GLY A 42 -29.83 14.74 -5.26
CA GLY A 42 -30.31 16.07 -5.67
C GLY A 42 -30.94 16.02 -7.05
N ILE A 43 -30.31 15.28 -7.97
CA ILE A 43 -30.83 15.01 -9.33
C ILE A 43 -32.22 14.35 -9.21
N PHE A 44 -32.37 13.38 -8.31
CA PHE A 44 -33.65 12.65 -8.16
C PHE A 44 -34.73 13.60 -7.62
N VAL A 45 -34.43 14.38 -6.58
CA VAL A 45 -35.39 15.32 -5.96
C VAL A 45 -35.83 16.33 -7.01
N TYR A 46 -34.87 16.92 -7.72
CA TYR A 46 -35.10 17.85 -8.85
C TYR A 46 -36.14 17.24 -9.79
N MET A 47 -35.97 15.98 -10.15
CA MET A 47 -36.86 15.30 -11.15
C MET A 47 -38.26 15.12 -10.53
N VAL A 48 -38.35 14.75 -9.26
CA VAL A 48 -39.65 14.60 -8.54
C VAL A 48 -40.35 15.97 -8.51
N HIS A 49 -39.66 17.04 -8.13
CA HIS A 49 -40.23 18.40 -8.01
C HIS A 49 -40.84 18.84 -9.35
N ARG A 50 -40.12 18.66 -10.45
CA ARG A 50 -40.53 19.11 -11.81
C ARG A 50 -41.59 18.17 -12.40
N SER A 51 -41.57 16.90 -12.00
CA SER A 51 -42.39 15.81 -12.60
C SER A 51 -43.72 15.70 -11.88
N CYS A 52 -43.80 16.22 -10.65
CA CYS A 52 -44.83 15.86 -9.64
C CYS A 52 -45.31 17.10 -8.89
N GLY A 53 -44.37 17.92 -8.41
CA GLY A 53 -44.59 19.17 -7.67
C GLY A 53 -43.68 19.20 -6.46
N THR A 54 -43.50 20.37 -5.84
CA THR A 54 -42.66 20.53 -4.62
C THR A 54 -43.41 20.02 -3.37
N SER A 55 -44.68 19.66 -3.52
CA SER A 55 -45.65 19.37 -2.44
C SER A 55 -45.91 17.86 -2.31
N CYS A 56 -45.78 17.09 -3.39
CA CYS A 56 -46.25 15.68 -3.42
C CYS A 56 -45.49 14.87 -2.35
N PHE A 57 -44.30 15.30 -1.93
CA PHE A 57 -43.52 14.65 -0.85
C PHE A 57 -43.03 15.72 0.15
N GLU A 58 -43.01 15.37 1.44
CA GLU A 58 -42.32 16.16 2.49
C GLU A 58 -40.82 15.94 2.31
N LEU A 59 -40.07 17.01 2.00
CA LEU A 59 -38.63 16.94 1.66
C LEU A 59 -37.88 16.13 2.71
N GLU A 60 -38.17 16.33 3.99
CA GLU A 60 -37.52 15.62 5.13
C GLU A 60 -37.73 14.11 4.94
N LYS A 61 -38.98 13.69 4.70
CA LYS A 61 -39.33 12.26 4.53
C LYS A 61 -38.69 11.72 3.24
N LEU A 62 -38.76 12.48 2.15
CA LEU A 62 -38.23 12.04 0.83
C LEU A 62 -36.71 11.82 0.95
N CME A 63 -35.99 12.78 1.54
CA CME A 63 -34.51 12.71 1.71
CB CME A 63 -33.94 13.99 2.29
SG CME A 63 -33.79 15.37 1.13
SD CME A 63 -32.55 14.64 -0.31
CE CME A 63 -30.89 15.22 0.14
CZ CME A 63 -30.19 15.87 -1.02
OH CME A 63 -28.79 16.02 -0.78
C CME A 63 -34.15 11.46 2.50
O CME A 63 -33.21 10.76 2.11
N ARG A 64 -34.88 11.16 3.57
CA ARG A 64 -34.60 10.01 4.46
C ARG A 64 -34.95 8.70 3.71
N PHE A 65 -35.99 8.70 2.87
CA PHE A 65 -36.32 7.56 1.99
C PHE A 65 -35.13 7.30 1.02
N ILE A 66 -34.71 8.32 0.28
CA ILE A 66 -33.66 8.24 -0.77
C ILE A 66 -32.38 7.64 -0.16
N MET A 67 -31.95 8.16 0.99
CA MET A 67 -30.66 7.75 1.59
C MET A 67 -30.76 6.31 2.16
N SER A 68 -31.93 5.88 2.62
CA SER A 68 -32.16 4.46 3.00
C SER A 68 -32.17 3.57 1.75
N VAL A 69 -32.75 4.05 0.65
CA VAL A 69 -32.78 3.27 -0.61
C VAL A 69 -31.32 3.10 -1.06
N LYS A 70 -30.59 4.21 -1.15
CA LYS A 70 -29.17 4.18 -1.57
C LYS A 70 -28.41 3.15 -0.72
N LYS A 71 -28.55 3.22 0.61
CA LYS A 71 -27.87 2.32 1.57
C LYS A 71 -28.14 0.85 1.22
N ASN A 72 -29.30 0.51 0.65
CA ASN A 72 -29.72 -0.90 0.44
C ASN A 72 -29.43 -1.38 -0.98
N TYR A 73 -28.83 -0.54 -1.83
CA TYR A 73 -28.15 -0.94 -3.08
C TYR A 73 -26.71 -1.36 -2.74
N ARG A 74 -26.21 -2.39 -3.39
CA ARG A 74 -24.91 -3.00 -3.05
C ARG A 74 -23.85 -2.47 -4.00
N ARG A 75 -22.59 -2.75 -3.67
CA ARG A 75 -21.40 -2.29 -4.42
C ARG A 75 -21.08 -3.36 -5.48
N VAL A 76 -22.00 -3.57 -6.41
CA VAL A 76 -21.84 -4.51 -7.55
C VAL A 76 -21.60 -3.65 -8.78
N PRO A 77 -21.01 -4.24 -9.84
CA PRO A 77 -20.58 -3.45 -10.99
C PRO A 77 -21.67 -2.67 -11.76
N TYR A 78 -22.88 -3.21 -11.82
CA TYR A 78 -23.96 -2.65 -12.68
C TYR A 78 -25.24 -2.40 -11.90
N HIS A 79 -25.76 -3.38 -11.15
CA HIS A 79 -27.08 -3.32 -10.46
C HIS A 79 -26.95 -2.54 -9.15
N ASN A 80 -26.54 -1.29 -9.27
CA ASN A 80 -26.09 -0.42 -8.18
C ASN A 80 -26.92 0.87 -8.16
N TRP A 81 -26.64 1.71 -7.17
CA TRP A 81 -27.31 3.00 -6.92
C TRP A 81 -27.36 3.83 -8.21
N LYS A 82 -26.27 3.88 -8.98
CA LYS A 82 -26.22 4.63 -10.26
C LYS A 82 -27.24 4.07 -11.26
N HIS A 83 -27.39 2.74 -11.38
CA HIS A 83 -28.42 2.12 -12.25
C HIS A 83 -29.80 2.63 -11.82
N ALA A 84 -30.07 2.59 -10.52
CA ALA A 84 -31.33 3.00 -9.89
C ALA A 84 -31.69 4.42 -10.35
N VAL A 85 -30.73 5.34 -10.25
CA VAL A 85 -30.98 6.79 -10.50
C VAL A 85 -31.05 6.99 -12.02
N THR A 86 -30.23 6.27 -12.77
CA THR A 86 -30.28 6.29 -14.25
C THR A 86 -31.66 5.83 -14.73
N VAL A 87 -32.22 4.75 -14.16
CA VAL A 87 -33.54 4.20 -14.63
C VAL A 87 -34.65 5.20 -14.25
N ALA A 88 -34.56 5.85 -13.10
CA ALA A 88 -35.52 6.87 -12.66
C ALA A 88 -35.49 8.08 -13.61
N HIS A 89 -34.32 8.47 -14.07
CA HIS A 89 -34.18 9.61 -14.99
C HIS A 89 -34.89 9.31 -16.32
N CYS A 90 -34.71 8.13 -16.89
CA CYS A 90 -35.43 7.74 -18.13
C CYS A 90 -36.94 7.87 -17.93
N MET A 91 -37.46 7.38 -16.80
CA MET A 91 -38.91 7.45 -16.50
C MET A 91 -39.29 8.93 -16.44
N TYR A 92 -38.43 9.76 -15.86
CA TYR A 92 -38.67 11.22 -15.71
C TYR A 92 -38.87 11.80 -17.12
N ALA A 93 -37.96 11.48 -18.04
CA ALA A 93 -37.97 12.01 -19.43
C ALA A 93 -39.22 11.52 -20.17
N ILE A 94 -39.63 10.27 -19.96
CA ILE A 94 -40.89 9.74 -20.56
C ILE A 94 -42.10 10.53 -20.00
N LEU A 95 -42.20 10.71 -18.69
CA LEU A 95 -43.35 11.41 -18.08
C LEU A 95 -43.39 12.87 -18.55
N GLN A 96 -42.24 13.53 -18.67
CA GLN A 96 -42.15 14.97 -19.03
C GLN A 96 -42.46 15.20 -20.52
N ASN A 97 -42.27 14.19 -21.38
CA ASN A 97 -42.62 14.25 -22.83
C ASN A 97 -44.03 13.72 -23.09
N ASN A 98 -44.75 13.27 -22.05
CA ASN A 98 -46.15 12.72 -22.14
C ASN A 98 -46.97 13.29 -20.98
N HIS A 99 -46.83 14.59 -20.74
CA HIS A 99 -47.42 15.37 -19.62
C HIS A 99 -48.83 14.88 -19.29
N THR A 100 -49.74 14.87 -20.26
CA THR A 100 -51.20 14.75 -19.99
C THR A 100 -51.67 13.30 -19.85
N LEU A 101 -50.83 12.29 -20.14
CA LEU A 101 -51.32 10.89 -20.26
C LEU A 101 -51.36 10.21 -18.90
N PHE A 102 -50.69 10.76 -17.88
CA PHE A 102 -50.44 10.04 -16.61
C PHE A 102 -51.07 10.82 -15.45
N THR A 103 -51.63 10.05 -14.51
CA THR A 103 -52.35 10.58 -13.32
C THR A 103 -51.31 11.16 -12.35
N ASP A 104 -51.76 11.90 -11.35
CA ASP A 104 -50.88 12.47 -10.31
C ASP A 104 -50.20 11.30 -9.59
N LEU A 105 -50.98 10.28 -9.22
CA LEU A 105 -50.51 9.08 -8.47
C LEU A 105 -49.45 8.33 -9.28
N GLU A 106 -49.70 8.14 -10.58
CA GLU A 106 -48.81 7.36 -11.48
C GLU A 106 -47.43 8.02 -11.51
N ARG A 107 -47.38 9.35 -11.53
CA ARG A 107 -46.12 10.13 -11.61
C ARG A 107 -45.33 9.94 -10.31
N LYS A 108 -46.00 10.03 -9.15
CA LYS A 108 -45.45 9.75 -7.79
C LYS A 108 -44.91 8.32 -7.72
N GLY A 109 -45.75 7.34 -8.07
CA GLY A 109 -45.45 5.90 -7.98
C GLY A 109 -44.27 5.46 -8.83
N LEU A 110 -44.21 5.91 -10.09
CA LEU A 110 -43.30 5.34 -11.11
C LEU A 110 -41.84 5.81 -10.91
N LEU A 111 -41.61 7.04 -10.47
CA LEU A 111 -40.23 7.51 -10.20
C LEU A 111 -39.67 6.77 -8.98
N ILE A 112 -40.52 6.57 -7.98
CA ILE A 112 -40.19 5.77 -6.76
C ILE A 112 -40.00 4.32 -7.18
N ALA A 113 -40.90 3.78 -7.99
CA ALA A 113 -40.78 2.40 -8.51
C ALA A 113 -39.39 2.21 -9.13
N CYS A 114 -38.98 3.12 -10.00
CA CYS A 114 -37.71 3.03 -10.76
C CYS A 114 -36.51 3.13 -9.82
N LEU A 115 -36.55 4.06 -8.88
CA LEU A 115 -35.46 4.17 -7.88
C LEU A 115 -35.32 2.86 -7.08
N CYS A 116 -36.44 2.18 -6.79
CA CYS A 116 -36.45 1.01 -5.88
C CYS A 116 -36.37 -0.32 -6.63
N HIS A 117 -36.31 -0.32 -7.97
CA HIS A 117 -36.68 -1.50 -8.77
C HIS A 117 -35.61 -2.60 -8.65
N ASP A 118 -34.36 -2.29 -8.30
CA ASP A 118 -33.30 -3.32 -8.16
C ASP A 118 -32.74 -3.34 -6.72
N LEU A 119 -33.50 -2.89 -5.72
CA LEU A 119 -33.08 -2.86 -4.29
C LEU A 119 -32.47 -4.20 -3.86
N ASP A 120 -31.25 -4.15 -3.30
CA ASP A 120 -30.57 -5.31 -2.66
C ASP A 120 -30.25 -6.35 -3.72
N HIS A 121 -30.03 -5.94 -4.96
CA HIS A 121 -29.52 -6.83 -6.04
C HIS A 121 -28.12 -7.28 -5.69
N ARG A 122 -27.81 -8.55 -5.93
CA ARG A 122 -26.48 -9.16 -5.63
CA ARG A 122 -26.47 -9.14 -5.62
C ARG A 122 -25.69 -9.32 -6.93
N GLY A 123 -26.27 -8.92 -8.06
CA GLY A 123 -25.65 -9.00 -9.39
C GLY A 123 -25.83 -10.38 -10.02
N PHE A 124 -26.84 -11.14 -9.60
CA PHE A 124 -27.14 -12.49 -10.16
C PHE A 124 -28.58 -12.57 -10.67
N SER A 125 -28.77 -13.31 -11.76
CA SER A 125 -30.09 -13.59 -12.39
C SER A 125 -30.94 -14.50 -11.50
N ASN A 126 -32.24 -14.52 -11.77
CA ASN A 126 -33.22 -15.42 -11.14
C ASN A 126 -32.78 -16.87 -11.40
N SER A 127 -32.31 -17.21 -12.62
CA SER A 127 -31.75 -18.55 -12.98
C SER A 127 -30.69 -18.98 -11.98
N TYR A 128 -29.73 -18.11 -11.65
CA TYR A 128 -28.59 -18.48 -10.78
C TYR A 128 -29.10 -18.78 -9.36
N LEU A 129 -29.97 -17.93 -8.82
CA LEU A 129 -30.64 -18.17 -7.52
C LEU A 129 -31.30 -19.55 -7.50
N GLN A 130 -31.94 -19.95 -8.59
CA GLN A 130 -32.68 -21.23 -8.65
C GLN A 130 -31.67 -22.38 -8.67
N LYS A 131 -30.61 -22.29 -9.47
CA LYS A 131 -29.64 -23.40 -9.59
C LYS A 131 -28.81 -23.47 -8.32
N PHE A 132 -28.56 -22.33 -7.67
CA PHE A 132 -27.85 -22.27 -6.38
C PHE A 132 -28.72 -22.86 -5.28
N ASP A 133 -30.05 -22.74 -5.42
CA ASP A 133 -31.08 -23.13 -4.43
C ASP A 133 -31.09 -22.08 -3.31
N HIS A 134 -31.05 -20.78 -3.68
CA HIS A 134 -31.05 -19.66 -2.70
C HIS A 134 -32.39 -19.64 -2.00
N PRO A 135 -32.45 -19.39 -0.68
CA PRO A 135 -33.72 -19.23 0.04
C PRO A 135 -34.74 -18.34 -0.68
N LEU A 136 -34.28 -17.27 -1.36
CA LEU A 136 -35.21 -16.36 -2.07
C LEU A 136 -35.97 -17.13 -3.16
N ALA A 137 -35.36 -18.16 -3.77
CA ALA A 137 -36.00 -18.97 -4.83
C ALA A 137 -37.12 -19.86 -4.25
N ALA A 138 -37.05 -20.22 -2.97
CA ALA A 138 -38.10 -20.99 -2.26
C ALA A 138 -39.26 -20.07 -1.89
N LEU A 139 -38.98 -18.87 -1.43
CA LEU A 139 -40.00 -17.87 -1.03
C LEU A 139 -40.76 -17.33 -2.27
N TYR A 140 -40.08 -17.14 -3.40
CA TYR A 140 -40.65 -16.54 -4.64
C TYR A 140 -40.23 -17.37 -5.85
N SER A 141 -41.11 -18.28 -6.30
CA SER A 141 -40.81 -19.31 -7.33
C SER A 141 -40.67 -18.65 -8.70
N THR A 142 -41.32 -17.52 -8.97
CA THR A 142 -41.11 -16.73 -10.21
C THR A 142 -40.89 -15.26 -9.90
N SER A 143 -40.26 -14.56 -10.83
CA SER A 143 -39.83 -13.15 -10.69
C SER A 143 -39.14 -12.99 -9.33
N THR A 144 -38.18 -13.87 -9.02
CA THR A 144 -37.61 -14.04 -7.65
C THR A 144 -37.03 -12.71 -7.15
N MET A 145 -36.04 -12.16 -7.84
CA MET A 145 -35.36 -10.93 -7.36
C MET A 145 -36.38 -9.79 -7.32
N GLU A 146 -37.34 -9.77 -8.24
CA GLU A 146 -38.27 -8.61 -8.41
C GLU A 146 -39.27 -8.57 -7.24
N GLN A 147 -39.74 -9.72 -6.78
CA GLN A 147 -40.60 -9.80 -5.57
C GLN A 147 -39.78 -9.33 -4.36
N HIS A 148 -38.52 -9.72 -4.31
CA HIS A 148 -37.59 -9.26 -3.25
C HIS A 148 -37.46 -7.75 -3.32
N HIS A 149 -37.26 -7.18 -4.50
CA HIS A 149 -37.10 -5.71 -4.67
C HIS A 149 -38.34 -5.01 -4.10
N PHE A 150 -39.54 -5.48 -4.44
CA PHE A 150 -40.79 -4.86 -3.94
C PHE A 150 -40.86 -4.99 -2.39
N SER A 151 -40.48 -6.15 -1.88
CA SER A 151 -40.48 -6.45 -0.43
C SER A 151 -39.58 -5.43 0.28
N GLN A 152 -38.37 -5.20 -0.25
CA GLN A 152 -37.41 -4.25 0.32
C GLN A 152 -37.98 -2.84 0.24
N THR A 153 -38.74 -2.51 -0.81
CA THR A 153 -39.33 -1.15 -0.98
C THR A 153 -40.33 -0.91 0.17
N VAL A 154 -41.17 -1.91 0.42
CA VAL A 154 -42.24 -1.83 1.47
C VAL A 154 -41.57 -1.73 2.85
N SER A 155 -40.54 -2.54 3.11
CA SER A 155 -39.76 -2.50 4.38
C SER A 155 -39.23 -1.09 4.66
N ILE A 156 -38.72 -0.41 3.63
CA ILE A 156 -38.10 0.94 3.76
C ILE A 156 -39.21 1.99 3.95
N LEU A 157 -40.31 1.88 3.20
CA LEU A 157 -41.49 2.77 3.41
C LEU A 157 -41.95 2.73 4.88
N GLN A 158 -41.74 1.59 5.56
CA GLN A 158 -42.32 1.36 6.91
C GLN A 158 -41.32 1.69 8.01
N LEU A 159 -40.09 2.07 7.67
CA LEU A 159 -39.15 2.65 8.67
C LEU A 159 -39.76 3.95 9.17
N GLU A 160 -39.49 4.29 10.43
CA GLU A 160 -40.04 5.53 11.02
C GLU A 160 -39.50 6.74 10.29
N GLY A 161 -40.39 7.68 9.96
CA GLY A 161 -40.06 8.94 9.29
C GLY A 161 -39.77 8.76 7.80
N HIS A 162 -40.02 7.57 7.23
CA HIS A 162 -39.68 7.22 5.82
C HIS A 162 -40.93 7.13 4.95
N ASN A 163 -42.13 7.25 5.52
CA ASN A 163 -43.37 7.01 4.73
C ASN A 163 -43.74 8.27 3.95
N ILE A 164 -43.22 8.38 2.74
CA ILE A 164 -43.36 9.56 1.83
C ILE A 164 -44.80 9.65 1.32
N PHE A 165 -45.61 8.61 1.50
CA PHE A 165 -46.99 8.51 0.96
C PHE A 165 -48.02 8.74 2.08
N SER A 166 -47.55 8.90 3.31
CA SER A 166 -48.40 8.97 4.54
C SER A 166 -49.56 9.95 4.36
N THR A 167 -49.39 10.99 3.54
CA THR A 167 -50.40 12.08 3.35
C THR A 167 -51.48 11.68 2.33
N LEU A 168 -51.30 10.59 1.58
CA LEU A 168 -52.35 10.01 0.70
C LEU A 168 -53.49 9.50 1.59
N SER A 169 -54.72 9.54 1.09
CA SER A 169 -55.90 8.80 1.61
C SER A 169 -55.60 7.30 1.57
N SER A 170 -56.42 6.50 2.26
CA SER A 170 -56.24 5.04 2.40
C SER A 170 -56.29 4.37 1.03
N SER A 171 -57.20 4.79 0.13
CA SER A 171 -57.43 4.12 -1.18
C SER A 171 -56.34 4.55 -2.18
N GLU A 172 -55.96 5.84 -2.17
CA GLU A 172 -54.83 6.38 -2.96
C GLU A 172 -53.54 5.68 -2.56
N TYR A 173 -53.36 5.39 -1.26
CA TYR A 173 -52.17 4.71 -0.72
C TYR A 173 -52.10 3.28 -1.28
N GLU A 174 -53.23 2.58 -1.31
CA GLU A 174 -53.33 1.20 -1.83
C GLU A 174 -53.05 1.21 -3.34
N GLN A 175 -53.56 2.21 -4.05
CA GLN A 175 -53.36 2.35 -5.51
C GLN A 175 -51.87 2.55 -5.83
N VAL A 176 -51.20 3.50 -5.19
CA VAL A 176 -49.79 3.82 -5.52
C VAL A 176 -48.92 2.58 -5.20
N LEU A 177 -49.15 1.87 -4.09
CA LEU A 177 -48.33 0.67 -3.75
C LEU A 177 -48.61 -0.41 -4.79
N GLU A 178 -49.83 -0.47 -5.34
CA GLU A 178 -50.19 -1.42 -6.41
C GLU A 178 -49.45 -1.04 -7.71
N ILE A 179 -49.38 0.25 -8.03
CA ILE A 179 -48.62 0.78 -9.19
C ILE A 179 -47.16 0.36 -9.05
N ILE A 180 -46.57 0.58 -7.88
CA ILE A 180 -45.13 0.28 -7.61
C ILE A 180 -44.90 -1.22 -7.74
N ARG A 181 -45.79 -2.05 -7.18
CA ARG A 181 -45.63 -3.53 -7.18
C ARG A 181 -45.63 -4.01 -8.64
N LYS A 182 -46.65 -3.67 -9.42
CA LYS A 182 -46.71 -4.08 -10.85
C LYS A 182 -45.48 -3.56 -11.61
N ALA A 183 -45.08 -2.31 -11.36
CA ALA A 183 -43.96 -1.66 -12.09
C ALA A 183 -42.68 -2.46 -11.83
N ILE A 184 -42.46 -2.86 -10.58
CA ILE A 184 -41.19 -3.53 -10.22
C ILE A 184 -41.21 -4.96 -10.77
N ILE A 185 -42.33 -5.67 -10.63
CA ILE A 185 -42.51 -7.04 -11.19
C ILE A 185 -42.24 -7.01 -12.70
N ALA A 186 -42.73 -5.98 -13.41
CA ALA A 186 -42.62 -5.87 -14.88
C ALA A 186 -41.14 -5.76 -15.33
N THR A 187 -40.22 -5.39 -14.44
CA THR A 187 -38.78 -5.29 -14.80
C THR A 187 -38.17 -6.69 -14.89
N ASP A 188 -38.95 -7.73 -14.64
CA ASP A 188 -38.51 -9.14 -14.91
C ASP A 188 -38.55 -9.34 -16.42
N LEU A 189 -37.39 -9.34 -17.05
CA LEU A 189 -37.32 -9.39 -18.54
C LEU A 189 -38.05 -10.64 -19.06
N ALA A 190 -38.10 -11.74 -18.31
CA ALA A 190 -38.84 -12.97 -18.73
C ALA A 190 -40.31 -12.60 -18.99
N LEU A 191 -40.90 -11.64 -18.29
CA LEU A 191 -42.31 -11.21 -18.50
C LEU A 191 -42.44 -10.19 -19.65
N TYR A 192 -41.37 -9.49 -20.02
CA TYR A 192 -41.39 -8.43 -21.07
C TYR A 192 -41.93 -8.99 -22.41
N PHE A 193 -41.45 -10.15 -22.82
CA PHE A 193 -41.71 -10.72 -24.19
C PHE A 193 -43.22 -10.83 -24.46
N GLY A 194 -43.95 -11.47 -23.55
CA GLY A 194 -45.41 -11.63 -23.64
C GLY A 194 -46.09 -10.28 -23.54
N ASN A 195 -45.64 -9.40 -22.62
CA ASN A 195 -46.26 -8.07 -22.44
C ASN A 195 -46.20 -7.29 -23.77
N ARG A 196 -45.03 -7.28 -24.42
CA ARG A 196 -44.84 -6.48 -25.65
C ARG A 196 -45.65 -7.11 -26.79
N LYS A 197 -45.59 -8.43 -26.96
CA LYS A 197 -46.41 -9.16 -27.98
C LYS A 197 -47.86 -8.71 -27.84
N GLN A 198 -48.41 -8.76 -26.62
CA GLN A 198 -49.84 -8.45 -26.38
C GLN A 198 -50.10 -7.00 -26.76
N LEU A 199 -49.20 -6.09 -26.36
CA LEU A 199 -49.35 -4.64 -26.65
C LEU A 199 -49.28 -4.42 -28.17
N GLU A 200 -48.38 -5.14 -28.84
CA GLU A 200 -48.23 -5.12 -30.32
C GLU A 200 -49.59 -5.46 -30.93
N GLU A 201 -50.21 -6.59 -30.55
CA GLU A 201 -51.53 -7.05 -31.08
C GLU A 201 -52.57 -5.96 -30.84
N MET A 202 -52.68 -5.44 -29.61
CA MET A 202 -53.72 -4.47 -29.23
C MET A 202 -53.54 -3.18 -30.04
N TYR A 203 -52.30 -2.79 -30.28
CA TYR A 203 -52.02 -1.57 -31.09
C TYR A 203 -52.44 -1.81 -32.55
N GLN A 204 -52.13 -2.98 -33.10
CA GLN A 204 -52.39 -3.39 -34.52
C GLN A 204 -53.88 -3.62 -34.76
N THR A 205 -54.62 -4.22 -33.82
CA THR A 205 -56.08 -4.46 -33.95
C THR A 205 -56.85 -3.20 -33.55
N GLY A 206 -56.17 -2.17 -33.03
CA GLY A 206 -56.81 -0.92 -32.56
C GLY A 206 -57.61 -1.10 -31.29
N SER A 207 -57.44 -2.20 -30.56
CA SER A 207 -58.17 -2.47 -29.28
C SER A 207 -57.48 -1.78 -28.07
N LEU A 208 -56.30 -1.18 -28.24
CA LEU A 208 -55.56 -0.55 -27.11
C LEU A 208 -56.38 0.63 -26.58
N ASN A 209 -56.57 0.68 -25.28
CA ASN A 209 -57.49 1.64 -24.61
C ASN A 209 -56.88 2.02 -23.26
N LEU A 210 -56.38 3.25 -23.11
CA LEU A 210 -55.65 3.68 -21.89
C LEU A 210 -56.62 3.96 -20.73
N ASN A 211 -57.94 3.86 -20.94
CA ASN A 211 -58.95 3.94 -19.85
C ASN A 211 -59.19 2.54 -19.25
N ASN A 212 -58.90 1.49 -20.01
CA ASN A 212 -58.87 0.10 -19.51
C ASN A 212 -57.64 -0.03 -18.61
N GLN A 213 -57.84 -0.30 -17.33
CA GLN A 213 -56.74 -0.39 -16.33
C GLN A 213 -55.76 -1.51 -16.75
N SER A 214 -56.23 -2.66 -17.21
CA SER A 214 -55.35 -3.81 -17.55
C SER A 214 -54.44 -3.40 -18.69
N HIS A 215 -54.90 -2.48 -19.54
CA HIS A 215 -54.16 -1.94 -20.71
C HIS A 215 -53.08 -0.99 -20.21
N ARG A 216 -53.44 -0.03 -19.34
CA ARG A 216 -52.47 0.89 -18.67
C ARG A 216 -51.36 0.09 -18.00
N ASP A 217 -51.73 -0.92 -17.21
CA ASP A 217 -50.75 -1.77 -16.50
C ASP A 217 -49.72 -2.25 -17.50
N ARG A 218 -50.18 -2.77 -18.64
CA ARG A 218 -49.30 -3.36 -19.68
C ARG A 218 -48.35 -2.30 -20.24
N VAL A 219 -48.89 -1.11 -20.53
CA VAL A 219 -48.14 0.07 -21.05
C VAL A 219 -47.11 0.53 -20.02
N ILE A 220 -47.52 0.67 -18.75
CA ILE A 220 -46.58 0.99 -17.65
C ILE A 220 -45.50 -0.11 -17.56
N GLY A 221 -45.86 -1.38 -17.66
CA GLY A 221 -44.87 -2.47 -17.76
C GLY A 221 -43.84 -2.19 -18.85
N LEU A 222 -44.28 -1.81 -20.05
CA LEU A 222 -43.35 -1.59 -21.17
C LEU A 222 -42.44 -0.38 -20.90
N MET A 223 -42.98 0.68 -20.30
CA MET A 223 -42.18 1.86 -19.88
C MET A 223 -41.07 1.42 -18.92
N MET A 224 -41.37 0.51 -17.99
CA MET A 224 -40.41 0.00 -17.00
C MET A 224 -39.29 -0.75 -17.74
N THR A 225 -39.62 -1.62 -18.70
CA THR A 225 -38.60 -2.34 -19.50
C THR A 225 -37.73 -1.30 -20.22
N ALA A 226 -38.35 -0.31 -20.85
CA ALA A 226 -37.68 0.75 -21.62
C ALA A 226 -36.72 1.53 -20.72
N CYS A 227 -37.17 1.95 -19.53
CA CYS A 227 -36.31 2.69 -18.57
C CYS A 227 -35.18 1.77 -18.11
N ASP A 228 -35.52 0.52 -17.79
CA ASP A 228 -34.55 -0.45 -17.26
C ASP A 228 -33.44 -0.71 -18.27
N LEU A 229 -33.74 -0.73 -19.56
CA LEU A 229 -32.77 -1.09 -20.63
C LEU A 229 -32.04 0.15 -21.17
N CYS A 230 -32.26 1.32 -20.57
CA CYS A 230 -31.97 2.63 -21.22
C CYS A 230 -30.47 2.87 -21.41
N SER A 231 -29.59 2.03 -20.87
CA SER A 231 -28.14 2.18 -21.13
C SER A 231 -27.88 1.99 -22.63
N VAL A 232 -28.75 1.25 -23.35
CA VAL A 232 -28.61 1.04 -24.82
C VAL A 232 -29.12 2.27 -25.58
N THR A 233 -29.68 3.31 -24.92
CA THR A 233 -30.26 4.50 -25.60
C THR A 233 -29.38 5.72 -25.36
N LYS A 234 -28.17 5.53 -24.83
CA LYS A 234 -27.24 6.64 -24.51
C LYS A 234 -26.35 6.93 -25.71
N LEU A 235 -25.56 7.99 -25.63
CA LEU A 235 -24.50 8.22 -26.63
C LEU A 235 -23.52 7.06 -26.53
N TRP A 236 -22.91 6.70 -27.66
CA TRP A 236 -22.12 5.45 -27.85
C TRP A 236 -21.07 5.27 -26.76
N PRO A 237 -20.28 6.30 -26.37
CA PRO A 237 -19.26 6.12 -25.34
C PRO A 237 -19.84 5.67 -23.99
N VAL A 238 -21.01 6.20 -23.60
CA VAL A 238 -21.75 5.78 -22.36
C VAL A 238 -22.22 4.34 -22.52
N THR A 239 -22.90 4.04 -23.63
CA THR A 239 -23.40 2.67 -23.92
C THR A 239 -22.25 1.67 -23.84
N LYS A 240 -21.14 2.00 -24.49
CA LYS A 240 -19.98 1.10 -24.63
C LYS A 240 -19.40 0.84 -23.24
N LEU A 241 -19.30 1.86 -22.39
CA LEU A 241 -18.58 1.73 -21.09
C LEU A 241 -19.51 1.07 -20.09
N THR A 242 -20.82 1.30 -20.16
CA THR A 242 -21.83 0.57 -19.35
C THR A 242 -21.78 -0.94 -19.69
N ALA A 243 -21.59 -1.31 -20.96
CA ALA A 243 -21.60 -2.73 -21.39
C ALA A 243 -20.57 -3.54 -20.59
N ASN A 244 -19.40 -2.94 -20.28
CA ASN A 244 -18.31 -3.54 -19.45
C ASN A 244 -18.83 -3.90 -18.05
N ASP A 245 -19.58 -2.97 -17.44
CA ASP A 245 -20.18 -3.18 -16.10
C ASP A 245 -21.20 -4.31 -16.24
N ILE A 246 -22.03 -4.24 -17.27
CA ILE A 246 -23.07 -5.30 -17.51
C ILE A 246 -22.34 -6.65 -17.58
N TYR A 247 -21.26 -6.74 -18.36
CA TYR A 247 -20.62 -8.06 -18.64
C TYR A 247 -19.77 -8.51 -17.44
N ALA A 248 -19.25 -7.59 -16.64
CA ALA A 248 -18.53 -7.90 -15.39
C ALA A 248 -19.43 -8.72 -14.47
N GLU A 249 -20.71 -8.34 -14.35
CA GLU A 249 -21.70 -9.12 -13.57
C GLU A 249 -21.96 -10.47 -14.25
N PHE A 250 -22.21 -10.49 -15.55
CA PHE A 250 -22.54 -11.73 -16.31
C PHE A 250 -21.42 -12.74 -16.09
N TRP A 251 -20.18 -12.28 -16.21
CA TRP A 251 -18.99 -13.17 -16.16
C TRP A 251 -18.77 -13.70 -14.74
N ALA A 252 -19.01 -12.87 -13.71
CA ALA A 252 -19.02 -13.31 -12.30
C ALA A 252 -20.08 -14.40 -12.14
N GLU A 253 -21.26 -14.23 -12.74
CA GLU A 253 -22.34 -15.25 -12.67
C GLU A 253 -21.88 -16.53 -13.37
N GLY A 254 -21.23 -16.41 -14.54
CA GLY A 254 -20.74 -17.57 -15.29
C GLY A 254 -19.77 -18.38 -14.44
N ASP A 255 -18.90 -17.66 -13.75
CA ASP A 255 -17.89 -18.24 -12.83
C ASP A 255 -18.61 -19.04 -11.74
N GLU A 256 -19.64 -18.45 -11.13
CA GLU A 256 -20.42 -19.11 -10.07
C GLU A 256 -21.16 -20.33 -10.64
N MET A 257 -21.60 -20.27 -11.89
CA MET A 257 -22.23 -21.42 -12.58
C MET A 257 -21.21 -22.56 -12.68
N LYS A 258 -19.98 -22.26 -13.12
CA LYS A 258 -18.91 -23.27 -13.30
C LYS A 258 -18.61 -23.91 -11.95
N LYS A 259 -18.70 -23.14 -10.87
CA LYS A 259 -18.52 -23.63 -9.49
C LYS A 259 -19.62 -24.61 -9.08
N LEU A 260 -20.86 -24.45 -9.56
CA LEU A 260 -21.95 -25.44 -9.35
C LEU A 260 -21.83 -26.62 -10.35
N GLY A 261 -20.76 -26.70 -11.14
CA GLY A 261 -20.57 -27.73 -12.18
C GLY A 261 -21.54 -27.59 -13.35
N ILE A 262 -21.89 -26.37 -13.75
CA ILE A 262 -22.79 -26.08 -14.91
C ILE A 262 -22.04 -25.21 -15.90
N GLN A 263 -21.93 -25.62 -17.16
CA GLN A 263 -21.44 -24.74 -18.26
C GLN A 263 -22.44 -23.59 -18.35
N PRO A 264 -21.98 -22.33 -18.22
CA PRO A 264 -22.88 -21.20 -18.39
C PRO A 264 -23.11 -20.96 -19.89
N ILE A 265 -24.22 -20.30 -20.22
CA ILE A 265 -24.51 -19.77 -21.59
C ILE A 265 -23.32 -18.89 -21.98
N PRO A 266 -22.96 -18.81 -23.29
CA PRO A 266 -21.79 -18.02 -23.72
C PRO A 266 -21.80 -16.55 -23.23
N MET A 267 -22.99 -15.92 -23.18
CA MET A 267 -23.14 -14.52 -22.71
C MET A 267 -22.39 -14.33 -21.39
N MET A 268 -22.41 -15.34 -20.52
CA MET A 268 -21.89 -15.26 -19.13
C MET A 268 -20.49 -15.91 -19.02
N ASP A 269 -20.00 -16.51 -20.10
CA ASP A 269 -18.69 -17.22 -20.09
C ASP A 269 -17.59 -16.24 -20.49
N ARG A 270 -16.64 -15.94 -19.59
CA ARG A 270 -15.59 -14.93 -19.85
C ARG A 270 -14.57 -15.49 -20.85
N ASP A 271 -14.59 -16.79 -21.12
CA ASP A 271 -13.74 -17.42 -22.17
C ASP A 271 -14.27 -17.09 -23.56
N LYS A 272 -15.55 -16.74 -23.68
CA LYS A 272 -16.24 -16.43 -24.96
C LYS A 272 -16.46 -14.91 -25.04
N LYS A 273 -15.43 -14.14 -24.66
CA LYS A 273 -15.42 -12.66 -24.63
C LYS A 273 -15.43 -12.09 -26.06
N ASP A 274 -14.85 -12.81 -27.02
CA ASP A 274 -14.87 -12.55 -28.49
C ASP A 274 -16.31 -12.43 -29.03
N GLU A 275 -17.27 -13.17 -28.47
CA GLU A 275 -18.66 -13.30 -29.02
C GLU A 275 -19.59 -12.18 -28.53
N VAL A 276 -19.08 -11.21 -27.78
CA VAL A 276 -19.88 -10.12 -27.12
C VAL A 276 -20.52 -9.24 -28.20
N PRO A 277 -19.74 -8.69 -29.17
CA PRO A 277 -20.34 -7.86 -30.22
C PRO A 277 -21.52 -8.53 -30.95
N GLN A 278 -21.41 -9.81 -31.28
CA GLN A 278 -22.52 -10.58 -31.93
C GLN A 278 -23.70 -10.75 -30.95
N GLY A 279 -23.42 -11.11 -29.69
CA GLY A 279 -24.44 -11.24 -28.61
C GLY A 279 -25.19 -9.94 -28.31
N GLN A 280 -24.54 -8.78 -28.47
CA GLN A 280 -25.18 -7.44 -28.37
C GLN A 280 -26.16 -7.23 -29.53
N LEU A 281 -25.78 -7.60 -30.77
CA LEU A 281 -26.72 -7.53 -31.93
C LEU A 281 -28.00 -8.29 -31.58
N GLY A 282 -27.84 -9.56 -31.14
CA GLY A 282 -28.97 -10.44 -30.80
C GLY A 282 -29.88 -9.76 -29.81
N PHE A 283 -29.29 -9.19 -28.75
CA PHE A 283 -30.01 -8.46 -27.68
C PHE A 283 -30.72 -7.23 -28.26
N TYR A 284 -30.05 -6.43 -29.10
CA TYR A 284 -30.68 -5.23 -29.72
C TYR A 284 -31.84 -5.67 -30.60
N ASN A 285 -31.64 -6.71 -31.40
CA ASN A 285 -32.67 -7.19 -32.39
C ASN A 285 -33.78 -7.94 -31.67
N ALA A 286 -33.48 -8.80 -30.69
CA ALA A 286 -34.46 -9.64 -29.94
C ALA A 286 -35.20 -8.85 -28.86
N VAL A 287 -34.57 -7.85 -28.24
CA VAL A 287 -35.15 -7.22 -27.01
C VAL A 287 -35.35 -5.73 -27.21
N ALA A 288 -34.25 -4.99 -27.37
CA ALA A 288 -34.19 -3.52 -27.20
C ALA A 288 -34.98 -2.84 -28.33
N ILE A 289 -34.75 -3.21 -29.59
CA ILE A 289 -35.39 -2.50 -30.75
C ILE A 289 -36.89 -2.77 -30.70
N PRO A 290 -37.34 -4.03 -30.57
CA PRO A 290 -38.77 -4.29 -30.40
C PRO A 290 -39.43 -3.49 -29.28
N CYS A 291 -38.73 -3.32 -28.14
CA CYS A 291 -39.23 -2.65 -26.92
C CYS A 291 -39.52 -1.17 -27.22
N TYR A 292 -38.51 -0.46 -27.72
CA TYR A 292 -38.62 0.99 -28.04
C TYR A 292 -39.50 1.22 -29.28
N THR A 293 -39.63 0.25 -30.19
CA THR A 293 -40.56 0.36 -31.36
C THR A 293 -42.00 0.40 -30.84
N THR A 294 -42.39 -0.58 -30.01
CA THR A 294 -43.76 -0.70 -29.46
C THR A 294 -44.03 0.51 -28.56
N LEU A 295 -43.01 0.96 -27.81
CA LEU A 295 -43.17 2.13 -26.92
C LEU A 295 -43.42 3.39 -27.75
N THR A 296 -42.71 3.53 -28.87
CA THR A 296 -42.85 4.71 -29.77
C THR A 296 -44.23 4.71 -30.43
N GLN A 297 -44.72 3.53 -30.83
CA GLN A 297 -46.09 3.37 -31.41
C GLN A 297 -47.13 3.80 -30.40
N ILE A 298 -46.98 3.46 -29.12
CA ILE A 298 -47.97 3.78 -28.05
C ILE A 298 -47.76 5.23 -27.59
N LEU A 299 -46.50 5.69 -27.48
CA LEU A 299 -46.17 7.04 -26.94
C LEU A 299 -45.22 7.73 -27.90
N PRO A 300 -45.74 8.37 -28.96
CA PRO A 300 -44.90 8.90 -30.02
C PRO A 300 -43.73 9.77 -29.55
N PRO A 301 -43.90 10.63 -28.54
CA PRO A 301 -42.78 11.45 -28.06
C PRO A 301 -41.58 10.70 -27.42
N THR A 302 -41.58 9.37 -27.35
CA THR A 302 -40.43 8.56 -26.83
C THR A 302 -39.59 8.03 -28.00
N GLU A 303 -39.77 8.60 -29.19
CA GLU A 303 -39.08 8.19 -30.43
C GLU A 303 -37.56 8.38 -30.28
N PRO A 304 -37.08 9.44 -29.59
CA PRO A 304 -35.64 9.63 -29.41
C PRO A 304 -34.92 8.43 -28.79
N LEU A 305 -35.60 7.61 -27.96
CA LEU A 305 -35.06 6.35 -27.38
C LEU A 305 -34.88 5.33 -28.50
N LEU A 306 -35.86 5.19 -29.39
CA LEU A 306 -35.76 4.24 -30.55
C LEU A 306 -34.60 4.71 -31.43
N LYS A 307 -34.54 6.02 -31.72
CA LYS A 307 -33.51 6.57 -32.63
C LYS A 307 -32.11 6.30 -32.02
N ALA A 308 -31.93 6.59 -30.73
CA ALA A 308 -30.65 6.40 -30.01
C ALA A 308 -30.30 4.90 -30.00
N CYS A 309 -31.29 4.04 -29.79
CA CYS A 309 -31.07 2.56 -29.77
C CYS A 309 -30.55 2.08 -31.13
N ARG A 310 -31.19 2.52 -32.21
CA ARG A 310 -30.78 2.13 -33.60
C ARG A 310 -29.34 2.60 -33.86
N ASP A 311 -29.01 3.83 -33.45
CA ASP A 311 -27.63 4.38 -33.60
C ASP A 311 -26.63 3.40 -32.97
N ASN A 312 -26.91 2.96 -31.74
CA ASN A 312 -26.01 2.05 -30.99
C ASN A 312 -25.98 0.68 -31.69
N LEU A 313 -27.10 0.16 -32.18
CA LEU A 313 -27.10 -1.12 -32.96
C LEU A 313 -26.06 -0.98 -34.07
N SER A 314 -26.10 0.15 -34.77
CA SER A 314 -25.21 0.43 -35.92
C SER A 314 -23.77 0.51 -35.43
N GLN A 315 -23.52 1.11 -34.27
CA GLN A 315 -22.16 1.17 -33.67
C GLN A 315 -21.65 -0.26 -33.38
N TRP A 316 -22.49 -1.18 -32.90
CA TRP A 316 -22.07 -2.59 -32.65
C TRP A 316 -21.80 -3.32 -33.97
N GLU A 317 -22.60 -3.06 -35.00
CA GLU A 317 -22.34 -3.63 -36.33
C GLU A 317 -20.95 -3.20 -36.80
N LYS A 318 -20.59 -1.94 -36.58
CA LYS A 318 -19.25 -1.39 -36.92
C LYS A 318 -18.16 -2.07 -36.10
N VAL A 319 -18.42 -2.51 -34.87
CA VAL A 319 -17.40 -3.26 -34.04
C VAL A 319 -17.14 -4.61 -34.73
N ILE A 320 -18.20 -5.33 -35.11
CA ILE A 320 -18.09 -6.70 -35.73
C ILE A 320 -17.29 -6.57 -37.03
N ARG A 321 -17.56 -5.56 -37.85
CA ARG A 321 -16.93 -5.38 -39.19
C ARG A 321 -15.51 -4.80 -39.06
N GLY A 322 -14.87 -4.94 -37.90
CA GLY A 322 -13.47 -4.54 -37.68
C GLY A 322 -13.24 -3.04 -37.66
N GLU A 323 -14.22 -2.21 -38.04
CA GLU A 323 -14.09 -0.73 -38.15
C GLU A 323 -13.94 -0.09 -36.75
N GLU A 324 -14.13 -0.86 -35.67
CA GLU A 324 -13.79 -0.49 -34.26
C GLU A 324 -13.96 -1.73 -33.37
N GLN B 11 2.00 13.14 30.96
CA GLN B 11 1.80 12.69 29.55
C GLN B 11 2.35 13.76 28.58
N GLY B 12 3.50 14.36 28.89
CA GLY B 12 4.14 15.43 28.10
C GLY B 12 5.34 14.92 27.32
N LEU B 13 6.19 14.12 27.98
CA LEU B 13 7.48 13.60 27.42
C LEU B 13 7.25 12.24 26.72
N MET B 14 6.21 12.16 25.89
CA MET B 14 5.93 11.03 24.96
C MET B 14 6.39 11.44 23.56
N GLN B 15 7.42 10.76 23.05
CA GLN B 15 7.84 10.85 21.64
C GLN B 15 7.21 9.66 20.92
N PHE B 16 6.69 9.86 19.72
CA PHE B 16 6.39 8.76 18.78
C PHE B 16 7.72 8.17 18.33
N THR B 17 7.79 6.85 18.29
CA THR B 17 8.98 6.08 17.85
C THR B 17 8.54 5.13 16.75
N LEU B 18 9.42 4.87 15.80
CA LEU B 18 9.13 4.00 14.65
C LEU B 18 10.03 2.79 14.72
N PRO B 19 9.58 1.64 14.18
CA PRO B 19 10.46 0.49 13.99
C PRO B 19 11.81 0.92 13.40
N VAL B 20 12.90 0.26 13.80
CA VAL B 20 14.28 0.66 13.44
C VAL B 20 14.28 1.13 11.98
N ARG B 21 13.91 0.25 11.04
CA ARG B 21 14.09 0.45 9.57
C ARG B 21 13.36 1.72 9.10
N LEU B 22 12.15 2.01 9.59
CA LEU B 22 11.41 3.23 9.18
C LEU B 22 12.18 4.44 9.74
N CYS B 23 12.64 4.33 10.97
CA CYS B 23 13.32 5.41 11.73
C CYS B 23 14.47 5.97 10.88
N LYS B 24 15.24 5.09 10.23
CA LYS B 24 16.45 5.48 9.44
C LYS B 24 16.07 5.81 8.00
N GLU B 25 15.01 5.22 7.46
CA GLU B 25 14.66 5.33 6.03
C GLU B 25 13.87 6.62 5.82
N ILE B 26 13.15 7.08 6.84
CA ILE B 26 12.20 8.24 6.75
C ILE B 26 13.00 9.53 6.51
N GLU B 27 14.29 9.52 6.85
CA GLU B 27 15.17 10.71 6.69
C GLU B 27 15.60 10.85 5.25
N LEU B 28 15.46 9.80 4.45
CA LEU B 28 15.77 9.83 2.99
C LEU B 28 14.55 10.36 2.21
N PHE B 29 14.82 11.04 1.11
CA PHE B 29 13.81 11.62 0.20
C PHE B 29 13.03 10.48 -0.47
N HIS B 30 13.64 9.32 -0.71
CA HIS B 30 13.00 8.27 -1.56
C HIS B 30 12.19 7.29 -0.71
N PHE B 31 11.99 7.59 0.57
CA PHE B 31 11.21 6.79 1.54
C PHE B 31 9.79 6.55 0.99
N ASP B 32 9.31 5.30 1.08
CA ASP B 32 7.92 4.88 0.80
C ASP B 32 7.27 4.57 2.15
N ILE B 33 6.07 5.09 2.41
CA ILE B 33 5.40 4.98 3.74
C ILE B 33 4.80 3.58 3.92
N GLY B 34 4.83 2.76 2.87
CA GLY B 34 4.41 1.35 2.94
C GLY B 34 2.90 1.15 2.87
N PRO B 35 2.44 -0.12 2.85
CA PRO B 35 1.03 -0.45 2.63
C PRO B 35 0.17 -0.60 3.88
N PHE B 36 0.71 -0.34 5.06
CA PHE B 36 -0.03 -0.44 6.34
C PHE B 36 -0.63 0.93 6.68
N GLU B 37 -1.86 1.18 6.20
CA GLU B 37 -2.62 2.45 6.39
C GLU B 37 -2.59 2.89 7.84
N ASN B 38 -2.64 1.94 8.79
CA ASN B 38 -2.83 2.20 10.24
C ASN B 38 -1.55 2.81 10.82
N MET B 39 -0.41 2.66 10.14
CA MET B 39 0.86 3.30 10.55
C MET B 39 1.00 4.75 10.05
N TRP B 40 0.19 5.20 9.09
CA TRP B 40 0.45 6.48 8.39
C TRP B 40 0.27 7.64 9.37
N PRO B 41 -0.82 7.68 10.18
CA PRO B 41 -1.01 8.77 11.13
C PRO B 41 0.20 8.91 12.06
N GLY B 42 0.76 7.80 12.52
CA GLY B 42 1.90 7.81 13.45
C GLY B 42 3.16 8.28 12.76
N ILE B 43 3.33 7.94 11.49
CA ILE B 43 4.46 8.44 10.65
C ILE B 43 4.36 9.97 10.57
N PHE B 44 3.15 10.49 10.40
CA PHE B 44 2.96 11.96 10.24
C PHE B 44 3.25 12.68 11.57
N VAL B 45 2.71 12.19 12.69
CA VAL B 45 2.92 12.77 14.05
C VAL B 45 4.42 12.75 14.36
N TYR B 46 5.09 11.63 14.08
CA TYR B 46 6.55 11.47 14.23
C TYR B 46 7.27 12.60 13.49
N MET B 47 6.92 12.80 12.22
CA MET B 47 7.55 13.85 11.35
C MET B 47 7.28 15.23 11.95
N VAL B 48 6.09 15.50 12.47
CA VAL B 48 5.76 16.79 13.12
C VAL B 48 6.63 16.96 14.38
N HIS B 49 6.75 15.94 15.21
CA HIS B 49 7.52 16.00 16.48
C HIS B 49 9.00 16.25 16.19
N ARG B 50 9.58 15.63 15.15
CA ARG B 50 11.01 15.79 14.82
C ARG B 50 11.23 17.07 14.01
N SER B 51 10.19 17.58 13.35
CA SER B 51 10.33 18.75 12.46
C SER B 51 10.21 20.05 13.26
N CYS B 52 9.31 20.11 14.24
CA CYS B 52 9.11 21.37 15.01
C CYS B 52 8.77 21.11 16.49
N GLY B 53 8.95 19.89 17.01
CA GLY B 53 8.91 19.62 18.47
C GLY B 53 7.61 18.99 18.96
N THR B 54 7.67 18.30 20.10
CA THR B 54 6.53 17.65 20.80
C THR B 54 5.52 18.71 21.26
N SER B 55 5.94 19.97 21.30
CA SER B 55 5.22 21.12 21.89
C SER B 55 4.40 21.87 20.83
N CYS B 56 4.66 21.65 19.54
CA CYS B 56 4.06 22.38 18.39
C CYS B 56 2.54 22.31 18.48
N PHE B 57 2.00 21.15 18.93
CA PHE B 57 0.55 20.82 18.88
C PHE B 57 0.17 19.98 20.10
N GLU B 58 -0.98 20.29 20.72
CA GLU B 58 -1.57 19.40 21.74
C GLU B 58 -1.89 18.10 21.01
N LEU B 59 -1.32 16.98 21.46
CA LEU B 59 -1.38 15.67 20.76
C LEU B 59 -2.83 15.23 20.56
N GLU B 60 -3.73 15.52 21.51
CA GLU B 60 -5.15 15.08 21.46
C GLU B 60 -5.82 15.78 20.28
N LYS B 61 -5.76 17.12 20.22
CA LYS B 61 -6.28 17.94 19.10
C LYS B 61 -5.68 17.51 17.75
N LEU B 62 -4.36 17.27 17.69
CA LEU B 62 -3.64 16.90 16.44
C LEU B 62 -4.18 15.55 15.93
N CME B 63 -4.34 14.56 16.80
CA CME B 63 -4.79 13.19 16.44
CB CME B 63 -4.57 12.18 17.56
SG CME B 63 -2.87 11.57 17.70
SD CME B 63 -2.67 10.26 16.12
CE CME B 63 -3.24 8.67 16.78
CZ CME B 63 -2.11 7.77 17.18
OH CME B 63 -2.45 6.94 18.28
C CME B 63 -6.23 13.27 15.96
O CME B 63 -6.57 12.54 15.03
N ARG B 64 -7.02 14.15 16.55
CA ARG B 64 -8.43 14.36 16.14
C ARG B 64 -8.46 15.02 14.75
N PHE B 65 -7.62 16.04 14.54
CA PHE B 65 -7.43 16.72 13.25
C PHE B 65 -7.02 15.69 12.19
N ILE B 66 -5.96 14.92 12.45
CA ILE B 66 -5.42 13.91 11.48
C ILE B 66 -6.55 12.96 11.07
N MET B 67 -7.31 12.42 12.02
CA MET B 67 -8.34 11.40 11.72
C MET B 67 -9.50 12.06 10.94
N SER B 68 -9.89 13.29 11.26
CA SER B 68 -10.88 14.03 10.45
C SER B 68 -10.36 14.22 9.01
N VAL B 69 -9.08 14.55 8.84
CA VAL B 69 -8.48 14.77 7.49
C VAL B 69 -8.55 13.44 6.75
N LYS B 70 -8.02 12.36 7.33
CA LYS B 70 -8.09 11.00 6.70
C LYS B 70 -9.49 10.73 6.18
N LYS B 71 -10.49 10.97 7.02
CA LYS B 71 -11.92 10.68 6.77
C LYS B 71 -12.40 11.45 5.53
N ASN B 72 -11.82 12.61 5.23
CA ASN B 72 -12.27 13.50 4.13
C ASN B 72 -11.42 13.31 2.84
N TYR B 73 -10.51 12.34 2.81
CA TYR B 73 -9.90 11.81 1.56
C TYR B 73 -10.74 10.62 1.10
N ARG B 74 -10.93 10.50 -0.20
CA ARG B 74 -11.83 9.51 -0.84
C ARG B 74 -11.03 8.29 -1.28
N ARG B 75 -11.73 7.20 -1.53
CA ARG B 75 -11.07 5.93 -1.91
C ARG B 75 -10.89 5.93 -3.42
N VAL B 76 -10.02 6.80 -3.90
CA VAL B 76 -9.68 6.96 -5.34
C VAL B 76 -8.30 6.36 -5.53
N PRO B 77 -7.89 6.03 -6.78
CA PRO B 77 -6.64 5.31 -7.01
C PRO B 77 -5.34 6.07 -6.61
N TYR B 78 -5.29 7.37 -6.78
CA TYR B 78 -4.04 8.15 -6.52
C TYR B 78 -4.29 9.29 -5.52
N HIS B 79 -5.29 10.14 -5.73
CA HIS B 79 -5.55 11.38 -4.95
C HIS B 79 -6.23 11.01 -3.63
N ASN B 80 -5.54 10.21 -2.83
CA ASN B 80 -6.07 9.52 -1.64
C ASN B 80 -5.20 9.88 -0.42
N TRP B 81 -5.57 9.34 0.74
CA TRP B 81 -4.85 9.51 2.02
C TRP B 81 -3.37 9.17 1.89
N LYS B 82 -3.02 8.12 1.16
CA LYS B 82 -1.60 7.71 1.02
C LYS B 82 -0.82 8.83 0.32
N HIS B 83 -1.41 9.49 -0.68
CA HIS B 83 -0.75 10.59 -1.43
C HIS B 83 -0.52 11.74 -0.45
N ALA B 84 -1.52 12.10 0.35
CA ALA B 84 -1.42 13.19 1.34
C ALA B 84 -0.18 12.97 2.20
N VAL B 85 0.00 11.78 2.76
CA VAL B 85 1.06 11.54 3.79
C VAL B 85 2.39 11.51 3.06
N THR B 86 2.41 10.98 1.83
CA THR B 86 3.63 10.88 0.98
C THR B 86 4.16 12.28 0.66
N VAL B 87 3.26 13.20 0.32
CA VAL B 87 3.61 14.61 0.02
C VAL B 87 4.09 15.27 1.32
N ALA B 88 3.44 15.02 2.46
CA ALA B 88 3.90 15.57 3.74
C ALA B 88 5.31 15.05 4.06
N HIS B 89 5.60 13.79 3.78
CA HIS B 89 6.93 13.20 4.05
C HIS B 89 8.00 13.92 3.22
N CYS B 90 7.76 14.13 1.92
CA CYS B 90 8.69 14.92 1.06
C CYS B 90 8.94 16.29 1.69
N MET B 91 7.91 17.01 2.11
CA MET B 91 8.10 18.33 2.76
C MET B 91 8.98 18.13 4.00
N TYR B 92 8.74 17.08 4.77
CA TYR B 92 9.51 16.74 5.98
C TYR B 92 11.00 16.65 5.62
N ALA B 93 11.37 15.92 4.56
CA ALA B 93 12.77 15.74 4.15
C ALA B 93 13.36 17.08 3.71
N ILE B 94 12.59 17.94 3.03
CA ILE B 94 13.10 19.28 2.62
C ILE B 94 13.38 20.10 3.88
N LEU B 95 12.43 20.16 4.81
CA LEU B 95 12.54 20.95 6.05
C LEU B 95 13.71 20.45 6.89
N GLN B 96 13.89 19.12 7.00
CA GLN B 96 14.95 18.53 7.86
C GLN B 96 16.33 18.85 7.27
N ASN B 97 16.46 19.01 5.95
CA ASN B 97 17.75 19.34 5.25
C ASN B 97 17.90 20.84 5.01
N ASN B 98 16.98 21.69 5.46
CA ASN B 98 17.11 23.16 5.31
C ASN B 98 16.55 23.83 6.57
N HIS B 99 16.86 23.29 7.76
CA HIS B 99 16.06 23.58 8.97
C HIS B 99 16.20 25.04 9.42
N THR B 100 17.33 25.71 9.16
CA THR B 100 17.53 27.12 9.59
C THR B 100 16.86 28.10 8.64
N LEU B 101 16.46 27.68 7.43
CA LEU B 101 15.90 28.60 6.40
C LEU B 101 14.44 28.96 6.71
N PHE B 102 13.70 28.15 7.48
CA PHE B 102 12.24 28.31 7.67
C PHE B 102 11.91 28.62 9.12
N THR B 103 10.92 29.48 9.33
CA THR B 103 10.44 29.87 10.67
C THR B 103 9.67 28.70 11.30
N ASP B 104 9.45 28.80 12.62
CA ASP B 104 8.65 27.84 13.42
C ASP B 104 7.24 27.75 12.81
N LEU B 105 6.64 28.90 12.49
CA LEU B 105 5.30 28.98 11.86
C LEU B 105 5.31 28.19 10.54
N GLU B 106 6.30 28.44 9.68
CA GLU B 106 6.33 27.84 8.33
C GLU B 106 6.44 26.32 8.47
N ARG B 107 7.26 25.81 9.39
CA ARG B 107 7.40 24.34 9.60
C ARG B 107 6.02 23.77 10.00
N LYS B 108 5.34 24.43 10.94
CA LYS B 108 3.99 24.02 11.41
C LYS B 108 3.04 23.97 10.21
N GLY B 109 2.95 25.08 9.46
CA GLY B 109 1.95 25.33 8.41
C GLY B 109 2.15 24.40 7.22
N LEU B 110 3.40 24.15 6.87
CA LEU B 110 3.73 23.45 5.61
C LEU B 110 3.44 21.94 5.73
N LEU B 111 3.70 21.30 6.87
CA LEU B 111 3.41 19.84 6.99
C LEU B 111 1.90 19.66 7.01
N ILE B 112 1.18 20.59 7.63
CA ILE B 112 -0.31 20.57 7.68
C ILE B 112 -0.83 20.86 6.26
N ALA B 113 -0.21 21.79 5.53
CA ALA B 113 -0.63 22.15 4.16
C ALA B 113 -0.53 20.92 3.27
N CYS B 114 0.58 20.21 3.33
CA CYS B 114 0.82 18.99 2.54
C CYS B 114 -0.26 17.94 2.84
N LEU B 115 -0.59 17.77 4.11
CA LEU B 115 -1.50 16.69 4.55
C LEU B 115 -2.89 16.96 4.00
N CYS B 116 -3.29 18.23 3.93
CA CYS B 116 -4.63 18.71 3.53
C CYS B 116 -4.72 19.08 2.04
N HIS B 117 -3.63 19.06 1.28
CA HIS B 117 -3.53 19.77 -0.03
C HIS B 117 -4.49 19.19 -1.06
N ASP B 118 -4.89 17.92 -0.94
CA ASP B 118 -5.84 17.31 -1.90
C ASP B 118 -7.14 16.92 -1.19
N LEU B 119 -7.49 17.51 -0.05
CA LEU B 119 -8.70 17.12 0.74
C LEU B 119 -9.91 17.02 -0.19
N ASP B 120 -10.59 15.88 -0.16
CA ASP B 120 -11.93 15.65 -0.76
C ASP B 120 -11.82 15.66 -2.29
N HIS B 121 -10.63 15.33 -2.80
CA HIS B 121 -10.38 15.13 -4.24
C HIS B 121 -11.26 13.99 -4.74
N ARG B 122 -11.86 14.14 -5.92
CA ARG B 122 -12.79 13.13 -6.49
C ARG B 122 -12.07 12.36 -7.60
N GLY B 123 -10.78 12.67 -7.83
CA GLY B 123 -9.91 12.02 -8.84
C GLY B 123 -10.02 12.66 -10.21
N PHE B 124 -10.59 13.88 -10.29
CA PHE B 124 -10.86 14.59 -11.56
C PHE B 124 -10.16 15.96 -11.56
N SER B 125 -9.62 16.35 -12.71
CA SER B 125 -8.92 17.65 -12.90
C SER B 125 -9.91 18.82 -12.84
N ASN B 126 -9.37 20.02 -12.67
CA ASN B 126 -10.15 21.30 -12.72
C ASN B 126 -10.86 21.42 -14.08
N SER B 127 -10.20 21.00 -15.18
CA SER B 127 -10.77 21.04 -16.54
CA SER B 127 -10.78 21.05 -16.55
C SER B 127 -12.05 20.20 -16.61
N TYR B 128 -12.02 18.99 -16.06
CA TYR B 128 -13.20 18.08 -16.09
C TYR B 128 -14.35 18.74 -15.32
N LEU B 129 -14.08 19.29 -14.13
CA LEU B 129 -15.11 19.96 -13.28
C LEU B 129 -15.71 21.12 -14.08
N GLN B 130 -14.89 21.84 -14.83
CA GLN B 130 -15.33 22.97 -15.69
C GLN B 130 -16.23 22.43 -16.80
N LYS B 131 -15.79 21.42 -17.56
CA LYS B 131 -16.59 20.90 -18.69
C LYS B 131 -17.86 20.20 -18.18
N PHE B 132 -17.86 19.64 -16.99
CA PHE B 132 -19.04 18.93 -16.45
C PHE B 132 -20.08 19.96 -15.96
N ASP B 133 -19.60 21.17 -15.67
CA ASP B 133 -20.37 22.24 -15.00
C ASP B 133 -20.71 21.76 -13.58
N HIS B 134 -19.71 21.28 -12.83
CA HIS B 134 -19.81 20.91 -11.39
C HIS B 134 -20.03 22.18 -10.56
N PRO B 135 -20.86 22.15 -9.48
CA PRO B 135 -21.04 23.32 -8.61
C PRO B 135 -19.72 23.98 -8.16
N LEU B 136 -18.68 23.20 -7.89
CA LEU B 136 -17.38 23.78 -7.47
C LEU B 136 -16.80 24.68 -8.58
N ALA B 137 -17.08 24.40 -9.86
CA ALA B 137 -16.61 25.25 -11.00
C ALA B 137 -17.24 26.65 -10.93
N ALA B 138 -18.49 26.76 -10.47
CA ALA B 138 -19.21 28.06 -10.35
C ALA B 138 -18.71 28.80 -9.12
N LEU B 139 -18.42 28.09 -8.04
CA LEU B 139 -17.94 28.65 -6.77
C LEU B 139 -16.51 29.18 -6.92
N TYR B 140 -15.65 28.49 -7.66
CA TYR B 140 -14.20 28.78 -7.76
C TYR B 140 -13.79 28.72 -9.23
N SER B 141 -13.72 29.86 -9.91
CA SER B 141 -13.58 29.89 -11.39
C SER B 141 -12.19 29.42 -11.79
N THR B 142 -11.17 29.67 -10.97
CA THR B 142 -9.77 29.18 -11.21
C THR B 142 -9.28 28.40 -10.00
N SER B 143 -8.34 27.50 -10.22
CA SER B 143 -7.74 26.67 -9.16
C SER B 143 -8.89 26.02 -8.37
N THR B 144 -9.86 25.46 -9.08
CA THR B 144 -11.19 25.06 -8.55
C THR B 144 -10.98 24.08 -7.40
N MET B 145 -10.29 22.97 -7.65
CA MET B 145 -10.13 21.94 -6.60
C MET B 145 -9.28 22.52 -5.45
N GLU B 146 -8.25 23.31 -5.77
CA GLU B 146 -7.29 23.78 -4.75
C GLU B 146 -8.02 24.74 -3.82
N GLN B 147 -8.87 25.63 -4.32
CA GLN B 147 -9.69 26.47 -3.40
C GLN B 147 -10.58 25.57 -2.52
N HIS B 148 -11.11 24.49 -3.09
CA HIS B 148 -11.95 23.51 -2.36
C HIS B 148 -11.11 22.84 -1.28
N HIS B 149 -9.91 22.34 -1.63
CA HIS B 149 -9.01 21.71 -0.63
C HIS B 149 -8.80 22.66 0.57
N PHE B 150 -8.60 23.95 0.33
CA PHE B 150 -8.32 24.91 1.43
C PHE B 150 -9.58 25.14 2.29
N SER B 151 -10.72 25.34 1.64
CA SER B 151 -12.05 25.44 2.29
C SER B 151 -12.29 24.25 3.23
N GLN B 152 -12.00 23.03 2.77
CA GLN B 152 -12.12 21.80 3.58
C GLN B 152 -11.17 21.86 4.77
N THR B 153 -9.96 22.36 4.60
CA THR B 153 -8.94 22.44 5.67
C THR B 153 -9.44 23.34 6.79
N VAL B 154 -9.98 24.49 6.43
CA VAL B 154 -10.54 25.47 7.41
C VAL B 154 -11.75 24.87 8.14
N SER B 155 -12.64 24.15 7.44
CA SER B 155 -13.87 23.53 8.03
C SER B 155 -13.47 22.52 9.10
N ILE B 156 -12.43 21.73 8.85
CA ILE B 156 -11.93 20.72 9.83
C ILE B 156 -11.27 21.44 11.00
N LEU B 157 -10.53 22.52 10.76
CA LEU B 157 -9.90 23.31 11.86
C LEU B 157 -10.98 23.92 12.77
N GLN B 158 -12.20 24.12 12.27
CA GLN B 158 -13.28 24.77 13.05
C GLN B 158 -14.16 23.73 13.75
N LEU B 159 -14.02 22.44 13.44
CA LEU B 159 -14.70 21.36 14.19
C LEU B 159 -14.32 21.49 15.69
N GLU B 160 -15.25 21.12 16.57
CA GLU B 160 -15.06 20.99 18.04
C GLU B 160 -13.75 20.28 18.36
N GLY B 161 -12.81 20.94 19.02
CA GLY B 161 -11.58 20.29 19.53
C GLY B 161 -10.60 19.91 18.44
N HIS B 162 -10.71 20.50 17.24
CA HIS B 162 -9.81 20.23 16.08
C HIS B 162 -8.82 21.37 15.82
N ASN B 163 -8.87 22.48 16.57
CA ASN B 163 -8.06 23.69 16.24
C ASN B 163 -6.66 23.56 16.84
N ILE B 164 -5.81 22.86 16.11
CA ILE B 164 -4.40 22.57 16.45
C ILE B 164 -3.58 23.86 16.57
N PHE B 165 -4.12 25.00 16.16
CA PHE B 165 -3.41 26.30 16.18
C PHE B 165 -4.01 27.18 17.28
N SER B 166 -4.62 26.60 18.29
CA SER B 166 -5.37 27.36 19.33
C SER B 166 -4.36 28.14 20.19
N THR B 167 -3.12 27.66 20.35
CA THR B 167 -2.09 28.27 21.22
C THR B 167 -1.50 29.55 20.59
N LEU B 168 -1.48 29.66 19.26
CA LEU B 168 -0.88 30.81 18.51
C LEU B 168 -1.60 32.10 18.88
N SER B 169 -0.91 33.23 18.90
CA SER B 169 -1.53 34.58 18.95
C SER B 169 -2.45 34.75 17.74
N SER B 170 -3.36 35.71 17.79
CA SER B 170 -4.29 36.05 16.68
C SER B 170 -3.49 36.40 15.40
N SER B 171 -2.31 37.02 15.55
CA SER B 171 -1.45 37.39 14.39
C SER B 171 -0.76 36.16 13.82
N GLU B 172 -0.17 35.32 14.68
CA GLU B 172 0.47 34.06 14.24
C GLU B 172 -0.58 33.15 13.57
N TYR B 173 -1.81 33.11 14.09
CA TYR B 173 -2.91 32.27 13.56
C TYR B 173 -3.16 32.70 12.12
N GLU B 174 -3.36 34.00 11.91
CA GLU B 174 -3.67 34.56 10.57
C GLU B 174 -2.51 34.29 9.62
N GLN B 175 -1.27 34.41 10.09
CA GLN B 175 -0.10 34.18 9.22
C GLN B 175 -0.06 32.71 8.80
N VAL B 176 -0.28 31.76 9.72
CA VAL B 176 -0.15 30.31 9.41
C VAL B 176 -1.29 29.92 8.46
N LEU B 177 -2.49 30.48 8.61
CA LEU B 177 -3.61 30.14 7.70
C LEU B 177 -3.29 30.69 6.31
N GLU B 178 -2.57 31.81 6.24
CA GLU B 178 -2.21 32.46 4.95
C GLU B 178 -1.07 31.70 4.27
N ILE B 179 -0.15 31.15 5.05
CA ILE B 179 0.89 30.20 4.56
C ILE B 179 0.19 28.98 3.94
N ILE B 180 -0.75 28.37 4.68
CA ILE B 180 -1.43 27.12 4.24
C ILE B 180 -2.23 27.42 2.96
N ARG B 181 -2.98 28.51 2.90
CA ARG B 181 -3.79 28.85 1.70
C ARG B 181 -2.88 28.95 0.48
N LYS B 182 -1.80 29.73 0.55
CA LYS B 182 -0.91 29.95 -0.61
C LYS B 182 -0.23 28.64 -0.98
N ALA B 183 0.15 27.83 0.02
CA ALA B 183 0.82 26.54 -0.22
C ALA B 183 -0.14 25.62 -0.98
N ILE B 184 -1.40 25.55 -0.59
CA ILE B 184 -2.38 24.62 -1.20
C ILE B 184 -2.75 25.13 -2.61
N ILE B 185 -2.94 26.44 -2.77
CA ILE B 185 -3.22 27.03 -4.13
C ILE B 185 -2.07 26.74 -5.07
N ALA B 186 -0.82 26.79 -4.60
CA ALA B 186 0.39 26.57 -5.44
C ALA B 186 0.42 25.14 -6.00
N THR B 187 -0.32 24.18 -5.42
CA THR B 187 -0.34 22.79 -5.92
C THR B 187 -1.16 22.70 -7.21
N ASP B 188 -1.85 23.78 -7.62
CA ASP B 188 -2.46 23.89 -8.98
C ASP B 188 -1.32 23.94 -9.99
N LEU B 189 -1.06 22.86 -10.73
CA LEU B 189 0.13 22.73 -11.60
C LEU B 189 0.07 23.77 -12.74
N ALA B 190 -1.10 24.29 -13.08
CA ALA B 190 -1.28 25.42 -14.00
C ALA B 190 -0.45 26.62 -13.50
N LEU B 191 -0.30 26.80 -12.19
CA LEU B 191 0.42 27.99 -11.63
C LEU B 191 1.91 27.70 -11.55
N TYR B 192 2.33 26.45 -11.62
CA TYR B 192 3.74 26.06 -11.40
C TYR B 192 4.61 26.67 -12.51
N PHE B 193 4.18 26.59 -13.76
CA PHE B 193 4.98 27.00 -14.95
C PHE B 193 5.49 28.43 -14.75
N GLY B 194 4.59 29.38 -14.47
CA GLY B 194 4.91 30.80 -14.22
C GLY B 194 5.78 30.99 -12.99
N ASN B 195 5.45 30.31 -11.89
CA ASN B 195 6.21 30.40 -10.61
C ASN B 195 7.64 29.94 -10.83
N ARG B 196 7.85 28.75 -11.37
CA ARG B 196 9.23 28.26 -11.64
C ARG B 196 9.98 29.23 -12.55
N LYS B 197 9.34 29.77 -13.60
CA LYS B 197 9.99 30.72 -14.55
C LYS B 197 10.49 31.95 -13.78
N GLN B 198 9.65 32.60 -12.97
CA GLN B 198 10.06 33.79 -12.18
C GLN B 198 11.20 33.46 -11.21
N LEU B 199 11.25 32.23 -10.68
CA LEU B 199 12.28 31.86 -9.67
C LEU B 199 13.60 31.55 -10.38
N GLU B 200 13.56 30.83 -11.50
CA GLU B 200 14.74 30.56 -12.37
C GLU B 200 15.38 31.91 -12.76
N GLU B 201 14.56 32.91 -13.05
CA GLU B 201 15.06 34.22 -13.52
C GLU B 201 15.65 34.98 -12.34
N MET B 202 14.95 35.03 -11.20
CA MET B 202 15.43 35.73 -9.97
C MET B 202 16.72 35.08 -9.49
N TYR B 203 16.84 33.76 -9.56
CA TYR B 203 18.01 33.04 -9.04
C TYR B 203 19.20 33.28 -9.97
N GLN B 204 19.01 33.06 -11.26
CA GLN B 204 20.15 33.02 -12.21
C GLN B 204 20.67 34.44 -12.41
N THR B 205 19.97 35.47 -11.96
CA THR B 205 20.46 36.87 -11.90
C THR B 205 20.89 37.28 -10.49
N GLY B 206 20.65 36.47 -9.46
CA GLY B 206 21.03 36.81 -8.07
C GLY B 206 20.16 37.88 -7.44
N SER B 207 18.94 38.08 -7.93
CA SER B 207 17.95 39.01 -7.32
C SER B 207 17.08 38.29 -6.26
N LEU B 208 17.16 36.95 -6.20
CA LEU B 208 16.32 36.12 -5.29
C LEU B 208 16.72 36.41 -3.84
N ASN B 209 15.74 36.76 -3.02
CA ASN B 209 15.95 37.31 -1.67
C ASN B 209 14.96 36.67 -0.71
N LEU B 210 15.40 35.69 0.07
CA LEU B 210 14.53 34.89 0.97
C LEU B 210 13.97 35.77 2.10
N ASN B 211 14.42 37.01 2.28
CA ASN B 211 13.86 37.93 3.30
C ASN B 211 12.75 38.76 2.68
N ASN B 212 12.59 38.67 1.37
CA ASN B 212 11.46 39.28 0.63
C ASN B 212 10.28 38.29 0.75
N GLN B 213 9.19 38.63 1.43
CA GLN B 213 8.05 37.71 1.66
C GLN B 213 7.56 37.14 0.32
N SER B 214 7.44 38.04 -0.67
CA SER B 214 7.01 37.77 -2.06
C SER B 214 7.92 36.69 -2.69
N HIS B 215 9.20 36.69 -2.38
CA HIS B 215 10.16 35.65 -2.86
C HIS B 215 9.98 34.35 -2.06
N ARG B 216 9.76 34.43 -0.75
CA ARG B 216 9.57 33.20 0.09
C ARG B 216 8.31 32.48 -0.40
N ASP B 217 7.24 33.24 -0.59
CA ASP B 217 5.96 32.73 -1.13
C ASP B 217 6.27 31.87 -2.35
N ARG B 218 7.06 32.40 -3.29
CA ARG B 218 7.35 31.69 -4.54
C ARG B 218 8.14 30.43 -4.23
N VAL B 219 9.17 30.54 -3.39
CA VAL B 219 10.02 29.35 -3.10
C VAL B 219 9.14 28.30 -2.39
N ILE B 220 8.20 28.72 -1.54
CA ILE B 220 7.32 27.75 -0.84
C ILE B 220 6.42 27.08 -1.90
N GLY B 221 5.89 27.86 -2.84
CA GLY B 221 5.10 27.35 -3.96
C GLY B 221 5.85 26.27 -4.71
N LEU B 222 7.14 26.52 -5.02
CA LEU B 222 7.95 25.54 -5.76
C LEU B 222 8.17 24.30 -4.88
N MET B 223 8.37 24.49 -3.58
CA MET B 223 8.50 23.34 -2.65
C MET B 223 7.22 22.50 -2.68
N MET B 224 6.06 23.14 -2.71
CA MET B 224 4.77 22.42 -2.73
C MET B 224 4.65 21.63 -4.02
N THR B 225 5.02 22.19 -5.18
CA THR B 225 5.06 21.42 -6.45
C THR B 225 6.00 20.22 -6.32
N ALA B 226 7.23 20.43 -5.85
CA ALA B 226 8.22 19.33 -5.69
C ALA B 226 7.66 18.20 -4.83
N CYS B 227 7.04 18.52 -3.70
CA CYS B 227 6.47 17.48 -2.79
C CYS B 227 5.32 16.77 -3.51
N ASP B 228 4.51 17.56 -4.21
CA ASP B 228 3.30 17.06 -4.92
C ASP B 228 3.71 16.07 -6.02
N LEU B 229 4.82 16.31 -6.70
CA LEU B 229 5.25 15.46 -7.84
C LEU B 229 6.17 14.35 -7.37
N CYS B 230 6.39 14.20 -6.05
CA CYS B 230 7.57 13.47 -5.50
C CYS B 230 7.54 12.00 -5.89
N SER B 231 6.41 11.47 -6.37
CA SER B 231 6.34 10.06 -6.80
C SER B 231 7.42 9.78 -7.85
N VAL B 232 7.78 10.76 -8.68
CA VAL B 232 8.79 10.62 -9.76
C VAL B 232 10.21 10.70 -9.18
N THR B 233 10.37 10.88 -7.86
CA THR B 233 11.69 11.01 -7.19
C THR B 233 11.94 9.78 -6.30
N LYS B 234 11.10 8.76 -6.44
CA LYS B 234 11.24 7.53 -5.64
C LYS B 234 12.11 6.60 -6.47
N LEU B 235 12.54 5.50 -5.86
CA LEU B 235 13.23 4.42 -6.61
C LEU B 235 12.28 3.88 -7.68
N TRP B 236 12.84 3.45 -8.80
CA TRP B 236 12.09 3.04 -10.02
C TRP B 236 10.88 2.17 -9.70
N PRO B 237 11.00 1.10 -8.90
CA PRO B 237 9.87 0.20 -8.68
C PRO B 237 8.66 0.87 -8.04
N VAL B 238 8.88 1.81 -7.11
CA VAL B 238 7.80 2.67 -6.52
C VAL B 238 7.22 3.58 -7.62
N THR B 239 8.09 4.28 -8.36
CA THR B 239 7.72 5.27 -9.40
C THR B 239 6.84 4.59 -10.46
N LYS B 240 7.26 3.42 -10.94
CA LYS B 240 6.56 2.59 -11.97
C LYS B 240 5.17 2.20 -11.46
N LEU B 241 5.08 1.65 -10.25
CA LEU B 241 3.79 1.17 -9.66
C LEU B 241 2.87 2.35 -9.36
N THR B 242 3.40 3.49 -8.92
CA THR B 242 2.60 4.73 -8.69
C THR B 242 2.03 5.22 -10.02
N ALA B 243 2.74 5.08 -11.14
CA ALA B 243 2.25 5.55 -12.46
C ALA B 243 0.97 4.80 -12.85
N ASN B 244 0.81 3.54 -12.43
CA ASN B 244 -0.45 2.77 -12.67
C ASN B 244 -1.63 3.48 -12.00
N ASP B 245 -1.45 3.97 -10.78
CA ASP B 245 -2.53 4.63 -9.99
C ASP B 245 -2.83 5.97 -10.64
N ILE B 246 -1.79 6.69 -11.03
CA ILE B 246 -1.95 8.03 -11.66
C ILE B 246 -2.81 7.87 -12.92
N TYR B 247 -2.51 6.89 -13.76
CA TYR B 247 -3.16 6.72 -15.09
C TYR B 247 -4.53 6.06 -14.93
N ALA B 248 -4.76 5.30 -13.85
CA ALA B 248 -6.10 4.76 -13.53
C ALA B 248 -7.04 5.96 -13.38
N GLU B 249 -6.61 7.04 -12.71
CA GLU B 249 -7.45 8.25 -12.57
C GLU B 249 -7.57 8.95 -13.92
N PHE B 250 -6.44 9.15 -14.61
CA PHE B 250 -6.43 9.87 -15.91
C PHE B 250 -7.42 9.18 -16.83
N TRP B 251 -7.37 7.85 -16.90
CA TRP B 251 -8.20 7.09 -17.86
C TRP B 251 -9.69 7.19 -17.49
N ALA B 252 -10.03 7.09 -16.20
CA ALA B 252 -11.40 7.28 -15.70
C ALA B 252 -11.90 8.68 -16.09
N GLU B 253 -11.05 9.71 -15.98
CA GLU B 253 -11.39 11.10 -16.39
C GLU B 253 -11.59 11.12 -17.91
N GLY B 254 -10.66 10.51 -18.65
CA GLY B 254 -10.77 10.27 -20.11
C GLY B 254 -12.13 9.70 -20.49
N ASP B 255 -12.58 8.68 -19.77
CA ASP B 255 -13.86 7.99 -20.03
C ASP B 255 -15.02 8.97 -19.79
N GLU B 256 -14.91 9.78 -18.73
CA GLU B 256 -15.97 10.74 -18.36
C GLU B 256 -16.00 11.89 -19.37
N MET B 257 -14.86 12.31 -19.92
CA MET B 257 -14.78 13.28 -21.05
C MET B 257 -15.55 12.72 -22.27
N LYS B 258 -15.27 11.47 -22.66
CA LYS B 258 -15.94 10.78 -23.78
C LYS B 258 -17.44 10.76 -23.54
N LYS B 259 -17.87 10.58 -22.28
CA LYS B 259 -19.32 10.58 -21.93
C LYS B 259 -19.92 11.97 -22.12
N LEU B 260 -19.13 13.05 -22.05
CA LEU B 260 -19.65 14.42 -22.31
C LEU B 260 -19.60 14.71 -23.80
N GLY B 261 -19.18 13.74 -24.61
CA GLY B 261 -19.00 13.90 -26.06
C GLY B 261 -17.75 14.71 -26.37
N ILE B 262 -16.67 14.53 -25.60
CA ILE B 262 -15.41 15.31 -25.78
C ILE B 262 -14.25 14.33 -25.90
N GLN B 263 -13.49 14.41 -26.98
CA GLN B 263 -12.31 13.54 -27.17
C GLN B 263 -11.29 14.00 -26.15
N PRO B 264 -10.86 13.14 -25.19
CA PRO B 264 -9.90 13.59 -24.19
C PRO B 264 -8.51 13.72 -24.83
N ILE B 265 -7.60 14.45 -24.19
CA ILE B 265 -6.17 14.50 -24.60
C ILE B 265 -5.61 13.08 -24.44
N PRO B 266 -4.60 12.70 -25.24
CA PRO B 266 -4.07 11.33 -25.27
C PRO B 266 -3.70 10.75 -23.89
N MET B 267 -3.16 11.58 -23.02
CA MET B 267 -2.71 11.23 -21.65
C MET B 267 -3.86 10.56 -20.88
N MET B 268 -5.11 10.98 -21.14
CA MET B 268 -6.33 10.51 -20.43
C MET B 268 -7.09 9.42 -21.22
N ASP B 269 -6.62 9.09 -22.41
CA ASP B 269 -7.34 8.19 -23.34
C ASP B 269 -6.79 6.77 -23.17
N ARG B 270 -7.57 5.87 -22.57
CA ARG B 270 -7.10 4.49 -22.27
C ARG B 270 -6.85 3.75 -23.60
N ASP B 271 -7.41 4.21 -24.72
CA ASP B 271 -7.12 3.61 -26.04
C ASP B 271 -5.68 3.94 -26.45
N LYS B 272 -5.07 5.00 -25.91
CA LYS B 272 -3.69 5.40 -26.29
C LYS B 272 -2.70 4.98 -25.20
N LYS B 273 -2.90 3.79 -24.62
CA LYS B 273 -2.14 3.25 -23.46
C LYS B 273 -0.69 2.92 -23.86
N ASP B 274 -0.45 2.66 -25.15
CA ASP B 274 0.89 2.31 -25.69
C ASP B 274 1.81 3.54 -25.65
N GLU B 275 1.24 4.77 -25.59
CA GLU B 275 1.97 6.06 -25.66
C GLU B 275 2.42 6.57 -24.28
N VAL B 276 2.13 5.83 -23.20
CA VAL B 276 2.41 6.25 -21.78
C VAL B 276 3.91 6.49 -21.57
N PRO B 277 4.82 5.59 -22.01
CA PRO B 277 6.25 5.79 -21.83
C PRO B 277 6.71 7.13 -22.43
N GLN B 278 6.32 7.44 -23.67
CA GLN B 278 6.65 8.73 -24.32
C GLN B 278 6.04 9.89 -23.52
N GLY B 279 4.83 9.71 -22.96
CA GLY B 279 4.12 10.73 -22.13
C GLY B 279 4.81 10.98 -20.80
N GLN B 280 5.37 9.95 -20.16
CA GLN B 280 6.24 10.13 -18.98
C GLN B 280 7.48 10.93 -19.38
N LEU B 281 8.14 10.54 -20.47
CA LEU B 281 9.33 11.26 -21.02
C LEU B 281 8.98 12.76 -21.17
N GLY B 282 7.84 13.07 -21.78
CA GLY B 282 7.44 14.46 -22.03
C GLY B 282 7.29 15.20 -20.70
N PHE B 283 6.64 14.56 -19.73
CA PHE B 283 6.32 15.14 -18.42
C PHE B 283 7.61 15.43 -17.62
N TYR B 284 8.56 14.51 -17.60
CA TYR B 284 9.87 14.70 -16.89
C TYR B 284 10.61 15.90 -17.50
N ASN B 285 10.71 15.95 -18.82
CA ASN B 285 11.47 17.00 -19.57
C ASN B 285 10.77 18.35 -19.46
N ALA B 286 9.43 18.40 -19.47
CA ALA B 286 8.64 19.65 -19.50
C ALA B 286 8.33 20.16 -18.11
N VAL B 287 8.21 19.27 -17.10
CA VAL B 287 7.71 19.64 -15.75
C VAL B 287 8.70 19.19 -14.65
N ALA B 288 8.92 17.90 -14.45
CA ALA B 288 9.61 17.38 -13.24
C ALA B 288 11.07 17.85 -13.19
N ILE B 289 11.85 17.63 -14.26
CA ILE B 289 13.31 17.92 -14.25
C ILE B 289 13.50 19.41 -14.02
N PRO B 290 12.80 20.31 -14.75
CA PRO B 290 12.91 21.73 -14.47
C PRO B 290 12.57 22.10 -13.02
N CYS B 291 11.53 21.47 -12.47
CA CYS B 291 11.06 21.69 -11.07
C CYS B 291 12.20 21.38 -10.09
N TYR B 292 12.78 20.18 -10.16
CA TYR B 292 13.83 19.69 -9.22
C TYR B 292 15.19 20.34 -9.54
N THR B 293 15.44 20.75 -10.78
CA THR B 293 16.66 21.54 -11.14
C THR B 293 16.58 22.87 -10.39
N THR B 294 15.49 23.63 -10.52
CA THR B 294 15.34 24.96 -9.89
C THR B 294 15.30 24.81 -8.37
N LEU B 295 14.68 23.75 -7.85
CA LEU B 295 14.61 23.55 -6.39
C LEU B 295 16.05 23.32 -5.89
N THR B 296 16.85 22.55 -6.62
CA THR B 296 18.24 22.21 -6.24
C THR B 296 19.11 23.48 -6.26
N GLN B 297 18.93 24.35 -7.25
CA GLN B 297 19.64 25.65 -7.30
C GLN B 297 19.32 26.47 -6.05
N ILE B 298 18.03 26.63 -5.72
CA ILE B 298 17.62 27.49 -4.59
C ILE B 298 17.93 26.80 -3.25
N LEU B 299 17.80 25.48 -3.17
CA LEU B 299 17.99 24.67 -1.91
C LEU B 299 18.85 23.45 -2.24
N PRO B 300 20.19 23.63 -2.37
CA PRO B 300 21.12 22.55 -2.71
C PRO B 300 20.96 21.20 -2.00
N PRO B 301 20.60 21.14 -0.70
CA PRO B 301 20.36 19.86 -0.03
C PRO B 301 19.15 19.06 -0.58
N THR B 302 18.32 19.64 -1.47
CA THR B 302 17.25 18.89 -2.17
C THR B 302 17.78 18.12 -3.40
N GLU B 303 19.08 18.16 -3.65
CA GLU B 303 19.78 17.49 -4.77
C GLU B 303 19.24 16.08 -5.00
N PRO B 304 19.06 15.23 -3.96
CA PRO B 304 18.68 13.83 -4.19
C PRO B 304 17.32 13.68 -4.90
N LEU B 305 16.46 14.71 -4.83
CA LEU B 305 15.19 14.69 -5.60
C LEU B 305 15.53 14.70 -7.10
N LEU B 306 16.39 15.63 -7.50
CA LEU B 306 16.80 15.80 -8.92
C LEU B 306 17.51 14.53 -9.37
N LYS B 307 18.40 13.99 -8.54
CA LYS B 307 19.18 12.78 -8.90
C LYS B 307 18.21 11.62 -9.19
N ALA B 308 17.27 11.37 -8.27
CA ALA B 308 16.25 10.29 -8.39
C ALA B 308 15.36 10.54 -9.62
N CYS B 309 14.98 11.80 -9.85
CA CYS B 309 14.15 12.18 -11.02
C CYS B 309 14.92 11.83 -12.30
N ARG B 310 16.23 12.15 -12.38
CA ARG B 310 17.05 11.86 -13.59
CA ARG B 310 17.09 11.85 -13.56
C ARG B 310 17.18 10.35 -13.76
N ASP B 311 17.37 9.60 -12.66
CA ASP B 311 17.39 8.13 -12.75
C ASP B 311 16.12 7.60 -13.41
N ASN B 312 14.96 8.02 -12.92
CA ASN B 312 13.64 7.57 -13.43
C ASN B 312 13.47 8.00 -14.89
N LEU B 313 13.89 9.21 -15.27
CA LEU B 313 13.86 9.63 -16.70
C LEU B 313 14.60 8.57 -17.53
N SER B 314 15.80 8.22 -17.08
CA SER B 314 16.66 7.20 -17.73
C SER B 314 15.91 5.86 -17.84
N GLN B 315 15.25 5.40 -16.76
CA GLN B 315 14.45 4.14 -16.75
C GLN B 315 13.32 4.22 -17.80
N TRP B 316 12.67 5.36 -17.97
CA TRP B 316 11.57 5.54 -18.96
C TRP B 316 12.13 5.49 -20.37
N GLU B 317 13.31 6.08 -20.60
CA GLU B 317 14.03 6.01 -21.90
C GLU B 317 14.31 4.54 -22.22
N LYS B 318 14.78 3.74 -21.25
CA LYS B 318 15.03 2.28 -21.43
C LYS B 318 13.74 1.61 -21.89
N VAL B 319 12.61 1.92 -21.28
CA VAL B 319 11.29 1.32 -21.62
C VAL B 319 10.92 1.66 -23.06
N ILE B 320 11.04 2.94 -23.45
CA ILE B 320 10.72 3.41 -24.83
C ILE B 320 11.51 2.61 -25.87
N ARG B 321 12.80 2.35 -25.61
CA ARG B 321 13.71 1.61 -26.53
C ARG B 321 13.29 0.13 -26.59
N GLY B 322 12.65 -0.40 -25.55
CA GLY B 322 12.25 -1.82 -25.45
C GLY B 322 13.18 -2.62 -24.54
N GLU B 323 14.13 -1.95 -23.87
CA GLU B 323 15.17 -2.56 -23.01
C GLU B 323 14.64 -2.78 -21.58
N GLU B 324 13.37 -2.44 -21.29
CA GLU B 324 12.71 -2.83 -20.03
C GLU B 324 11.17 -2.89 -20.19
N THR B 325 10.54 -3.90 -19.58
CA THR B 325 9.08 -4.06 -19.42
C THR B 325 8.64 -3.25 -18.19
N GLY C 12 -31.53 -24.67 23.24
CA GLY C 12 -31.15 -24.93 21.81
C GLY C 12 -32.36 -25.13 20.92
N LEU C 13 -33.40 -24.30 21.11
CA LEU C 13 -34.69 -24.38 20.40
C LEU C 13 -34.54 -23.98 18.91
N MET C 14 -33.87 -22.86 18.64
CA MET C 14 -33.63 -22.32 17.27
C MET C 14 -32.47 -23.08 16.61
N GLN C 15 -32.76 -23.80 15.55
CA GLN C 15 -31.76 -24.48 14.68
C GLN C 15 -31.73 -23.81 13.31
N PHE C 16 -30.78 -24.23 12.50
CA PHE C 16 -30.61 -23.71 11.12
C PHE C 16 -30.88 -24.87 10.19
N THR C 17 -31.64 -24.60 9.13
CA THR C 17 -31.86 -25.54 8.01
C THR C 17 -31.27 -24.86 6.77
N LEU C 18 -30.64 -25.66 5.93
CA LEU C 18 -30.08 -25.21 4.64
C LEU C 18 -31.04 -25.66 3.55
N PRO C 19 -31.19 -24.85 2.48
CA PRO C 19 -31.85 -25.33 1.27
C PRO C 19 -31.35 -26.75 0.99
N VAL C 20 -32.20 -27.55 0.35
CA VAL C 20 -31.94 -28.99 0.06
C VAL C 20 -30.56 -29.19 -0.58
N ARG C 21 -30.19 -28.43 -1.62
CA ARG C 21 -28.89 -28.68 -2.32
C ARG C 21 -27.73 -28.44 -1.34
N LEU C 22 -27.77 -27.35 -0.57
CA LEU C 22 -26.72 -27.01 0.44
C LEU C 22 -26.69 -28.12 1.50
N CYS C 23 -27.85 -28.45 2.05
CA CYS C 23 -28.04 -29.52 3.07
C CYS C 23 -27.29 -30.78 2.65
N LYS C 24 -27.36 -31.12 1.37
CA LYS C 24 -26.83 -32.38 0.81
C LYS C 24 -25.35 -32.19 0.47
N GLU C 25 -25.01 -31.14 -0.28
CA GLU C 25 -23.62 -30.80 -0.72
C GLU C 25 -22.70 -30.55 0.48
N ILE C 26 -23.20 -29.96 1.57
CA ILE C 26 -22.30 -29.47 2.67
C ILE C 26 -21.56 -30.65 3.31
N GLU C 27 -22.08 -31.87 3.20
CA GLU C 27 -21.47 -33.08 3.83
C GLU C 27 -20.25 -33.51 3.02
N LEU C 28 -20.11 -33.03 1.77
CA LEU C 28 -18.98 -33.35 0.88
C LEU C 28 -17.77 -32.46 1.21
N PHE C 29 -16.57 -33.04 1.19
CA PHE C 29 -15.32 -32.29 1.38
C PHE C 29 -15.21 -31.15 0.36
N HIS C 30 -15.66 -31.34 -0.89
CA HIS C 30 -15.40 -30.36 -1.99
C HIS C 30 -16.50 -29.28 -2.04
N PHE C 31 -17.44 -29.27 -1.13
CA PHE C 31 -18.44 -28.18 -1.06
C PHE C 31 -17.76 -26.81 -1.17
N ASP C 32 -18.36 -25.94 -1.99
CA ASP C 32 -18.04 -24.49 -2.09
C ASP C 32 -19.15 -23.71 -1.37
N ILE C 33 -18.84 -22.71 -0.55
CA ILE C 33 -19.88 -22.03 0.29
C ILE C 33 -20.69 -21.00 -0.53
N GLY C 34 -20.34 -20.76 -1.80
CA GLY C 34 -21.12 -19.86 -2.67
C GLY C 34 -20.85 -18.37 -2.41
N PRO C 35 -21.38 -17.48 -3.29
CA PRO C 35 -21.09 -16.05 -3.25
C PRO C 35 -22.02 -15.20 -2.37
N PHE C 36 -22.96 -15.80 -1.66
CA PHE C 36 -23.91 -15.07 -0.78
C PHE C 36 -23.33 -14.98 0.64
N GLU C 37 -22.58 -13.91 0.89
CA GLU C 37 -21.91 -13.60 2.19
C GLU C 37 -22.89 -13.74 3.36
N ASN C 38 -24.13 -13.29 3.17
CA ASN C 38 -25.13 -13.18 4.26
C ASN C 38 -25.59 -14.56 4.70
N MET C 39 -25.26 -15.58 3.93
CA MET C 39 -25.60 -16.99 4.24
C MET C 39 -24.50 -17.67 5.07
N TRP C 40 -23.27 -17.18 5.01
CA TRP C 40 -22.07 -17.87 5.57
C TRP C 40 -22.20 -18.02 7.08
N PRO C 41 -22.68 -17.00 7.83
CA PRO C 41 -22.84 -17.12 9.28
C PRO C 41 -23.78 -18.27 9.67
N GLY C 42 -24.94 -18.35 9.02
CA GLY C 42 -25.91 -19.45 9.18
C GLY C 42 -25.33 -20.81 8.80
N ILE C 43 -24.54 -20.89 7.73
CA ILE C 43 -23.85 -22.16 7.34
C ILE C 43 -22.86 -22.56 8.46
N PHE C 44 -22.16 -21.59 9.05
CA PHE C 44 -21.21 -21.85 10.15
C PHE C 44 -21.97 -22.38 11.37
N VAL C 45 -23.09 -21.76 11.73
CA VAL C 45 -23.88 -22.18 12.92
C VAL C 45 -24.41 -23.60 12.66
N TYR C 46 -24.91 -23.86 11.46
CA TYR C 46 -25.44 -25.19 11.07
C TYR C 46 -24.37 -26.25 11.33
N MET C 47 -23.14 -25.92 10.96
CA MET C 47 -21.98 -26.85 11.08
C MET C 47 -21.64 -27.00 12.55
N VAL C 48 -21.67 -25.92 13.33
CA VAL C 48 -21.47 -25.99 14.80
C VAL C 48 -22.55 -26.88 15.41
N HIS C 49 -23.83 -26.70 15.08
CA HIS C 49 -24.95 -27.47 15.69
C HIS C 49 -24.82 -28.96 15.37
N ARG C 50 -24.53 -29.34 14.13
CA ARG C 50 -24.43 -30.76 13.72
C ARG C 50 -23.14 -31.39 14.24
N SER C 51 -22.09 -30.59 14.40
CA SER C 51 -20.68 -31.03 14.62
C SER C 51 -20.42 -31.18 16.12
N CYS C 52 -21.04 -30.30 16.89
CA CYS C 52 -20.73 -30.06 18.30
C CYS C 52 -21.98 -30.42 19.13
N GLY C 53 -23.16 -29.95 18.72
CA GLY C 53 -24.45 -30.08 19.42
C GLY C 53 -25.12 -28.72 19.54
N THR C 54 -26.45 -28.69 19.65
CA THR C 54 -27.25 -27.44 19.71
C THR C 54 -27.04 -26.75 21.06
N SER C 55 -26.41 -27.44 22.01
CA SER C 55 -26.18 -27.00 23.40
C SER C 55 -24.70 -26.62 23.65
N CYS C 56 -23.82 -26.71 22.65
CA CYS C 56 -22.38 -26.36 22.78
C CYS C 56 -22.18 -24.89 23.14
N PHE C 57 -23.03 -23.99 22.63
CA PHE C 57 -22.86 -22.51 22.70
C PHE C 57 -24.23 -21.85 22.86
N GLU C 58 -24.29 -20.75 23.59
CA GLU C 58 -25.49 -19.89 23.68
C GLU C 58 -25.61 -19.16 22.33
N LEU C 59 -26.68 -19.39 21.57
CA LEU C 59 -26.85 -18.85 20.19
C LEU C 59 -26.67 -17.32 20.17
N GLU C 60 -27.19 -16.58 21.15
CA GLU C 60 -27.02 -15.11 21.24
C GLU C 60 -25.51 -14.79 21.24
N LYS C 61 -24.74 -15.42 22.12
CA LYS C 61 -23.28 -15.18 22.30
C LYS C 61 -22.53 -15.57 21.03
N LEU C 62 -22.93 -16.67 20.41
CA LEU C 62 -22.27 -17.23 19.19
C LEU C 62 -22.41 -16.24 18.03
N CME C 63 -23.61 -15.75 17.80
CA CME C 63 -23.94 -14.83 16.67
CB CME C 63 -25.45 -14.64 16.48
SG CME C 63 -26.24 -15.95 15.48
SD CME C 63 -25.25 -15.73 13.68
CE CME C 63 -26.53 -15.60 12.40
CZ CME C 63 -26.34 -14.35 11.58
OH CME C 63 -27.34 -14.22 10.58
C CME C 63 -23.17 -13.53 16.84
O CME C 63 -22.64 -13.05 15.84
N ARG C 64 -23.06 -12.99 18.06
CA ARG C 64 -22.35 -11.71 18.23
C ARG C 64 -20.84 -11.98 18.18
N PHE C 65 -20.35 -13.13 18.64
CA PHE C 65 -18.94 -13.58 18.42
C PHE C 65 -18.64 -13.64 16.91
N ILE C 66 -19.49 -14.34 16.15
CA ILE C 66 -19.31 -14.55 14.68
C ILE C 66 -19.27 -13.20 13.96
N MET C 67 -20.16 -12.28 14.30
CA MET C 67 -20.24 -10.99 13.58
C MET C 67 -19.06 -10.10 13.99
N SER C 68 -18.51 -10.27 15.19
CA SER C 68 -17.28 -9.55 15.63
C SER C 68 -16.06 -10.08 14.85
N VAL C 69 -15.97 -11.40 14.68
CA VAL C 69 -14.88 -12.06 13.90
C VAL C 69 -14.92 -11.57 12.46
N LYS C 70 -16.08 -11.63 11.80
CA LYS C 70 -16.31 -11.15 10.41
C LYS C 70 -15.82 -9.71 10.21
N LYS C 71 -16.21 -8.81 11.13
CA LYS C 71 -15.85 -7.37 11.16
C LYS C 71 -14.32 -7.25 11.14
N ASN C 72 -13.60 -8.22 11.68
CA ASN C 72 -12.13 -8.13 11.92
C ASN C 72 -11.35 -8.89 10.84
N TYR C 73 -12.03 -9.44 9.83
CA TYR C 73 -11.46 -9.86 8.53
C TYR C 73 -11.48 -8.65 7.56
N ARG C 74 -10.43 -8.50 6.76
CA ARG C 74 -10.28 -7.36 5.82
C ARG C 74 -10.74 -7.73 4.41
N ARG C 75 -10.99 -6.72 3.60
CA ARG C 75 -11.36 -6.86 2.17
C ARG C 75 -10.08 -7.05 1.37
N VAL C 76 -9.48 -8.22 1.50
CA VAL C 76 -8.29 -8.65 0.73
C VAL C 76 -8.74 -9.74 -0.22
N PRO C 77 -7.98 -10.04 -1.29
CA PRO C 77 -8.46 -10.97 -2.31
C PRO C 77 -8.69 -12.43 -1.86
N TYR C 78 -7.88 -12.93 -0.92
CA TYR C 78 -7.94 -14.36 -0.53
C TYR C 78 -8.12 -14.51 0.99
N HIS C 79 -7.28 -13.89 1.82
CA HIS C 79 -7.31 -14.04 3.31
C HIS C 79 -8.45 -13.25 3.94
N ASN C 80 -9.68 -13.59 3.56
CA ASN C 80 -10.90 -12.78 3.83
C ASN C 80 -11.89 -13.69 4.58
N TRP C 81 -13.02 -13.14 4.95
CA TRP C 81 -14.17 -13.85 5.60
C TRP C 81 -14.50 -15.16 4.85
N LYS C 82 -14.51 -15.16 3.51
CA LYS C 82 -14.90 -16.36 2.73
C LYS C 82 -13.91 -17.49 3.00
N HIS C 83 -12.60 -17.18 3.10
CA HIS C 83 -11.52 -18.15 3.41
C HIS C 83 -11.75 -18.76 4.79
N ALA C 84 -12.04 -17.92 5.79
CA ALA C 84 -12.29 -18.35 7.18
C ALA C 84 -13.41 -19.40 7.21
N VAL C 85 -14.55 -19.13 6.56
CA VAL C 85 -15.72 -20.04 6.64
C VAL C 85 -15.42 -21.29 5.80
N THR C 86 -14.66 -21.17 4.71
CA THR C 86 -14.28 -22.31 3.84
C THR C 86 -13.36 -23.25 4.64
N VAL C 87 -12.47 -22.70 5.44
CA VAL C 87 -11.54 -23.51 6.27
C VAL C 87 -12.36 -24.20 7.38
N ALA C 88 -13.30 -23.50 8.00
CA ALA C 88 -14.19 -24.08 9.02
C ALA C 88 -14.92 -25.29 8.43
N HIS C 89 -15.41 -25.16 7.18
CA HIS C 89 -16.21 -26.24 6.52
C HIS C 89 -15.36 -27.50 6.30
N CYS C 90 -14.11 -27.36 5.87
CA CYS C 90 -13.21 -28.49 5.70
C CYS C 90 -13.08 -29.20 7.06
N MET C 91 -12.89 -28.46 8.14
CA MET C 91 -12.85 -29.01 9.52
C MET C 91 -14.18 -29.70 9.86
N TYR C 92 -15.32 -29.09 9.52
CA TYR C 92 -16.65 -29.75 9.67
C TYR C 92 -16.61 -31.16 9.07
N ALA C 93 -16.20 -31.28 7.80
CA ALA C 93 -16.15 -32.55 7.05
C ALA C 93 -15.18 -33.53 7.73
N ILE C 94 -13.99 -33.08 8.15
CA ILE C 94 -13.02 -34.00 8.80
C ILE C 94 -13.66 -34.59 10.08
N LEU C 95 -14.24 -33.74 10.92
CA LEU C 95 -14.87 -34.08 12.22
C LEU C 95 -16.07 -35.01 12.04
N GLN C 96 -16.95 -34.74 11.07
CA GLN C 96 -18.19 -35.53 10.84
C GLN C 96 -17.79 -36.93 10.33
N ASN C 97 -16.72 -37.05 9.55
CA ASN C 97 -16.29 -38.35 9.00
C ASN C 97 -15.38 -39.08 9.99
N ASN C 98 -15.10 -38.49 11.14
CA ASN C 98 -14.14 -39.07 12.13
C ASN C 98 -14.69 -38.86 13.54
N HIS C 99 -16.01 -38.93 13.73
CA HIS C 99 -16.67 -38.31 14.91
C HIS C 99 -16.22 -39.00 16.21
N THR C 100 -15.88 -40.29 16.19
CA THR C 100 -15.51 -41.03 17.43
C THR C 100 -14.12 -40.61 17.91
N LEU C 101 -13.31 -39.92 17.11
CA LEU C 101 -11.87 -39.71 17.46
C LEU C 101 -11.62 -38.42 18.26
N PHE C 102 -12.59 -37.52 18.43
CA PHE C 102 -12.36 -36.18 19.05
C PHE C 102 -13.29 -35.94 20.23
N THR C 103 -12.75 -35.27 21.25
CA THR C 103 -13.48 -34.93 22.50
C THR C 103 -14.50 -33.84 22.20
N ASP C 104 -15.36 -33.53 23.17
CA ASP C 104 -16.32 -32.41 23.12
C ASP C 104 -15.56 -31.06 23.04
N LEU C 105 -14.55 -30.87 23.88
CA LEU C 105 -13.73 -29.62 23.91
C LEU C 105 -13.12 -29.40 22.52
N GLU C 106 -12.53 -30.45 21.95
CA GLU C 106 -11.87 -30.38 20.63
C GLU C 106 -12.90 -29.97 19.57
N ARG C 107 -14.10 -30.54 19.63
CA ARG C 107 -15.16 -30.25 18.63
C ARG C 107 -15.53 -28.77 18.73
N LYS C 108 -15.77 -28.27 19.97
CA LYS C 108 -16.02 -26.83 20.26
C LYS C 108 -14.87 -25.99 19.68
N GLY C 109 -13.64 -26.38 20.02
CA GLY C 109 -12.41 -25.59 19.79
C GLY C 109 -12.02 -25.43 18.33
N LEU C 110 -12.11 -26.50 17.52
CA LEU C 110 -11.45 -26.54 16.19
C LEU C 110 -12.26 -25.71 15.16
N LEU C 111 -13.59 -25.72 15.22
CA LEU C 111 -14.43 -24.92 14.30
C LEU C 111 -14.18 -23.44 14.61
N ILE C 112 -14.09 -23.08 15.88
CA ILE C 112 -13.80 -21.66 16.28
C ILE C 112 -12.39 -21.29 15.80
N ALA C 113 -11.40 -22.14 16.00
CA ALA C 113 -10.01 -21.86 15.63
C ALA C 113 -9.95 -21.63 14.11
N CYS C 114 -10.62 -22.47 13.32
CA CYS C 114 -10.68 -22.32 11.84
C CYS C 114 -11.31 -20.99 11.45
N LEU C 115 -12.44 -20.64 12.08
CA LEU C 115 -13.12 -19.35 11.77
C LEU C 115 -12.16 -18.19 12.06
N CYS C 116 -11.33 -18.32 13.10
CA CYS C 116 -10.48 -17.22 13.63
C CYS C 116 -9.05 -17.24 13.10
N HIS C 117 -8.64 -18.21 12.29
CA HIS C 117 -7.19 -18.56 12.13
C HIS C 117 -6.45 -17.52 11.29
N ASP C 118 -7.14 -16.68 10.52
CA ASP C 118 -6.50 -15.58 9.74
C ASP C 118 -7.07 -14.20 10.14
N LEU C 119 -7.56 -14.05 11.37
CA LEU C 119 -8.17 -12.78 11.85
C LEU C 119 -7.22 -11.64 11.58
N ASP C 120 -7.71 -10.61 10.91
CA ASP C 120 -7.02 -9.31 10.72
C ASP C 120 -5.82 -9.50 9.80
N HIS C 121 -5.85 -10.49 8.90
CA HIS C 121 -4.82 -10.70 7.87
C HIS C 121 -4.80 -9.52 6.90
N ARG C 122 -3.62 -9.07 6.48
CA ARG C 122 -3.54 -7.89 5.59
CA ARG C 122 -3.47 -7.88 5.60
C ARG C 122 -3.14 -8.34 4.18
N GLY C 123 -3.04 -9.65 3.96
CA GLY C 123 -2.66 -10.25 2.67
C GLY C 123 -1.16 -10.39 2.49
N PHE C 124 -0.36 -10.15 3.52
CA PHE C 124 1.13 -10.24 3.49
C PHE C 124 1.59 -11.40 4.36
N SER C 125 2.71 -12.00 3.97
CA SER C 125 3.32 -13.14 4.67
C SER C 125 4.16 -12.63 5.84
N ASN C 126 4.56 -13.56 6.71
CA ASN C 126 5.49 -13.32 7.85
C ASN C 126 6.81 -12.73 7.31
N SER C 127 7.30 -13.22 6.17
CA SER C 127 8.53 -12.71 5.49
C SER C 127 8.44 -11.19 5.29
N TYR C 128 7.40 -10.74 4.58
CA TYR C 128 7.25 -9.32 4.23
C TYR C 128 7.19 -8.50 5.52
N LEU C 129 6.44 -8.92 6.53
CA LEU C 129 6.32 -8.16 7.80
C LEU C 129 7.72 -8.02 8.42
N GLN C 130 8.51 -9.09 8.32
CA GLN C 130 9.87 -9.16 8.90
C GLN C 130 10.74 -8.13 8.19
N LYS C 131 10.81 -8.22 6.87
CA LYS C 131 11.62 -7.33 5.99
C LYS C 131 11.14 -5.88 6.08
N PHE C 132 9.84 -5.65 6.24
CA PHE C 132 9.26 -4.29 6.37
C PHE C 132 9.62 -3.72 7.75
N ASP C 133 9.95 -4.61 8.69
CA ASP C 133 10.16 -4.26 10.13
C ASP C 133 8.81 -3.80 10.71
N HIS C 134 7.75 -4.55 10.48
CA HIS C 134 6.39 -4.25 11.01
C HIS C 134 6.41 -4.36 12.53
N PRO C 135 5.71 -3.50 13.29
CA PRO C 135 5.62 -3.68 14.73
C PRO C 135 5.24 -5.10 15.23
N LEU C 136 4.43 -5.84 14.47
CA LEU C 136 4.03 -7.23 14.86
C LEU C 136 5.25 -8.14 14.84
N ALA C 137 6.21 -7.89 13.95
CA ALA C 137 7.46 -8.68 13.81
C ALA C 137 8.37 -8.47 15.02
N ALA C 138 8.23 -7.37 15.77
CA ALA C 138 8.95 -7.12 17.05
C ALA C 138 8.23 -7.85 18.19
N LEU C 139 6.92 -7.68 18.29
CA LEU C 139 6.01 -8.36 19.26
C LEU C 139 6.07 -9.89 19.10
N TYR C 140 6.20 -10.41 17.88
CA TYR C 140 6.11 -11.87 17.58
C TYR C 140 7.21 -12.25 16.60
N SER C 141 8.33 -12.75 17.09
CA SER C 141 9.54 -12.98 16.25
C SER C 141 9.34 -14.19 15.35
N THR C 142 8.55 -15.21 15.74
CA THR C 142 8.18 -16.34 14.84
C THR C 142 6.66 -16.49 14.76
N SER C 143 6.16 -17.15 13.71
CA SER C 143 4.71 -17.30 13.44
C SER C 143 3.99 -15.95 13.69
N THR C 144 4.56 -14.85 13.18
CA THR C 144 4.17 -13.45 13.52
C THR C 144 2.65 -13.25 13.41
N MET C 145 2.10 -13.54 12.23
CA MET C 145 0.68 -13.26 11.92
C MET C 145 -0.19 -14.23 12.72
N GLU C 146 0.28 -15.47 12.88
CA GLU C 146 -0.49 -16.54 13.55
C GLU C 146 -0.61 -16.21 15.03
N GLN C 147 0.45 -15.71 15.64
CA GLN C 147 0.36 -15.22 17.04
C GLN C 147 -0.62 -14.04 17.13
N HIS C 148 -0.68 -13.18 16.10
CA HIS C 148 -1.61 -12.02 16.07
C HIS C 148 -3.04 -12.56 15.91
N HIS C 149 -3.23 -13.59 15.08
CA HIS C 149 -4.57 -14.15 14.82
C HIS C 149 -5.13 -14.64 16.14
N PHE C 150 -4.32 -15.41 16.89
CA PHE C 150 -4.76 -15.94 18.20
C PHE C 150 -5.04 -14.79 19.17
N SER C 151 -4.16 -13.79 19.16
CA SER C 151 -4.27 -12.60 20.02
C SER C 151 -5.61 -11.89 19.76
N GLN C 152 -5.94 -11.66 18.49
CA GLN C 152 -7.20 -11.02 18.06
C GLN C 152 -8.39 -11.86 18.51
N THR C 153 -8.28 -13.19 18.39
CA THR C 153 -9.32 -14.15 18.85
C THR C 153 -9.63 -13.92 20.33
N VAL C 154 -8.59 -13.85 21.15
CA VAL C 154 -8.72 -13.67 22.64
C VAL C 154 -9.38 -12.30 22.91
N SER C 155 -8.96 -11.24 22.22
CA SER C 155 -9.58 -9.89 22.31
C SER C 155 -11.09 -9.97 22.11
N ILE C 156 -11.54 -10.73 21.11
CA ILE C 156 -12.99 -10.83 20.75
C ILE C 156 -13.69 -11.60 21.86
N LEU C 157 -13.13 -12.71 22.35
CA LEU C 157 -13.72 -13.50 23.46
C LEU C 157 -13.90 -12.64 24.73
N GLN C 158 -13.10 -11.60 24.93
CA GLN C 158 -13.15 -10.73 26.14
C GLN C 158 -14.08 -9.52 25.93
N LEU C 159 -14.60 -9.30 24.72
CA LEU C 159 -15.66 -8.27 24.48
C LEU C 159 -16.89 -8.68 25.30
N GLU C 160 -17.67 -7.68 25.72
CA GLU C 160 -18.85 -7.90 26.59
C GLU C 160 -19.86 -8.73 25.80
N GLY C 161 -20.42 -9.77 26.41
CA GLY C 161 -21.40 -10.67 25.78
C GLY C 161 -20.78 -11.57 24.71
N HIS C 162 -19.45 -11.62 24.54
CA HIS C 162 -18.79 -12.40 23.46
C HIS C 162 -18.16 -13.69 23.99
N ASN C 163 -18.13 -13.95 25.29
CA ASN C 163 -17.46 -15.17 25.82
C ASN C 163 -18.31 -16.41 25.57
N ILE C 164 -18.25 -16.93 24.34
CA ILE C 164 -19.00 -18.15 23.93
C ILE C 164 -18.62 -19.34 24.80
N PHE C 165 -17.52 -19.29 25.57
CA PHE C 165 -17.06 -20.42 26.41
C PHE C 165 -17.33 -20.17 27.90
N SER C 166 -18.23 -19.26 28.26
CA SER C 166 -18.45 -18.82 29.66
C SER C 166 -19.07 -19.94 30.51
N THR C 167 -19.67 -20.99 29.92
CA THR C 167 -20.26 -22.12 30.70
C THR C 167 -19.17 -23.13 31.09
N LEU C 168 -18.05 -23.19 30.37
CA LEU C 168 -16.96 -24.16 30.69
C LEU C 168 -16.47 -23.87 32.09
N SER C 169 -15.83 -24.84 32.74
CA SER C 169 -15.06 -24.65 34.00
C SER C 169 -13.75 -23.97 33.67
N SER C 170 -13.06 -23.40 34.66
CA SER C 170 -11.71 -22.80 34.53
C SER C 170 -10.80 -23.74 33.73
N SER C 171 -10.85 -25.05 34.04
CA SER C 171 -9.92 -26.08 33.52
C SER C 171 -10.18 -26.32 32.05
N GLU C 172 -11.45 -26.53 31.71
CA GLU C 172 -11.98 -26.68 30.33
C GLU C 172 -11.68 -25.41 29.54
N TYR C 173 -11.93 -24.23 30.10
CA TYR C 173 -11.70 -22.93 29.44
C TYR C 173 -10.23 -22.81 29.04
N GLU C 174 -9.31 -23.16 29.92
CA GLU C 174 -7.84 -23.08 29.67
CA GLU C 174 -7.88 -23.02 29.59
C GLU C 174 -7.45 -24.13 28.62
N GLN C 175 -8.13 -25.27 28.62
CA GLN C 175 -7.81 -26.36 27.65
C GLN C 175 -8.24 -25.93 26.25
N VAL C 176 -9.44 -25.40 26.14
CA VAL C 176 -10.05 -25.03 24.83
C VAL C 176 -9.23 -23.89 24.24
N LEU C 177 -8.80 -22.93 25.06
CA LEU C 177 -7.95 -21.79 24.59
C LEU C 177 -6.60 -22.34 24.12
N GLU C 178 -6.05 -23.31 24.83
CA GLU C 178 -4.76 -23.95 24.45
C GLU C 178 -4.94 -24.75 23.15
N ILE C 179 -6.08 -25.42 22.98
CA ILE C 179 -6.41 -26.16 21.72
C ILE C 179 -6.43 -25.14 20.58
N ILE C 180 -7.08 -24.00 20.78
CA ILE C 180 -7.27 -22.95 19.73
C ILE C 180 -5.90 -22.35 19.39
N ARG C 181 -5.11 -22.01 20.40
CA ARG C 181 -3.77 -21.38 20.20
C ARG C 181 -2.90 -22.31 19.35
N LYS C 182 -2.74 -23.56 19.78
CA LYS C 182 -1.88 -24.54 19.04
C LYS C 182 -2.36 -24.69 17.59
N ALA C 183 -3.68 -24.81 17.39
CA ALA C 183 -4.35 -25.03 16.10
C ALA C 183 -4.05 -23.84 15.16
N ILE C 184 -4.10 -22.62 15.70
CA ILE C 184 -3.90 -21.39 14.89
C ILE C 184 -2.41 -21.23 14.56
N ILE C 185 -1.53 -21.39 15.55
CA ILE C 185 -0.06 -21.38 15.32
C ILE C 185 0.27 -22.41 14.24
N ALA C 186 -0.37 -23.59 14.28
CA ALA C 186 -0.10 -24.71 13.35
C ALA C 186 -0.34 -24.27 11.89
N THR C 187 -1.19 -23.26 11.65
CA THR C 187 -1.50 -22.75 10.28
C THR C 187 -0.29 -21.97 9.73
N ASP C 188 0.78 -21.77 10.51
CA ASP C 188 2.05 -21.25 9.97
C ASP C 188 2.67 -22.38 9.11
N LEU C 189 2.67 -22.19 7.80
CA LEU C 189 3.11 -23.23 6.83
C LEU C 189 4.57 -23.58 7.11
N ALA C 190 5.34 -22.66 7.69
CA ALA C 190 6.75 -22.89 8.06
C ALA C 190 6.84 -24.03 9.08
N LEU C 191 5.83 -24.20 9.94
CA LEU C 191 5.88 -25.24 11.01
C LEU C 191 5.35 -26.57 10.47
N TYR C 192 4.60 -26.51 9.37
CA TYR C 192 3.95 -27.69 8.73
C TYR C 192 5.00 -28.74 8.35
N PHE C 193 6.14 -28.37 7.78
CA PHE C 193 7.12 -29.32 7.19
C PHE C 193 7.70 -30.21 8.30
N GLY C 194 8.09 -29.58 9.40
CA GLY C 194 8.56 -30.25 10.64
C GLY C 194 7.49 -31.16 11.19
N ASN C 195 6.27 -30.63 11.32
CA ASN C 195 5.13 -31.36 11.94
C ASN C 195 4.84 -32.62 11.12
N ARG C 196 4.70 -32.48 9.80
CA ARG C 196 4.29 -33.59 8.91
C ARG C 196 5.36 -34.68 8.94
N LYS C 197 6.64 -34.29 8.94
CA LYS C 197 7.80 -35.22 8.98
C LYS C 197 7.77 -36.01 10.31
N GLN C 198 7.56 -35.35 11.44
CA GLN C 198 7.47 -36.03 12.76
C GLN C 198 6.27 -36.97 12.76
N LEU C 199 5.10 -36.51 12.30
CA LEU C 199 3.86 -37.33 12.28
C LEU C 199 4.07 -38.55 11.39
N GLU C 200 4.63 -38.34 10.21
CA GLU C 200 4.94 -39.41 9.23
C GLU C 200 5.80 -40.49 9.92
N GLU C 201 6.86 -40.09 10.62
CA GLU C 201 7.72 -41.06 11.35
C GLU C 201 6.89 -41.79 12.41
N MET C 202 6.08 -41.09 13.19
CA MET C 202 5.28 -41.72 14.28
C MET C 202 4.34 -42.76 13.68
N TYR C 203 3.69 -42.45 12.57
CA TYR C 203 2.70 -43.34 11.92
C TYR C 203 3.40 -44.59 11.37
N GLN C 204 4.52 -44.40 10.65
CA GLN C 204 5.25 -45.49 9.97
C GLN C 204 5.91 -46.43 10.99
N THR C 205 6.35 -45.94 12.14
CA THR C 205 7.01 -46.76 13.20
C THR C 205 5.95 -47.37 14.11
N GLY C 206 4.70 -46.93 14.01
CA GLY C 206 3.58 -47.49 14.79
C GLY C 206 3.59 -46.97 16.22
N SER C 207 4.37 -45.91 16.49
CA SER C 207 4.48 -45.28 17.83
C SER C 207 3.40 -44.21 17.99
N LEU C 208 2.68 -43.86 16.91
CA LEU C 208 1.60 -42.83 16.95
C LEU C 208 0.48 -43.29 17.89
N ASN C 209 0.05 -42.43 18.79
CA ASN C 209 -0.85 -42.83 19.91
C ASN C 209 -1.74 -41.64 20.27
N LEU C 210 -3.03 -41.70 19.93
CA LEU C 210 -4.00 -40.59 20.11
C LEU C 210 -4.35 -40.36 21.59
N ASN C 211 -3.96 -41.24 22.52
CA ASN C 211 -4.10 -41.04 23.98
C ASN C 211 -2.95 -40.15 24.48
N ASN C 212 -1.91 -39.96 23.67
CA ASN C 212 -0.78 -39.05 23.97
C ASN C 212 -1.11 -37.65 23.45
N GLN C 213 -1.14 -36.63 24.32
CA GLN C 213 -1.61 -35.25 24.04
C GLN C 213 -0.68 -34.59 23.01
N SER C 214 0.62 -34.81 23.10
CA SER C 214 1.58 -34.19 22.14
C SER C 214 1.39 -34.81 20.74
N HIS C 215 1.03 -36.09 20.66
CA HIS C 215 0.66 -36.75 19.37
C HIS C 215 -0.67 -36.16 18.86
N ARG C 216 -1.66 -36.01 19.74
CA ARG C 216 -2.97 -35.42 19.38
C ARG C 216 -2.75 -34.01 18.80
N ASP C 217 -1.89 -33.21 19.44
CA ASP C 217 -1.57 -31.82 19.01
C ASP C 217 -0.99 -31.81 17.59
N ARG C 218 -0.10 -32.76 17.28
CA ARG C 218 0.54 -32.86 15.95
C ARG C 218 -0.54 -33.23 14.92
N VAL C 219 -1.43 -34.16 15.27
CA VAL C 219 -2.53 -34.57 14.37
C VAL C 219 -3.44 -33.36 14.11
N ILE C 220 -3.83 -32.61 15.15
CA ILE C 220 -4.74 -31.44 14.98
C ILE C 220 -4.01 -30.44 14.10
N GLY C 221 -2.69 -30.34 14.28
CA GLY C 221 -1.83 -29.43 13.50
C GLY C 221 -1.91 -29.71 12.02
N LEU C 222 -1.77 -30.98 11.65
CA LEU C 222 -1.84 -31.44 10.25
C LEU C 222 -3.27 -31.20 9.74
N MET C 223 -4.27 -31.44 10.57
CA MET C 223 -5.69 -31.18 10.20
C MET C 223 -5.85 -29.70 9.82
N MET C 224 -5.26 -28.79 10.60
CA MET C 224 -5.37 -27.33 10.37
C MET C 224 -4.70 -27.00 9.02
N THR C 225 -3.53 -27.59 8.75
CA THR C 225 -2.84 -27.34 7.47
C THR C 225 -3.77 -27.79 6.34
N ALA C 226 -4.28 -29.01 6.44
CA ALA C 226 -5.17 -29.64 5.44
C ALA C 226 -6.39 -28.74 5.21
N CYS C 227 -7.02 -28.22 6.26
CA CYS C 227 -8.19 -27.28 6.12
C CYS C 227 -7.74 -25.96 5.48
N ASP C 228 -6.58 -25.43 5.90
CA ASP C 228 -6.02 -24.17 5.37
C ASP C 228 -5.82 -24.23 3.85
N LEU C 229 -5.31 -25.36 3.34
CA LEU C 229 -4.93 -25.50 1.92
C LEU C 229 -6.09 -26.05 1.08
N CYS C 230 -7.29 -26.19 1.65
CA CYS C 230 -8.40 -27.00 1.07
C CYS C 230 -8.87 -26.41 -0.28
N SER C 231 -8.50 -25.19 -0.63
CA SER C 231 -8.86 -24.66 -1.98
C SER C 231 -8.29 -25.58 -3.07
N VAL C 232 -7.23 -26.35 -2.79
CA VAL C 232 -6.62 -27.29 -3.79
C VAL C 232 -7.38 -28.62 -3.85
N THR C 233 -8.44 -28.79 -3.06
CA THR C 233 -9.24 -30.04 -2.99
C THR C 233 -10.66 -29.80 -3.49
N LYS C 234 -10.91 -28.63 -4.07
CA LYS C 234 -12.22 -28.36 -4.69
C LYS C 234 -12.25 -28.96 -6.11
N LEU C 235 -13.42 -28.88 -6.74
CA LEU C 235 -13.57 -29.20 -8.18
C LEU C 235 -12.81 -28.13 -8.96
N TRP C 236 -12.28 -28.52 -10.11
CA TRP C 236 -11.26 -27.75 -10.86
C TRP C 236 -11.70 -26.30 -11.06
N PRO C 237 -12.98 -26.00 -11.43
CA PRO C 237 -13.37 -24.62 -11.68
C PRO C 237 -13.25 -23.74 -10.43
N VAL C 238 -13.55 -24.30 -9.26
CA VAL C 238 -13.38 -23.59 -7.96
C VAL C 238 -11.87 -23.38 -7.72
N THR C 239 -11.07 -24.43 -7.84
CA THR C 239 -9.62 -24.39 -7.53
C THR C 239 -8.95 -23.36 -8.45
N LYS C 240 -9.33 -23.35 -9.73
CA LYS C 240 -8.72 -22.47 -10.76
C LYS C 240 -9.07 -21.02 -10.43
N LEU C 241 -10.32 -20.72 -10.08
CA LEU C 241 -10.74 -19.33 -9.75
C LEU C 241 -10.12 -18.91 -8.41
N THR C 242 -10.08 -19.76 -7.39
CA THR C 242 -9.41 -19.40 -6.11
C THR C 242 -7.94 -19.06 -6.35
N ALA C 243 -7.27 -19.76 -7.27
CA ALA C 243 -5.82 -19.55 -7.59
C ALA C 243 -5.59 -18.09 -8.05
N ASN C 244 -6.55 -17.46 -8.71
CA ASN C 244 -6.48 -16.04 -9.15
C ASN C 244 -6.44 -15.10 -7.94
N ASP C 245 -7.27 -15.37 -6.93
CA ASP C 245 -7.33 -14.59 -5.65
C ASP C 245 -6.04 -14.82 -4.85
N ILE C 246 -5.55 -16.06 -4.75
CA ILE C 246 -4.25 -16.37 -4.08
C ILE C 246 -3.12 -15.55 -4.71
N TYR C 247 -3.00 -15.57 -6.03
CA TYR C 247 -1.86 -14.92 -6.73
C TYR C 247 -2.04 -13.40 -6.73
N ALA C 248 -3.27 -12.88 -6.75
CA ALA C 248 -3.52 -11.43 -6.59
C ALA C 248 -2.79 -10.93 -5.33
N GLU C 249 -2.93 -11.65 -4.20
CA GLU C 249 -2.23 -11.30 -2.94
C GLU C 249 -0.72 -11.45 -3.13
N PHE C 250 -0.27 -12.57 -3.68
CA PHE C 250 1.17 -12.86 -3.93
C PHE C 250 1.79 -11.70 -4.73
N TRP C 251 1.17 -11.34 -5.86
CA TRP C 251 1.70 -10.28 -6.75
C TRP C 251 1.74 -8.92 -6.03
N ALA C 252 0.74 -8.60 -5.21
CA ALA C 252 0.70 -7.36 -4.39
C ALA C 252 1.85 -7.36 -3.38
N GLU C 253 2.13 -8.51 -2.75
CA GLU C 253 3.27 -8.63 -1.81
C GLU C 253 4.59 -8.46 -2.57
N GLY C 254 4.70 -9.08 -3.74
CA GLY C 254 5.86 -8.90 -4.62
C GLY C 254 6.06 -7.43 -4.97
N ASP C 255 5.00 -6.75 -5.40
CA ASP C 255 5.01 -5.28 -5.63
C ASP C 255 5.61 -4.62 -4.38
N GLU C 256 5.19 -5.00 -3.17
CA GLU C 256 5.65 -4.29 -1.96
C GLU C 256 7.11 -4.66 -1.64
N MET C 257 7.56 -5.85 -2.03
CA MET C 257 8.96 -6.29 -1.85
C MET C 257 9.84 -5.40 -2.74
N LYS C 258 9.40 -5.20 -3.98
CA LYS C 258 10.11 -4.37 -4.99
C LYS C 258 10.28 -2.94 -4.43
N LYS C 259 9.28 -2.43 -3.72
CA LYS C 259 9.28 -1.06 -3.13
C LYS C 259 10.22 -0.96 -1.92
N LEU C 260 10.60 -2.07 -1.31
CA LEU C 260 11.62 -2.09 -0.23
C LEU C 260 13.00 -2.24 -0.90
N GLY C 261 13.06 -2.46 -2.20
CA GLY C 261 14.31 -2.72 -2.94
C GLY C 261 14.77 -4.15 -2.84
N ILE C 262 13.85 -5.11 -2.76
CA ILE C 262 14.17 -6.57 -2.71
C ILE C 262 13.48 -7.24 -3.90
N GLN C 263 14.23 -7.97 -4.72
CA GLN C 263 13.64 -8.81 -5.79
C GLN C 263 12.87 -9.89 -5.06
N PRO C 264 11.55 -10.02 -5.29
CA PRO C 264 10.77 -11.04 -4.60
C PRO C 264 11.08 -12.38 -5.28
N ILE C 265 10.73 -13.49 -4.65
CA ILE C 265 10.77 -14.83 -5.29
C ILE C 265 9.81 -14.82 -6.47
N PRO C 266 10.06 -15.64 -7.52
CA PRO C 266 9.23 -15.65 -8.72
C PRO C 266 7.70 -15.82 -8.50
N MET C 267 7.33 -16.58 -7.47
CA MET C 267 5.92 -16.88 -7.12
C MET C 267 5.15 -15.54 -6.96
N MET C 268 5.80 -14.51 -6.44
CA MET C 268 5.15 -13.23 -6.03
C MET C 268 5.49 -12.10 -7.02
N ASP C 269 6.12 -12.43 -8.13
CA ASP C 269 6.53 -11.47 -9.17
C ASP C 269 5.49 -11.53 -10.28
N ARG C 270 4.71 -10.46 -10.46
CA ARG C 270 3.62 -10.45 -11.50
C ARG C 270 4.20 -10.45 -12.92
N ASP C 271 5.49 -10.10 -13.08
CA ASP C 271 6.22 -10.18 -14.39
C ASP C 271 6.48 -11.64 -14.78
N LYS C 272 6.45 -12.56 -13.81
CA LYS C 272 6.77 -14.00 -14.02
C LYS C 272 5.49 -14.82 -13.92
N LYS C 273 4.40 -14.30 -14.50
CA LYS C 273 3.05 -14.92 -14.55
C LYS C 273 3.06 -16.22 -15.38
N ASP C 274 3.96 -16.33 -16.35
CA ASP C 274 4.10 -17.52 -17.24
C ASP C 274 4.48 -18.76 -16.40
N GLU C 275 5.13 -18.58 -15.24
CA GLU C 275 5.70 -19.68 -14.41
C GLU C 275 4.70 -20.17 -13.35
N VAL C 276 3.44 -19.69 -13.38
CA VAL C 276 2.42 -20.04 -12.34
C VAL C 276 2.09 -21.53 -12.43
N PRO C 277 1.72 -22.08 -13.62
CA PRO C 277 1.43 -23.52 -13.72
C PRO C 277 2.54 -24.42 -13.15
N GLN C 278 3.78 -24.20 -13.59
CA GLN C 278 4.99 -24.90 -13.05
C GLN C 278 5.03 -24.72 -11.52
N GLY C 279 4.70 -23.52 -11.05
CA GLY C 279 4.77 -23.11 -9.63
C GLY C 279 3.73 -23.84 -8.79
N GLN C 280 2.56 -24.14 -9.37
CA GLN C 280 1.49 -24.92 -8.72
C GLN C 280 1.92 -26.39 -8.60
N LEU C 281 2.45 -27.00 -9.66
CA LEU C 281 2.98 -28.40 -9.61
C LEU C 281 3.94 -28.52 -8.43
N GLY C 282 4.91 -27.63 -8.39
CA GLY C 282 5.91 -27.62 -7.32
C GLY C 282 5.23 -27.60 -5.96
N PHE C 283 4.16 -26.81 -5.84
CA PHE C 283 3.46 -26.64 -4.55
C PHE C 283 2.65 -27.90 -4.23
N TYR C 284 2.00 -28.50 -5.23
CA TYR C 284 1.24 -29.77 -5.03
C TYR C 284 2.23 -30.88 -4.66
N ASN C 285 3.34 -30.99 -5.37
CA ASN C 285 4.37 -32.05 -5.18
C ASN C 285 4.99 -31.89 -3.80
N ALA C 286 5.42 -30.68 -3.45
CA ALA C 286 6.24 -30.44 -2.23
C ALA C 286 5.37 -30.18 -0.99
N VAL C 287 4.10 -29.78 -1.10
CA VAL C 287 3.32 -29.31 0.09
C VAL C 287 1.99 -30.05 0.21
N ALA C 288 1.10 -29.86 -0.75
CA ALA C 288 -0.31 -30.31 -0.68
C ALA C 288 -0.40 -31.84 -0.73
N ILE C 289 0.27 -32.51 -1.67
CA ILE C 289 0.11 -33.99 -1.85
C ILE C 289 0.66 -34.68 -0.61
N PRO C 290 1.86 -34.38 -0.08
CA PRO C 290 2.34 -34.98 1.17
C PRO C 290 1.42 -34.72 2.36
N CYS C 291 0.83 -33.52 2.44
CA CYS C 291 -0.07 -33.11 3.54
C CYS C 291 -1.28 -34.03 3.57
N TYR C 292 -2.00 -34.11 2.46
CA TYR C 292 -3.21 -34.96 2.33
C TYR C 292 -2.84 -36.45 2.33
N THR C 293 -1.61 -36.81 1.98
CA THR C 293 -1.16 -38.24 1.95
C THR C 293 -1.05 -38.76 3.39
N THR C 294 -0.35 -38.02 4.25
CA THR C 294 -0.18 -38.27 5.70
C THR C 294 -1.55 -38.19 6.40
N LEU C 295 -2.42 -37.24 6.05
CA LEU C 295 -3.72 -37.09 6.74
C LEU C 295 -4.60 -38.32 6.43
N THR C 296 -4.59 -38.80 5.17
CA THR C 296 -5.36 -40.00 4.77
C THR C 296 -4.81 -41.23 5.49
N GLN C 297 -3.49 -41.33 5.69
CA GLN C 297 -2.85 -42.45 6.41
C GLN C 297 -3.34 -42.46 7.87
N ILE C 298 -3.42 -41.31 8.52
CA ILE C 298 -3.85 -41.22 9.96
C ILE C 298 -5.37 -41.24 10.04
N LEU C 299 -6.09 -40.60 9.11
CA LEU C 299 -7.57 -40.51 9.10
C LEU C 299 -8.07 -40.95 7.72
N PRO C 300 -8.23 -42.27 7.47
CA PRO C 300 -8.62 -42.77 6.16
C PRO C 300 -9.91 -42.19 5.58
N PRO C 301 -10.93 -41.82 6.39
CA PRO C 301 -12.08 -41.07 5.88
C PRO C 301 -11.81 -39.71 5.19
N THR C 302 -10.61 -39.14 5.30
CA THR C 302 -10.25 -37.83 4.67
C THR C 302 -9.77 -38.08 3.24
N GLU C 303 -9.85 -39.33 2.77
CA GLU C 303 -9.41 -39.83 1.44
C GLU C 303 -9.85 -38.90 0.31
N PRO C 304 -11.12 -38.48 0.24
CA PRO C 304 -11.56 -37.58 -0.84
C PRO C 304 -10.72 -36.31 -1.05
N LEU C 305 -10.15 -35.74 0.02
CA LEU C 305 -9.27 -34.54 -0.07
C LEU C 305 -8.02 -34.88 -0.90
N LEU C 306 -7.38 -36.02 -0.62
CA LEU C 306 -6.20 -36.48 -1.40
C LEU C 306 -6.61 -36.73 -2.86
N LYS C 307 -7.75 -37.35 -3.10
CA LYS C 307 -8.22 -37.70 -4.48
C LYS C 307 -8.45 -36.39 -5.23
N ALA C 308 -9.14 -35.42 -4.63
CA ALA C 308 -9.47 -34.13 -5.28
C ALA C 308 -8.17 -33.38 -5.62
N CYS C 309 -7.22 -33.39 -4.68
CA CYS C 309 -5.89 -32.75 -4.81
C CYS C 309 -5.13 -33.39 -6.00
N ARG C 310 -5.06 -34.74 -6.05
CA ARG C 310 -4.42 -35.47 -7.19
C ARG C 310 -5.09 -35.04 -8.51
N ASP C 311 -6.44 -34.99 -8.55
CA ASP C 311 -7.18 -34.56 -9.76
C ASP C 311 -6.75 -33.14 -10.18
N ASN C 312 -6.58 -32.21 -9.23
CA ASN C 312 -6.16 -30.83 -9.53
C ASN C 312 -4.70 -30.82 -10.03
N LEU C 313 -3.82 -31.66 -9.49
CA LEU C 313 -2.39 -31.78 -9.93
C LEU C 313 -2.39 -32.14 -11.41
N SER C 314 -3.25 -33.09 -11.78
CA SER C 314 -3.42 -33.59 -13.17
C SER C 314 -4.00 -32.48 -14.07
N GLN C 315 -4.84 -31.58 -13.55
CA GLN C 315 -5.37 -30.41 -14.30
C GLN C 315 -4.24 -29.42 -14.58
N TRP C 316 -3.41 -29.10 -13.58
CA TRP C 316 -2.25 -28.17 -13.73
C TRP C 316 -1.24 -28.73 -14.74
N GLU C 317 -1.08 -30.07 -14.79
CA GLU C 317 -0.20 -30.72 -15.78
C GLU C 317 -0.78 -30.46 -17.18
N LYS C 318 -2.10 -30.66 -17.37
CA LYS C 318 -2.80 -30.42 -18.66
C LYS C 318 -2.60 -28.97 -19.11
N VAL C 319 -2.68 -28.01 -18.18
CA VAL C 319 -2.43 -26.56 -18.48
C VAL C 319 -0.96 -26.39 -18.88
N ILE C 320 -0.02 -27.00 -18.17
CA ILE C 320 1.43 -26.92 -18.54
C ILE C 320 1.63 -27.48 -19.95
N ARG C 321 0.88 -28.50 -20.36
CA ARG C 321 1.04 -29.13 -21.69
C ARG C 321 0.36 -28.27 -22.78
N GLY C 322 -0.44 -27.27 -22.40
CA GLY C 322 -1.11 -26.37 -23.35
C GLY C 322 -2.48 -26.86 -23.78
N GLU C 323 -3.07 -27.83 -23.07
CA GLU C 323 -4.40 -28.45 -23.35
C GLU C 323 -5.53 -27.69 -22.62
N GLU C 324 -5.18 -26.89 -21.61
CA GLU C 324 -6.04 -25.84 -21.00
C GLU C 324 -5.17 -24.65 -20.58
N TRP D 10 45.69 -21.15 31.26
CA TRP D 10 46.17 -21.15 32.67
C TRP D 10 46.54 -19.70 33.09
N GLN D 11 47.47 -19.08 32.35
CA GLN D 11 47.94 -17.68 32.55
C GLN D 11 47.14 -16.70 31.69
N GLY D 12 46.44 -17.17 30.64
CA GLY D 12 45.75 -16.35 29.62
C GLY D 12 44.38 -15.84 30.08
N LEU D 13 44.16 -15.72 31.40
CA LEU D 13 42.90 -15.28 32.03
C LEU D 13 43.09 -13.83 32.51
N MET D 14 43.89 -13.06 31.77
CA MET D 14 44.38 -11.73 32.15
C MET D 14 43.76 -10.67 31.22
N GLN D 15 42.51 -10.32 31.45
CA GLN D 15 41.78 -9.34 30.59
C GLN D 15 42.08 -7.93 31.06
N PHE D 16 41.76 -6.93 30.23
CA PHE D 16 41.86 -5.50 30.56
C PHE D 16 40.49 -4.99 31.03
N THR D 17 40.50 -4.15 32.06
CA THR D 17 39.28 -3.50 32.63
C THR D 17 39.50 -1.99 32.60
N LEU D 18 38.65 -1.27 31.89
CA LEU D 18 38.65 0.20 31.87
C LEU D 18 37.93 0.70 33.11
N PRO D 19 38.18 1.95 33.53
CA PRO D 19 37.32 2.59 34.52
C PRO D 19 35.85 2.63 34.09
N VAL D 20 34.95 2.65 35.07
CA VAL D 20 33.48 2.58 34.85
C VAL D 20 33.10 3.41 33.62
N ARG D 21 33.36 4.72 33.64
CA ARG D 21 32.82 5.64 32.60
C ARG D 21 33.28 5.18 31.20
N LEU D 22 34.58 4.88 31.05
CA LEU D 22 35.19 4.43 29.77
C LEU D 22 34.57 3.11 29.35
N CYS D 23 34.61 2.14 30.25
CA CYS D 23 34.03 0.79 30.07
C CYS D 23 32.61 0.93 29.51
N LYS D 24 31.85 1.93 29.97
CA LYS D 24 30.46 2.17 29.50
C LYS D 24 30.42 3.02 28.22
N GLU D 25 31.23 4.08 28.11
CA GLU D 25 31.11 5.06 26.99
C GLU D 25 31.84 4.55 25.73
N ILE D 26 32.78 3.62 25.87
CA ILE D 26 33.54 3.03 24.72
C ILE D 26 32.57 2.32 23.77
N GLU D 27 31.40 1.93 24.26
CA GLU D 27 30.39 1.21 23.43
C GLU D 27 29.69 2.22 22.54
N LEU D 28 29.74 3.51 22.86
CA LEU D 28 29.10 4.57 22.03
C LEU D 28 29.99 4.96 20.83
N PHE D 29 29.40 5.21 19.66
CA PHE D 29 30.16 5.61 18.44
C PHE D 29 30.93 6.91 18.69
N HIS D 30 30.40 7.86 19.47
CA HIS D 30 30.96 9.23 19.66
C HIS D 30 32.02 9.27 20.78
N PHE D 31 32.34 8.12 21.36
CA PHE D 31 33.40 8.02 22.41
C PHE D 31 34.67 8.73 21.95
N ASP D 32 35.25 9.53 22.85
CA ASP D 32 36.59 10.14 22.67
C ASP D 32 37.55 9.38 23.60
N ILE D 33 38.71 8.97 23.09
CA ILE D 33 39.68 8.10 23.83
C ILE D 33 40.50 8.88 24.88
N GLY D 34 40.39 10.22 24.89
CA GLY D 34 40.95 11.07 25.95
C GLY D 34 42.40 11.50 25.67
N PRO D 35 42.96 12.38 26.54
CA PRO D 35 44.30 12.94 26.35
C PRO D 35 45.45 12.15 26.99
N PHE D 36 45.17 11.02 27.64
CA PHE D 36 46.19 10.16 28.29
C PHE D 36 46.70 9.08 27.30
N GLU D 37 47.70 9.43 26.48
CA GLU D 37 48.45 8.53 25.56
C GLU D 37 48.65 7.15 26.19
N ASN D 38 49.00 7.07 27.46
CA ASN D 38 49.47 5.81 28.09
C ASN D 38 48.30 4.86 28.34
N MET D 39 47.06 5.31 28.21
CA MET D 39 45.87 4.41 28.30
C MET D 39 45.50 3.83 26.92
N TRP D 40 45.94 4.43 25.81
CA TRP D 40 45.43 4.09 24.45
C TRP D 40 45.77 2.65 24.08
N PRO D 41 46.99 2.12 24.33
CA PRO D 41 47.29 0.71 24.09
C PRO D 41 46.33 -0.22 24.85
N GLY D 42 46.13 0.00 26.14
CA GLY D 42 45.15 -0.74 26.97
C GLY D 42 43.74 -0.65 26.39
N ILE D 43 43.34 0.54 25.90
CA ILE D 43 41.99 0.73 25.29
C ILE D 43 41.91 -0.13 24.03
N PHE D 44 42.99 -0.23 23.26
CA PHE D 44 43.01 -1.02 21.99
C PHE D 44 42.88 -2.50 22.32
N VAL D 45 43.70 -3.02 23.23
CA VAL D 45 43.69 -4.45 23.65
C VAL D 45 42.29 -4.78 24.17
N TYR D 46 41.68 -3.89 24.97
CA TYR D 46 40.32 -4.10 25.54
C TYR D 46 39.35 -4.41 24.41
N MET D 47 39.42 -3.61 23.33
CA MET D 47 38.50 -3.67 22.16
C MET D 47 38.76 -4.95 21.39
N VAL D 48 40.03 -5.34 21.19
CA VAL D 48 40.43 -6.58 20.49
C VAL D 48 39.88 -7.79 21.25
N HIS D 49 39.99 -7.80 22.59
CA HIS D 49 39.44 -8.88 23.46
C HIS D 49 37.93 -9.00 23.31
N ARG D 50 37.19 -7.89 23.46
CA ARG D 50 35.71 -7.92 23.40
C ARG D 50 35.23 -8.20 21.97
N SER D 51 36.04 -7.84 20.96
CA SER D 51 35.64 -7.76 19.53
C SER D 51 35.75 -9.13 18.85
N CYS D 52 36.76 -9.93 19.18
CA CYS D 52 36.98 -11.24 18.51
C CYS D 52 37.64 -12.26 19.44
N GLY D 53 37.44 -12.14 20.76
CA GLY D 53 37.82 -13.16 21.77
C GLY D 53 39.17 -12.86 22.40
N THR D 54 39.34 -13.31 23.64
CA THR D 54 40.51 -13.00 24.50
C THR D 54 41.77 -13.72 24.00
N SER D 55 41.61 -14.81 23.24
CA SER D 55 42.69 -15.74 22.86
C SER D 55 43.02 -15.61 21.36
N CYS D 56 42.39 -14.69 20.63
CA CYS D 56 42.62 -14.55 19.18
C CYS D 56 44.05 -14.05 18.91
N PHE D 57 44.71 -13.41 19.88
CA PHE D 57 46.14 -12.98 19.81
C PHE D 57 46.87 -13.33 21.10
N GLU D 58 48.12 -13.79 21.00
CA GLU D 58 49.05 -13.96 22.14
C GLU D 58 49.35 -12.56 22.68
N LEU D 59 49.07 -12.28 23.96
CA LEU D 59 49.14 -10.90 24.52
C LEU D 59 50.56 -10.33 24.39
N GLU D 60 51.62 -11.14 24.55
CA GLU D 60 53.04 -10.70 24.45
C GLU D 60 53.32 -10.12 23.06
N LYS D 61 52.92 -10.83 22.00
CA LYS D 61 53.16 -10.42 20.59
C LYS D 61 52.31 -9.18 20.28
N LEU D 62 51.04 -9.20 20.69
CA LEU D 62 50.10 -8.08 20.49
C LEU D 62 50.70 -6.81 21.10
N CME D 63 51.17 -6.89 22.34
CA CME D 63 51.66 -5.68 23.08
CB CME D 63 51.82 -5.88 24.58
SG CME D 63 50.33 -5.59 25.57
SD CME D 63 49.87 -3.61 25.36
CE CME D 63 51.05 -2.74 26.45
CZ CME D 63 50.37 -2.02 27.58
OH CME D 63 51.22 -1.03 28.14
C CME D 63 52.92 -5.16 22.38
O CME D 63 53.00 -3.94 22.24
N ARG D 64 53.83 -6.01 21.89
CA ARG D 64 55.05 -5.49 21.23
C ARG D 64 54.73 -5.06 19.78
N PHE D 65 53.69 -5.63 19.17
CA PHE D 65 53.20 -5.15 17.85
C PHE D 65 52.67 -3.71 18.01
N ILE D 66 51.87 -3.47 19.06
CA ILE D 66 51.22 -2.16 19.34
C ILE D 66 52.29 -1.08 19.57
N MET D 67 53.33 -1.39 20.34
CA MET D 67 54.35 -0.38 20.75
C MET D 67 55.29 -0.09 19.57
N SER D 68 55.49 -1.05 18.67
CA SER D 68 56.20 -0.85 17.38
C SER D 68 55.37 0.01 16.42
N VAL D 69 54.05 -0.21 16.36
CA VAL D 69 53.10 0.62 15.55
C VAL D 69 53.15 2.04 16.09
N LYS D 70 52.90 2.23 17.39
CA LYS D 70 53.00 3.55 18.06
C LYS D 70 54.31 4.25 17.65
N LYS D 71 55.43 3.53 17.71
CA LYS D 71 56.79 4.12 17.50
C LYS D 71 56.90 4.61 16.06
N ASN D 72 56.14 4.07 15.12
CA ASN D 72 56.25 4.37 13.67
C ASN D 72 55.16 5.36 13.23
N TYR D 73 54.32 5.85 14.15
CA TYR D 73 53.52 7.09 13.94
C TYR D 73 54.38 8.27 14.38
N ARG D 74 54.26 9.39 13.68
CA ARG D 74 55.10 10.59 13.85
C ARG D 74 54.36 11.63 14.68
N ARG D 75 55.09 12.61 15.22
CA ARG D 75 54.49 13.68 16.05
C ARG D 75 53.98 14.79 15.11
N VAL D 76 52.99 14.48 14.30
CA VAL D 76 52.31 15.45 13.39
C VAL D 76 51.01 15.87 14.06
N PRO D 77 50.39 17.02 13.67
CA PRO D 77 49.20 17.51 14.34
C PRO D 77 47.95 16.60 14.28
N TYR D 78 47.76 15.82 13.22
CA TYR D 78 46.50 15.05 13.04
C TYR D 78 46.75 13.57 12.73
N HIS D 79 47.57 13.24 11.74
CA HIS D 79 47.83 11.86 11.27
C HIS D 79 48.83 11.17 12.21
N ASN D 80 48.44 11.00 13.46
CA ASN D 80 49.30 10.61 14.59
C ASN D 80 48.66 9.41 15.29
N TRP D 81 49.35 8.92 16.34
CA TRP D 81 48.95 7.72 17.13
C TRP D 81 47.50 7.83 17.59
N LYS D 82 47.08 9.02 18.03
CA LYS D 82 45.70 9.23 18.53
C LYS D 82 44.67 9.00 17.42
N HIS D 83 44.95 9.45 16.19
CA HIS D 83 44.09 9.18 15.02
C HIS D 83 43.99 7.66 14.79
N ALA D 84 45.12 6.95 14.81
CA ALA D 84 45.21 5.47 14.68
C ALA D 84 44.20 4.78 15.61
N VAL D 85 44.25 5.08 16.90
CA VAL D 85 43.44 4.37 17.92
C VAL D 85 41.99 4.85 17.82
N THR D 86 41.78 6.10 17.40
CA THR D 86 40.43 6.69 17.22
C THR D 86 39.70 5.98 16.08
N VAL D 87 40.37 5.79 14.94
CA VAL D 87 39.80 5.05 13.77
C VAL D 87 39.50 3.60 14.19
N ALA D 88 40.38 3.00 14.99
CA ALA D 88 40.22 1.61 15.44
C ALA D 88 38.99 1.49 16.33
N HIS D 89 38.73 2.47 17.19
CA HIS D 89 37.56 2.47 18.09
C HIS D 89 36.27 2.51 17.24
N CYS D 90 36.21 3.36 16.21
CA CYS D 90 35.05 3.43 15.30
C CYS D 90 34.79 2.03 14.71
N MET D 91 35.82 1.37 14.17
CA MET D 91 35.71 0.01 13.61
C MET D 91 35.19 -0.93 14.71
N TYR D 92 35.73 -0.82 15.93
CA TYR D 92 35.30 -1.64 17.08
C TYR D 92 33.77 -1.53 17.21
N ALA D 93 33.27 -0.30 17.32
CA ALA D 93 31.84 0.03 17.53
C ALA D 93 31.01 -0.54 16.38
N ILE D 94 31.48 -0.39 15.14
CA ILE D 94 30.80 -0.95 13.94
C ILE D 94 30.67 -2.47 14.14
N LEU D 95 31.79 -3.15 14.46
CA LEU D 95 31.85 -4.63 14.56
C LEU D 95 30.94 -5.14 15.68
N GLN D 96 30.91 -4.45 16.82
CA GLN D 96 30.10 -4.89 17.98
C GLN D 96 28.60 -4.76 17.67
N ASN D 97 28.20 -3.84 16.79
CA ASN D 97 26.77 -3.53 16.53
C ASN D 97 26.36 -4.20 15.22
N ASN D 98 27.23 -5.04 14.66
CA ASN D 98 26.98 -5.81 13.42
C ASN D 98 27.67 -7.17 13.55
N HIS D 99 27.68 -7.76 14.75
CA HIS D 99 28.60 -8.88 15.11
C HIS D 99 28.27 -10.16 14.32
N THR D 100 27.04 -10.36 13.85
CA THR D 100 26.65 -11.56 13.06
C THR D 100 27.15 -11.46 11.61
N LEU D 101 27.48 -10.27 11.12
CA LEU D 101 27.81 -10.04 9.68
C LEU D 101 29.26 -10.42 9.34
N PHE D 102 30.21 -10.40 10.29
CA PHE D 102 31.67 -10.49 9.99
C PHE D 102 32.27 -11.79 10.49
N THR D 103 33.15 -12.36 9.68
CA THR D 103 33.91 -13.60 10.00
C THR D 103 34.96 -13.27 11.06
N ASP D 104 35.64 -14.27 11.59
CA ASP D 104 36.62 -14.10 12.69
C ASP D 104 37.90 -13.45 12.14
N LEU D 105 38.27 -13.81 10.89
CA LEU D 105 39.45 -13.24 10.18
C LEU D 105 39.21 -11.76 9.91
N GLU D 106 37.99 -11.38 9.52
CA GLU D 106 37.63 -9.96 9.26
C GLU D 106 37.73 -9.18 10.57
N ARG D 107 37.20 -9.73 11.66
CA ARG D 107 37.26 -9.10 13.00
C ARG D 107 38.72 -8.85 13.38
N LYS D 108 39.56 -9.90 13.33
CA LYS D 108 41.03 -9.82 13.62
C LYS D 108 41.68 -8.78 12.73
N GLY D 109 41.42 -8.86 11.42
CA GLY D 109 42.11 -8.07 10.38
C GLY D 109 41.82 -6.59 10.46
N LEU D 110 40.56 -6.22 10.68
CA LEU D 110 40.07 -4.83 10.52
C LEU D 110 40.50 -3.91 11.68
N LEU D 111 40.58 -4.39 12.91
CA LEU D 111 41.05 -3.57 14.05
C LEU D 111 42.55 -3.27 13.86
N ILE D 112 43.31 -4.28 13.44
CA ILE D 112 44.76 -4.15 13.08
C ILE D 112 44.88 -3.16 11.92
N ALA D 113 44.06 -3.30 10.88
CA ALA D 113 44.15 -2.46 9.67
C ALA D 113 43.95 -1.01 10.09
N CYS D 114 42.94 -0.74 10.93
CA CYS D 114 42.62 0.63 11.40
C CYS D 114 43.78 1.19 12.23
N LEU D 115 44.38 0.39 13.12
CA LEU D 115 45.54 0.84 13.94
C LEU D 115 46.73 1.19 13.04
N CYS D 116 46.89 0.50 11.92
CA CYS D 116 48.07 0.63 11.02
C CYS D 116 47.80 1.53 9.81
N HIS D 117 46.57 2.02 9.61
CA HIS D 117 46.10 2.53 8.28
C HIS D 117 46.88 3.78 7.87
N ASP D 118 47.51 4.50 8.79
CA ASP D 118 48.24 5.76 8.49
C ASP D 118 49.71 5.70 8.97
N LEU D 119 50.31 4.52 9.08
CA LEU D 119 51.71 4.33 9.58
C LEU D 119 52.71 5.22 8.81
N ASP D 120 53.48 6.02 9.54
CA ASP D 120 54.65 6.77 9.01
C ASP D 120 54.13 7.92 8.13
N HIS D 121 52.96 8.45 8.45
CA HIS D 121 52.37 9.64 7.79
C HIS D 121 53.18 10.89 8.18
N ARG D 122 53.55 11.71 7.20
CA ARG D 122 54.32 12.97 7.41
C ARG D 122 53.37 14.17 7.45
N GLY D 123 52.07 13.94 7.29
CA GLY D 123 51.01 14.97 7.29
C GLY D 123 50.79 15.57 5.90
N PHE D 124 51.26 14.91 4.87
CA PHE D 124 51.21 15.42 3.47
C PHE D 124 50.35 14.46 2.65
N SER D 125 49.55 15.02 1.75
CA SER D 125 48.69 14.31 0.77
C SER D 125 49.57 13.65 -0.30
N ASN D 126 49.07 12.58 -0.90
CA ASN D 126 49.62 11.96 -2.14
C ASN D 126 49.91 13.05 -3.18
N SER D 127 49.03 14.04 -3.33
CA SER D 127 49.17 15.12 -4.36
C SER D 127 50.49 15.84 -4.13
N TYR D 128 50.79 16.17 -2.87
CA TYR D 128 52.00 16.94 -2.50
C TYR D 128 53.22 16.06 -2.83
N LEU D 129 53.24 14.79 -2.41
CA LEU D 129 54.38 13.88 -2.71
C LEU D 129 54.65 13.89 -4.22
N GLN D 130 53.60 13.87 -5.04
CA GLN D 130 53.74 13.83 -6.52
C GLN D 130 54.35 15.13 -7.01
N LYS D 131 53.93 16.28 -6.50
CA LYS D 131 54.44 17.61 -6.97
C LYS D 131 55.85 17.84 -6.42
N PHE D 132 56.13 17.34 -5.22
CA PHE D 132 57.48 17.42 -4.62
C PHE D 132 58.43 16.52 -5.42
N ASP D 133 57.90 15.46 -6.04
CA ASP D 133 58.69 14.41 -6.72
C ASP D 133 59.36 13.58 -5.63
N HIS D 134 58.60 13.20 -4.59
CA HIS D 134 59.10 12.36 -3.47
C HIS D 134 59.37 10.95 -3.99
N PRO D 135 60.48 10.30 -3.59
CA PRO D 135 60.74 8.90 -3.92
C PRO D 135 59.55 7.95 -3.78
N LEU D 136 58.76 8.09 -2.72
CA LEU D 136 57.54 7.26 -2.51
C LEU D 136 56.61 7.37 -3.74
N ALA D 137 56.51 8.54 -4.39
CA ALA D 137 55.66 8.75 -5.58
C ALA D 137 56.22 8.01 -6.81
N ALA D 138 57.54 7.74 -6.85
CA ALA D 138 58.14 6.92 -7.92
C ALA D 138 57.80 5.44 -7.65
N LEU D 139 57.90 5.01 -6.41
CA LEU D 139 57.70 3.61 -5.98
C LEU D 139 56.20 3.22 -6.08
N TYR D 140 55.29 4.15 -5.82
CA TYR D 140 53.82 3.92 -5.81
C TYR D 140 53.12 5.07 -6.53
N SER D 141 52.72 4.83 -7.79
CA SER D 141 52.15 5.86 -8.71
C SER D 141 50.74 6.23 -8.27
N THR D 142 50.11 5.34 -7.51
CA THR D 142 48.68 5.38 -7.10
C THR D 142 48.59 5.07 -5.60
N SER D 143 47.63 5.71 -4.91
CA SER D 143 47.42 5.55 -3.46
C SER D 143 48.79 5.53 -2.75
N THR D 144 49.62 6.55 -3.04
CA THR D 144 51.08 6.58 -2.71
C THR D 144 51.25 6.25 -1.21
N MET D 145 50.73 7.11 -0.33
CA MET D 145 50.91 6.97 1.13
C MET D 145 50.33 5.61 1.58
N GLU D 146 49.20 5.20 1.00
CA GLU D 146 48.41 4.03 1.47
C GLU D 146 49.19 2.74 1.17
N GLN D 147 49.89 2.69 0.04
CA GLN D 147 50.77 1.54 -0.27
C GLN D 147 51.95 1.56 0.73
N HIS D 148 52.49 2.74 1.03
CA HIS D 148 53.55 2.89 2.07
C HIS D 148 53.03 2.38 3.41
N HIS D 149 51.79 2.71 3.80
CA HIS D 149 51.21 2.32 5.11
C HIS D 149 51.16 0.80 5.20
N PHE D 150 50.70 0.15 4.14
CA PHE D 150 50.60 -1.33 4.10
C PHE D 150 52.01 -1.94 4.15
N SER D 151 52.96 -1.35 3.44
CA SER D 151 54.37 -1.83 3.41
C SER D 151 54.95 -1.78 4.82
N GLN D 152 54.78 -0.65 5.51
CA GLN D 152 55.17 -0.43 6.93
C GLN D 152 54.51 -1.49 7.83
N THR D 153 53.22 -1.77 7.64
CA THR D 153 52.48 -2.77 8.44
C THR D 153 53.19 -4.12 8.34
N VAL D 154 53.53 -4.56 7.12
CA VAL D 154 54.16 -5.90 6.86
C VAL D 154 55.55 -5.92 7.51
N SER D 155 56.30 -4.84 7.39
CA SER D 155 57.66 -4.74 7.96
C SER D 155 57.61 -5.04 9.47
N ILE D 156 56.64 -4.45 10.16
CA ILE D 156 56.49 -4.59 11.64
C ILE D 156 56.10 -6.03 11.96
N LEU D 157 55.14 -6.62 11.23
CA LEU D 157 54.67 -8.01 11.47
C LEU D 157 55.84 -8.99 11.35
N GLN D 158 56.83 -8.68 10.52
CA GLN D 158 57.96 -9.60 10.26
C GLN D 158 59.14 -9.28 11.20
N LEU D 159 59.02 -8.22 12.00
CA LEU D 159 59.96 -7.97 13.12
C LEU D 159 59.85 -9.18 14.05
N GLU D 160 60.94 -9.49 14.75
CA GLU D 160 61.05 -10.70 15.60
C GLU D 160 60.11 -10.58 16.79
N GLY D 161 59.29 -11.61 17.01
CA GLY D 161 58.30 -11.65 18.12
C GLY D 161 57.06 -10.83 17.84
N HIS D 162 56.87 -10.27 16.64
CA HIS D 162 55.77 -9.32 16.31
C HIS D 162 54.66 -9.96 15.48
N ASN D 163 54.82 -11.21 15.03
CA ASN D 163 53.77 -11.82 14.16
C ASN D 163 52.63 -12.33 15.04
N ILE D 164 51.59 -11.50 15.12
CA ILE D 164 50.35 -11.71 15.92
C ILE D 164 49.44 -12.73 15.21
N PHE D 165 49.74 -13.05 13.95
CA PHE D 165 48.95 -13.97 13.10
C PHE D 165 49.63 -15.34 12.99
N SER D 166 50.59 -15.64 13.86
CA SER D 166 51.40 -16.89 13.79
C SER D 166 50.51 -18.13 14.04
N THR D 167 49.53 -18.07 14.93
CA THR D 167 48.63 -19.24 15.20
C THR D 167 47.68 -19.50 14.01
N LEU D 168 47.55 -18.58 13.04
CA LEU D 168 46.67 -18.81 11.86
C LEU D 168 47.29 -19.88 10.97
N SER D 169 46.47 -20.69 10.28
CA SER D 169 46.89 -21.54 9.14
C SER D 169 47.54 -20.66 8.07
N SER D 170 48.04 -21.24 7.00
CA SER D 170 48.77 -20.51 5.92
C SER D 170 47.79 -19.80 5.00
N SER D 171 46.64 -20.41 4.70
CA SER D 171 45.59 -19.80 3.83
C SER D 171 44.89 -18.67 4.59
N GLU D 172 44.70 -18.83 5.90
CA GLU D 172 44.05 -17.82 6.77
C GLU D 172 44.99 -16.62 6.87
N TYR D 173 46.28 -16.87 7.03
CA TYR D 173 47.34 -15.82 7.07
C TYR D 173 47.26 -14.97 5.80
N GLU D 174 47.41 -15.57 4.62
CA GLU D 174 47.43 -14.79 3.36
C GLU D 174 46.08 -14.06 3.20
N GLN D 175 45.01 -14.64 3.74
CA GLN D 175 43.63 -14.09 3.67
C GLN D 175 43.52 -12.84 4.57
N VAL D 176 44.00 -12.92 5.82
CA VAL D 176 43.93 -11.77 6.76
C VAL D 176 44.82 -10.64 6.22
N LEU D 177 45.99 -10.94 5.64
CA LEU D 177 46.93 -9.92 5.09
C LEU D 177 46.27 -9.24 3.89
N GLU D 178 45.45 -9.96 3.13
CA GLU D 178 44.70 -9.43 1.98
C GLU D 178 43.53 -8.56 2.46
N ILE D 179 42.86 -8.93 3.56
CA ILE D 179 41.81 -8.08 4.21
C ILE D 179 42.47 -6.75 4.59
N ILE D 180 43.64 -6.81 5.22
CA ILE D 180 44.37 -5.62 5.76
C ILE D 180 44.80 -4.72 4.59
N ARG D 181 45.37 -5.31 3.54
CA ARG D 181 45.83 -4.54 2.36
C ARG D 181 44.66 -3.75 1.75
N LYS D 182 43.55 -4.41 1.45
CA LYS D 182 42.40 -3.77 0.76
C LYS D 182 41.81 -2.70 1.66
N ALA D 183 41.74 -2.99 2.95
CA ALA D 183 41.22 -2.09 3.99
C ALA D 183 42.07 -0.82 4.03
N ILE D 184 43.41 -0.94 4.07
CA ILE D 184 44.31 0.25 4.18
C ILE D 184 44.24 1.02 2.87
N ILE D 185 44.26 0.34 1.72
CA ILE D 185 44.24 1.00 0.39
C ILE D 185 42.93 1.79 0.25
N ALA D 186 41.82 1.29 0.78
CA ALA D 186 40.48 1.91 0.66
C ALA D 186 40.43 3.24 1.42
N THR D 187 41.36 3.49 2.36
CA THR D 187 41.44 4.76 3.14
C THR D 187 41.94 5.91 2.25
N ASP D 188 42.35 5.63 1.02
CA ASP D 188 42.63 6.64 -0.03
C ASP D 188 41.31 7.28 -0.43
N LEU D 189 41.08 8.53 -0.04
CA LEU D 189 39.78 9.19 -0.24
C LEU D 189 39.48 9.29 -1.73
N ALA D 190 40.50 9.32 -2.60
CA ALA D 190 40.29 9.39 -4.06
C ALA D 190 39.46 8.18 -4.54
N LEU D 191 39.64 7.01 -3.91
CA LEU D 191 38.95 5.73 -4.29
C LEU D 191 37.53 5.65 -3.70
N TYR D 192 37.23 6.40 -2.64
CA TYR D 192 35.95 6.35 -1.88
C TYR D 192 34.76 6.72 -2.77
N PHE D 193 34.88 7.79 -3.57
CA PHE D 193 33.76 8.36 -4.39
C PHE D 193 33.20 7.27 -5.32
N GLY D 194 34.07 6.66 -6.13
CA GLY D 194 33.78 5.48 -6.99
C GLY D 194 33.19 4.33 -6.20
N ASN D 195 33.75 4.00 -5.02
CA ASN D 195 33.30 2.85 -4.19
C ASN D 195 31.89 3.08 -3.64
N ARG D 196 31.58 4.32 -3.24
CA ARG D 196 30.27 4.66 -2.64
C ARG D 196 29.17 4.62 -3.72
N LYS D 197 29.40 5.27 -4.88
CA LYS D 197 28.45 5.35 -6.02
C LYS D 197 28.10 3.94 -6.48
N GLN D 198 29.10 3.06 -6.62
CA GLN D 198 28.90 1.60 -6.90
C GLN D 198 28.03 0.95 -5.82
N LEU D 199 28.33 1.15 -4.52
CA LEU D 199 27.57 0.47 -3.42
C LEU D 199 26.13 0.99 -3.40
N GLU D 200 25.94 2.29 -3.66
CA GLU D 200 24.61 2.95 -3.63
C GLU D 200 23.74 2.23 -4.65
N GLU D 201 24.23 2.16 -5.89
CA GLU D 201 23.61 1.44 -7.03
C GLU D 201 23.22 0.02 -6.60
N MET D 202 24.21 -0.79 -6.22
CA MET D 202 24.00 -2.20 -5.80
C MET D 202 22.91 -2.27 -4.73
N TYR D 203 23.01 -1.50 -3.64
CA TYR D 203 22.09 -1.66 -2.48
C TYR D 203 20.66 -1.26 -2.87
N GLN D 204 20.49 -0.14 -3.57
CA GLN D 204 19.15 0.43 -3.91
C GLN D 204 18.44 -0.49 -4.92
N THR D 205 19.15 -1.02 -5.93
CA THR D 205 18.58 -1.95 -6.96
C THR D 205 18.55 -3.41 -6.46
N GLY D 206 18.78 -3.64 -5.17
CA GLY D 206 18.66 -4.95 -4.50
C GLY D 206 19.73 -5.98 -4.88
N SER D 207 20.72 -5.64 -5.71
CA SER D 207 21.75 -6.59 -6.21
C SER D 207 22.91 -6.80 -5.20
N LEU D 208 23.02 -6.00 -4.14
CA LEU D 208 24.10 -6.17 -3.12
C LEU D 208 23.94 -7.50 -2.37
N ASN D 209 25.03 -8.26 -2.30
CA ASN D 209 25.08 -9.64 -1.73
C ASN D 209 26.38 -9.80 -0.93
N LEU D 210 26.29 -9.97 0.39
CA LEU D 210 27.48 -10.08 1.28
C LEU D 210 28.10 -11.48 1.20
N ASN D 211 27.55 -12.39 0.40
CA ASN D 211 28.17 -13.72 0.12
C ASN D 211 29.14 -13.59 -1.04
N ASN D 212 29.06 -12.47 -1.76
CA ASN D 212 29.97 -12.15 -2.89
C ASN D 212 31.19 -11.42 -2.30
N GLN D 213 32.39 -12.00 -2.39
CA GLN D 213 33.63 -11.42 -1.79
C GLN D 213 33.92 -10.03 -2.36
N SER D 214 33.67 -9.85 -3.67
CA SER D 214 33.80 -8.58 -4.42
C SER D 214 32.98 -7.49 -3.70
N HIS D 215 31.76 -7.84 -3.30
CA HIS D 215 30.78 -6.99 -2.59
C HIS D 215 31.23 -6.73 -1.15
N ARG D 216 31.70 -7.76 -0.44
CA ARG D 216 32.24 -7.62 0.94
C ARG D 216 33.37 -6.58 0.95
N ASP D 217 34.34 -6.70 0.02
CA ASP D 217 35.50 -5.77 -0.09
C ASP D 217 35.02 -4.31 -0.23
N ARG D 218 34.00 -4.06 -1.06
CA ARG D 218 33.44 -2.71 -1.23
C ARG D 218 32.85 -2.22 0.10
N VAL D 219 32.07 -3.06 0.79
CA VAL D 219 31.42 -2.67 2.08
C VAL D 219 32.51 -2.41 3.12
N ILE D 220 33.52 -3.27 3.21
CA ILE D 220 34.69 -3.07 4.10
C ILE D 220 35.39 -1.76 3.69
N GLY D 221 35.57 -1.53 2.40
CA GLY D 221 36.11 -0.25 1.88
C GLY D 221 35.37 0.94 2.47
N LEU D 222 34.04 0.94 2.41
CA LEU D 222 33.21 2.06 2.92
C LEU D 222 33.36 2.16 4.44
N MET D 223 33.34 1.03 5.17
CA MET D 223 33.54 1.03 6.64
C MET D 223 34.88 1.70 6.98
N MET D 224 35.93 1.43 6.20
CA MET D 224 37.26 2.06 6.45
C MET D 224 37.15 3.59 6.28
N THR D 225 36.55 4.07 5.19
CA THR D 225 36.33 5.53 4.98
C THR D 225 35.56 6.11 6.17
N ALA D 226 34.45 5.49 6.56
CA ALA D 226 33.60 5.91 7.70
C ALA D 226 34.42 6.02 8.98
N CYS D 227 35.17 4.97 9.33
CA CYS D 227 36.05 4.99 10.53
C CYS D 227 37.07 6.12 10.41
N ASP D 228 37.62 6.29 9.21
CA ASP D 228 38.70 7.27 8.92
C ASP D 228 38.20 8.70 9.10
N LEU D 229 36.94 9.00 8.75
CA LEU D 229 36.40 10.39 8.80
C LEU D 229 35.70 10.63 10.14
N CYS D 230 35.81 9.71 11.10
CA CYS D 230 34.89 9.64 12.27
C CYS D 230 35.07 10.83 13.24
N SER D 231 36.02 11.73 13.01
CA SER D 231 36.10 13.01 13.78
C SER D 231 34.82 13.84 13.58
N VAL D 232 34.18 13.75 12.41
CA VAL D 232 32.91 14.51 12.11
C VAL D 232 31.69 13.85 12.77
N THR D 233 31.84 12.68 13.39
CA THR D 233 30.74 11.94 14.05
C THR D 233 30.84 12.08 15.58
N LYS D 234 31.78 12.88 16.04
CA LYS D 234 31.97 13.12 17.49
C LYS D 234 31.02 14.25 17.90
N LEU D 235 30.84 14.39 19.21
CA LEU D 235 30.10 15.52 19.82
C LEU D 235 30.83 16.80 19.40
N TRP D 236 30.08 17.89 19.24
CA TRP D 236 30.55 19.12 18.54
C TRP D 236 31.87 19.63 19.13
N PRO D 237 32.05 19.70 20.47
CA PRO D 237 33.31 20.19 21.03
C PRO D 237 34.53 19.39 20.53
N VAL D 238 34.42 18.05 20.46
CA VAL D 238 35.50 17.15 19.96
C VAL D 238 35.73 17.45 18.48
N THR D 239 34.65 17.54 17.69
CA THR D 239 34.73 17.71 16.21
C THR D 239 35.42 19.06 15.89
N LYS D 240 34.98 20.14 16.53
CA LYS D 240 35.51 21.51 16.32
C LYS D 240 37.01 21.52 16.66
N LEU D 241 37.38 21.03 17.83
CA LEU D 241 38.80 21.00 18.28
C LEU D 241 39.64 20.14 17.32
N THR D 242 39.12 19.03 16.80
CA THR D 242 39.89 18.13 15.90
C THR D 242 40.11 18.84 14.55
N ALA D 243 39.16 19.66 14.11
CA ALA D 243 39.25 20.43 12.85
C ALA D 243 40.48 21.33 12.91
N ASN D 244 40.89 21.80 14.09
CA ASN D 244 42.13 22.61 14.27
C ASN D 244 43.37 21.80 13.87
N ASP D 245 43.47 20.57 14.37
CA ASP D 245 44.60 19.65 14.05
C ASP D 245 44.60 19.38 12.54
N ILE D 246 43.44 19.05 11.97
CA ILE D 246 43.30 18.71 10.52
C ILE D 246 43.78 19.91 9.70
N TYR D 247 43.34 21.12 10.03
CA TYR D 247 43.65 22.33 9.23
C TYR D 247 45.10 22.74 9.49
N ALA D 248 45.66 22.40 10.64
CA ALA D 248 47.09 22.67 10.95
C ALA D 248 47.92 21.95 9.89
N GLU D 249 47.55 20.70 9.58
CA GLU D 249 48.25 19.89 8.55
C GLU D 249 48.02 20.51 7.18
N PHE D 250 46.76 20.83 6.85
CA PHE D 250 46.38 21.39 5.54
C PHE D 250 47.22 22.63 5.27
N TRP D 251 47.34 23.52 6.25
CA TRP D 251 48.05 24.82 6.09
C TRP D 251 49.57 24.59 5.95
N ALA D 252 50.16 23.63 6.66
CA ALA D 252 51.60 23.26 6.51
C ALA D 252 51.83 22.80 5.07
N GLU D 253 50.88 22.07 4.49
CA GLU D 253 51.00 21.54 3.11
C GLU D 253 50.83 22.68 2.10
N GLY D 254 49.79 23.51 2.27
CA GLY D 254 49.64 24.75 1.49
C GLY D 254 50.93 25.55 1.48
N ASP D 255 51.60 25.68 2.63
CA ASP D 255 52.89 26.41 2.78
C ASP D 255 53.94 25.77 1.86
N GLU D 256 54.07 24.45 1.91
CA GLU D 256 55.03 23.69 1.09
C GLU D 256 54.67 23.77 -0.39
N MET D 257 53.38 23.86 -0.70
CA MET D 257 52.87 24.07 -2.09
C MET D 257 53.41 25.42 -2.58
N LYS D 258 53.33 26.46 -1.74
CA LYS D 258 53.81 27.84 -2.08
C LYS D 258 55.33 27.85 -2.22
N LYS D 259 56.03 27.05 -1.40
CA LYS D 259 57.49 26.87 -1.49
C LYS D 259 57.84 26.18 -2.81
N LEU D 260 56.91 25.45 -3.44
CA LEU D 260 57.17 24.76 -4.73
C LEU D 260 56.84 25.67 -5.92
N GLY D 261 56.21 26.83 -5.70
CA GLY D 261 55.81 27.77 -6.76
C GLY D 261 54.38 27.52 -7.21
N ILE D 262 53.64 26.72 -6.44
CA ILE D 262 52.24 26.32 -6.78
C ILE D 262 51.28 26.93 -5.76
N GLN D 263 50.30 27.71 -6.24
CA GLN D 263 49.23 28.27 -5.41
C GLN D 263 48.35 27.11 -4.95
N PRO D 264 48.23 26.82 -3.64
CA PRO D 264 47.43 25.68 -3.19
C PRO D 264 45.93 26.03 -3.24
N ILE D 265 45.09 25.00 -3.33
CA ILE D 265 43.61 25.13 -3.22
C ILE D 265 43.30 25.88 -1.92
N PRO D 266 42.16 26.59 -1.83
CA PRO D 266 41.84 27.41 -0.64
C PRO D 266 41.87 26.69 0.72
N MET D 267 41.40 25.45 0.75
CA MET D 267 41.34 24.57 1.97
C MET D 267 42.74 24.46 2.62
N MET D 268 43.81 24.49 1.83
CA MET D 268 45.21 24.38 2.32
C MET D 268 45.86 25.76 2.50
N ASP D 269 45.15 26.86 2.26
CA ASP D 269 45.76 28.22 2.26
C ASP D 269 45.51 28.88 3.61
N ARG D 270 46.55 29.16 4.42
CA ARG D 270 46.35 29.78 5.76
C ARG D 270 45.94 31.25 5.64
N ASP D 271 46.10 31.86 4.47
CA ASP D 271 45.63 33.25 4.20
C ASP D 271 44.13 33.29 3.91
N LYS D 272 43.51 32.14 3.62
CA LYS D 272 42.04 32.01 3.34
C LYS D 272 41.38 31.29 4.52
N LYS D 273 41.91 31.50 5.73
CA LYS D 273 41.48 30.87 7.00
C LYS D 273 40.00 31.14 7.28
N ASP D 274 39.53 32.33 6.93
CA ASP D 274 38.12 32.81 7.13
CA ASP D 274 38.13 32.78 7.17
C ASP D 274 37.14 31.87 6.41
N GLU D 275 37.56 31.26 5.29
CA GLU D 275 36.72 30.39 4.42
C GLU D 275 36.56 28.98 5.02
N VAL D 276 37.05 28.70 6.24
CA VAL D 276 37.04 27.33 6.81
C VAL D 276 35.60 26.85 6.98
N PRO D 277 34.70 27.60 7.66
CA PRO D 277 33.33 27.14 7.90
C PRO D 277 32.57 26.72 6.63
N GLN D 278 32.76 27.46 5.52
CA GLN D 278 32.13 27.13 4.20
CA GLN D 278 32.15 27.14 4.19
C GLN D 278 32.78 25.86 3.62
N GLY D 279 34.12 25.75 3.68
CA GLY D 279 34.88 24.57 3.25
C GLY D 279 34.40 23.32 3.99
N GLN D 280 34.17 23.44 5.30
CA GLN D 280 33.59 22.38 6.15
C GLN D 280 32.18 22.05 5.65
N LEU D 281 31.35 23.06 5.41
CA LEU D 281 29.97 22.90 4.88
C LEU D 281 30.06 21.97 3.66
N GLY D 282 30.96 22.28 2.72
CA GLY D 282 31.11 21.58 1.42
C GLY D 282 31.65 20.18 1.58
N PHE D 283 32.52 19.95 2.57
CA PHE D 283 33.11 18.61 2.84
C PHE D 283 32.02 17.69 3.40
N TYR D 284 31.18 18.19 4.30
CA TYR D 284 30.05 17.41 4.87
C TYR D 284 29.05 17.03 3.78
N ASN D 285 28.72 17.98 2.87
CA ASN D 285 27.69 17.79 1.81
C ASN D 285 28.22 16.88 0.69
N ALA D 286 29.47 17.05 0.26
CA ALA D 286 30.11 16.25 -0.83
C ALA D 286 30.71 14.93 -0.30
N VAL D 287 31.16 14.83 0.95
CA VAL D 287 31.93 13.61 1.36
C VAL D 287 31.32 12.92 2.59
N ALA D 288 31.24 13.58 3.74
CA ALA D 288 30.86 12.94 5.02
C ALA D 288 29.41 12.40 4.96
N ILE D 289 28.40 13.24 4.70
CA ILE D 289 26.95 12.82 4.78
C ILE D 289 26.72 11.70 3.77
N PRO D 290 27.11 11.81 2.47
CA PRO D 290 26.96 10.67 1.57
C PRO D 290 27.55 9.40 2.20
N CYS D 291 28.79 9.46 2.73
CA CYS D 291 29.54 8.30 3.27
C CYS D 291 28.69 7.54 4.30
N TYR D 292 28.18 8.25 5.32
CA TYR D 292 27.43 7.69 6.47
C TYR D 292 25.96 7.38 6.09
N THR D 293 25.42 8.05 5.06
CA THR D 293 24.06 7.75 4.52
C THR D 293 24.10 6.37 3.87
N THR D 294 25.08 6.13 3.00
CA THR D 294 25.22 4.85 2.26
C THR D 294 25.53 3.74 3.26
N LEU D 295 26.26 4.06 4.33
CA LEU D 295 26.75 3.06 5.30
C LEU D 295 25.57 2.61 6.18
N THR D 296 24.77 3.57 6.66
CA THR D 296 23.54 3.36 7.48
C THR D 296 22.50 2.57 6.68
N GLN D 297 22.46 2.75 5.35
CA GLN D 297 21.62 1.94 4.43
C GLN D 297 22.06 0.48 4.57
N ILE D 298 23.36 0.18 4.41
CA ILE D 298 23.91 -1.20 4.32
C ILE D 298 23.96 -1.83 5.73
N LEU D 299 24.36 -1.09 6.75
CA LEU D 299 24.54 -1.56 8.15
C LEU D 299 23.76 -0.65 9.09
N PRO D 300 22.42 -0.79 9.17
CA PRO D 300 21.56 0.13 9.91
C PRO D 300 22.02 0.50 11.32
N PRO D 301 22.62 -0.42 12.12
CA PRO D 301 23.08 -0.08 13.47
C PRO D 301 24.19 1.00 13.51
N THR D 302 24.81 1.35 12.37
CA THR D 302 25.82 2.44 12.27
C THR D 302 25.14 3.81 12.15
N GLU D 303 23.81 3.88 12.24
CA GLU D 303 23.01 5.12 12.09
C GLU D 303 23.51 6.22 13.04
N PRO D 304 23.91 5.94 14.30
CA PRO D 304 24.38 7.01 15.18
C PRO D 304 25.57 7.81 14.60
N LEU D 305 26.35 7.24 13.68
CA LEU D 305 27.39 8.03 12.97
C LEU D 305 26.70 9.11 12.13
N LEU D 306 25.65 8.75 11.40
CA LEU D 306 24.93 9.66 10.46
C LEU D 306 24.28 10.80 11.26
N LYS D 307 23.46 10.46 12.26
CA LYS D 307 22.85 11.43 13.20
C LYS D 307 23.91 12.46 13.62
N ALA D 308 24.98 12.00 14.29
CA ALA D 308 26.07 12.83 14.85
C ALA D 308 26.70 13.70 13.74
N CYS D 309 26.90 13.15 12.54
CA CYS D 309 27.42 13.92 11.38
C CYS D 309 26.44 15.04 11.03
N ARG D 310 25.14 14.73 10.89
CA ARG D 310 24.07 15.72 10.58
C ARG D 310 24.13 16.86 11.61
N ASP D 311 24.29 16.51 12.90
CA ASP D 311 24.30 17.52 13.99
C ASP D 311 25.49 18.47 13.83
N ASN D 312 26.70 17.97 13.49
CA ASN D 312 27.93 18.80 13.33
C ASN D 312 27.76 19.69 12.09
N LEU D 313 27.05 19.21 11.05
CA LEU D 313 26.75 20.01 9.83
C LEU D 313 25.94 21.25 10.26
N SER D 314 24.90 21.08 11.08
CA SER D 314 24.05 22.22 11.52
C SER D 314 24.85 23.10 12.48
N GLN D 315 25.83 22.54 13.20
CA GLN D 315 26.75 23.34 14.05
C GLN D 315 27.65 24.24 13.17
N TRP D 316 28.15 23.73 12.04
CA TRP D 316 28.96 24.55 11.08
C TRP D 316 28.08 25.63 10.44
N GLU D 317 26.86 25.28 10.01
CA GLU D 317 25.84 26.22 9.48
C GLU D 317 25.61 27.38 10.46
N LYS D 318 25.60 27.11 11.77
CA LYS D 318 25.47 28.14 12.86
C LYS D 318 26.69 29.06 12.88
N VAL D 319 27.90 28.49 12.78
CA VAL D 319 29.19 29.25 12.73
C VAL D 319 29.12 30.23 11.54
N ILE D 320 28.61 29.79 10.39
CA ILE D 320 28.55 30.58 9.12
C ILE D 320 27.65 31.81 9.30
N ARG D 321 26.90 31.96 10.41
CA ARG D 321 26.29 33.27 10.82
C ARG D 321 26.77 33.68 12.23
N GLY D 322 26.37 32.98 13.31
CA GLY D 322 26.73 33.33 14.70
C GLY D 322 26.74 32.11 15.62
ZN ZN E . -32.66 -2.73 -13.38
MG MG F . -33.93 -6.03 -11.94
CL CL G . -42.88 21.04 -16.36
N3 K79 H . -28.69 -8.76 -21.77
C5 K79 H . -28.28 -6.50 -21.71
C6 K79 H . -27.15 -6.64 -22.65
C8 K79 H . -28.71 -5.19 -21.17
C13 K79 H . -29.49 -5.87 -18.90
C15 K79 H . -29.54 -9.77 -21.25
C22 K79 H . -29.92 -9.75 -19.89
C24 K79 H . -31.25 -11.74 -20.23
C26 K79 H . -28.40 -6.15 -18.10
C1 K79 H . -26.90 -7.96 -23.10
C2 K79 H . -27.69 -8.99 -22.66
N4 K79 H . -28.96 -7.57 -21.35
O7 K79 H . -26.53 -5.65 -23.02
N9 K79 H . -29.30 -4.98 -19.96
N10 K79 H . -29.58 -3.61 -19.86
C11 K79 H . -29.25 -3.03 -21.00
C12 K79 H . -28.71 -3.98 -21.84
C14 K79 H . -32.63 -12.54 -23.16
C16 K79 H . -30.03 -10.78 -22.06
O17 K79 H . -31.37 -12.74 -22.45
C18 K79 H . -30.89 -11.77 -21.59
F19 K79 H . -32.72 -11.28 -23.75
F20 K79 H . -32.80 -13.42 -24.25
F21 K79 H . -33.69 -12.65 -22.24
C23 K79 H . -30.77 -10.73 -19.39
C25 K79 H . -30.74 -6.44 -18.60
C27 K79 H . -30.91 -7.27 -17.52
F28 K79 H . -31.83 -6.20 -19.33
C29 K79 H . -28.58 -7.00 -17.02
C30 K79 H . -29.83 -7.54 -16.73
F31 K79 H . -30.01 -8.34 -15.66
ZN ZN I . -1.50 16.25 -4.74
MG MG J . -4.09 18.70 -6.10
PR PR K . 21.12 5.16 -10.01
PR PR L . 20.47 12.72 -21.54
PR PR M . -17.76 25.48 21.00
PR PR N . -4.66 41.27 12.67
PR PR O . -19.83 22.06 22.79
C1 GOL P . -18.90 12.55 -4.70
O1 GOL P . -19.50 13.61 -5.44
C2 GOL P . -17.65 12.01 -5.37
O2 GOL P . -17.25 12.89 -6.42
C3 GOL P . -17.81 10.60 -5.90
O3 GOL P . -16.82 10.28 -6.86
N3 K79 Q . 1.11 14.37 -15.31
C5 K79 Q . 2.08 13.18 -13.61
C6 K79 Q . 2.59 12.18 -14.60
C8 K79 Q . 2.39 13.13 -12.18
C13 K79 Q . 0.39 14.22 -11.17
C15 K79 Q . 0.36 15.55 -15.59
C22 K79 Q . -0.53 16.02 -14.61
C24 K79 Q . -1.13 17.84 -15.99
C26 K79 Q . -0.69 13.35 -11.07
C1 K79 Q . 2.25 12.42 -15.95
C2 K79 Q . 1.50 13.53 -16.28
N4 K79 Q . 1.39 14.19 -14.06
O7 K79 Q . 3.25 11.21 -14.24
N9 K79 Q . 1.67 13.66 -11.14
N10 K79 Q . 2.37 13.39 -9.95
C11 K79 Q . 3.50 12.79 -10.27
C12 K79 Q . 3.55 12.61 -11.66
C14 K79 Q . 0.83 19.24 -18.11
C16 K79 Q . 0.52 16.25 -16.78
O17 K79 Q . -0.09 18.13 -18.11
C18 K79 Q . -0.24 17.40 -16.96
F19 K79 Q . 2.06 18.89 -17.58
F20 K79 Q . 1.12 19.63 -19.42
F21 K79 Q . 0.37 20.29 -17.33
C23 K79 Q . -1.28 17.15 -14.80
C25 K79 Q . 0.16 15.59 -11.25
C27 K79 Q . -1.11 16.09 -11.27
F28 K79 Q . 1.19 16.47 -11.35
C29 K79 Q . -1.97 13.84 -11.08
C30 K79 Q . -2.16 15.21 -11.19
F31 K79 Q . -3.38 15.72 -11.19
ZN ZN R . -5.67 -19.44 6.13
MG MG S . -2.69 -17.90 7.96
PR PR T . -6.17 -23.46 36.98
PR PR U . -19.01 -7.09 32.33
PR PR V . -21.33 -3.46 31.53
N3 K79 W . 1.61 -21.33 -1.91
C5 K79 W . -0.61 -21.92 -2.21
C6 K79 W . -0.44 -22.03 -3.68
C8 K79 W . -1.87 -22.19 -1.54
C13 K79 W . -1.73 -20.65 0.40
C15 K79 W . 2.58 -20.99 -0.95
C22 K79 W . 2.23 -20.21 0.16
C24 K79 W . 4.44 -20.39 1.07
C26 K79 W . -2.00 -19.35 -0.01
C1 K79 W . 0.88 -21.76 -4.15
C2 K79 W . 1.87 -21.42 -3.25
N4 K79 W . 0.42 -21.60 -1.44
O7 K79 W . -1.38 -22.36 -4.44
N9 K79 W . -2.30 -21.65 -0.38
N10 K79 W . -3.58 -22.16 -0.08
C11 K79 W . -3.91 -23.02 -1.01
C12 K79 W . -2.86 -23.05 -1.95
C14 K79 W . 6.39 -22.99 0.38
C16 K79 W . 3.88 -21.49 -1.04
O17 K79 W . 6.07 -21.67 -0.12
C18 K79 W . 4.80 -21.18 -0.03
F19 K79 W . 5.51 -23.91 -0.18
F20 K79 W . 7.63 -23.43 -0.04
F21 K79 W . 6.40 -22.96 1.78
C23 K79 W . 3.14 -19.90 1.15
C25 K79 W . -1.03 -20.89 1.58
C27 K79 W . -0.55 -19.85 2.34
F28 K79 W . -0.78 -22.15 1.96
C29 K79 W . -1.51 -18.32 0.75
C30 K79 W . -0.80 -18.59 1.91
F31 K79 W . -0.33 -17.57 2.65
ZN ZN X . 43.53 8.19 8.54
MG MG Y . 45.61 8.09 5.20
N3 K79 Z . 38.93 17.15 4.13
C5 K79 Z . 38.37 16.54 6.27
C6 K79 Z . 37.83 17.89 6.54
C8 K79 Z . 38.33 15.47 7.27
C13 K79 Z . 40.40 14.26 6.67
C15 K79 Z . 39.51 16.69 2.89
C22 K79 Z . 40.63 15.83 2.90
C24 K79 Z . 40.64 15.75 0.50
C26 K79 Z . 41.55 14.92 7.12
C1 K79 Z . 37.92 18.84 5.47
C2 K79 Z . 38.47 18.44 4.27
N4 K79 Z . 38.89 16.27 5.09
O7 K79 Z . 37.37 18.15 7.67
N9 K79 Z . 39.21 14.45 7.40
N10 K79 Z . 38.82 13.65 8.48
C11 K79 Z . 37.71 14.15 8.97
C12 K79 Z . 37.37 15.29 8.24
C14 K79 Z . 37.91 16.15 -1.36
C16 K79 Z . 38.95 17.05 1.69
O17 K79 Z . 38.92 16.97 -0.69
C18 K79 Z . 39.50 16.58 0.48
F19 K79 Z . 36.86 15.94 -0.45
F20 K79 Z . 37.42 16.79 -2.53
F21 K79 Z . 38.45 14.90 -1.70
C23 K79 Z . 41.20 15.36 1.72
C25 K79 Z . 40.46 13.41 5.58
C27 K79 Z . 41.64 13.20 4.89
F28 K79 Z . 39.35 12.78 5.15
C29 K79 Z . 42.75 14.72 6.46
C30 K79 Z . 42.78 13.86 5.34
F31 K79 Z . 43.93 13.68 4.67
#